data_6IZQ
#
_entry.id   6IZQ
#
_cell.length_a   74.788
_cell.length_b   98.926
_cell.length_c   206.792
_cell.angle_alpha   90.00
_cell.angle_beta   90.00
_cell.angle_gamma   90.00
#
_symmetry.space_group_name_H-M   'P 21 21 2'
#
loop_
_entity.id
_entity.type
_entity.pdbx_description
1 polymer 'Histone-arginine methyltransferase CARM1'
2 non-polymer (2R)-1-(methylamino)-3-(1,3,4,5-tetrahydro-2-benzazepin-2-yl)propan-2-ol
3 water water
#
_entity_poly.entity_id   1
_entity_poly.type   'polypeptide(L)'
_entity_poly.pdbx_seq_one_letter_code
;SAVQYFQFYGYLSQQQNMMQDYVRTGTYQRAILQNHTDFKDKIVLDVGCGSGILSFFAAQAGARKIYAVEASTMAQHAEV
LVKSNNLTDRIVVIPGKVEEVSLPEQVDIIISEPMGYMLFNERMLESYLHAKKYLKPSGNMFPTIGDVHLAPFTDEQLYM
EQFTKANFWYQPSFHGVDLSALRGAAVDEYFRQPVVDTFDIRILMAKSVKYTVNFLEAKEGDLHRIEIPFKFHMLHSGLV
HGLAFWFDVAFIGSIMTVWLSTAPTEPLTHWYQVRCLFQSPLFAKAGDTLSGTCLLIANKRQSYDISIVAQVDQTGSKSS
NLLDLKNPFFRYT
;
_entity_poly.pdbx_strand_id   A,B,C,D
#
loop_
_chem_comp.id
_chem_comp.type
_chem_comp.name
_chem_comp.formula
XJ2 non-polymer (2R)-1-(methylamino)-3-(1,3,4,5-tetrahydro-2-benzazepin-2-yl)propan-2-ol 'C14 H22 N2 O'
#
# COMPACT_ATOMS: atom_id res chain seq x y z
N SER A 1 -6.35 35.20 -11.49
CA SER A 1 -6.99 34.13 -12.28
C SER A 1 -5.97 33.26 -13.00
N ALA A 2 -4.99 33.90 -13.65
CA ALA A 2 -3.86 33.14 -14.17
C ALA A 2 -3.04 32.54 -13.03
N VAL A 3 -3.08 33.16 -11.85
CA VAL A 3 -2.41 32.61 -10.67
C VAL A 3 -2.99 31.24 -10.32
N GLN A 4 -4.32 31.18 -10.21
CA GLN A 4 -4.99 29.90 -9.97
C GLN A 4 -4.63 28.88 -11.04
N TYR A 5 -4.52 29.32 -12.29
CA TYR A 5 -4.32 28.39 -13.39
C TYR A 5 -2.99 27.66 -13.28
N PHE A 6 -1.94 28.37 -12.88
CA PHE A 6 -0.64 27.71 -12.79
C PHE A 6 -0.48 26.92 -11.50
N GLN A 7 -1.11 27.38 -10.41
CA GLN A 7 -1.09 26.59 -9.18
C GLN A 7 -1.67 25.20 -9.41
N PHE A 8 -2.74 25.10 -10.19
CA PHE A 8 -3.31 23.79 -10.53
C PHE A 8 -2.27 22.87 -11.16
N TYR A 9 -1.41 23.42 -12.02
CA TYR A 9 -0.46 22.55 -12.68
C TYR A 9 0.78 22.24 -11.84
N GLY A 10 0.89 22.79 -10.63
CA GLY A 10 1.93 22.42 -9.71
C GLY A 10 1.68 21.16 -8.88
N TYR A 11 0.56 20.48 -9.06
CA TYR A 11 0.25 19.28 -8.31
C TYR A 11 0.64 18.04 -9.09
N LEU A 12 1.47 17.19 -8.47
CA LEU A 12 1.84 15.91 -9.07
C LEU A 12 0.61 15.05 -9.36
N SER A 13 -0.45 15.17 -8.55
CA SER A 13 -1.67 14.42 -8.84
C SER A 13 -2.27 14.83 -10.17
N GLN A 14 -2.13 16.10 -10.54
CA GLN A 14 -2.65 16.50 -11.83
C GLN A 14 -1.76 16.00 -12.95
N GLN A 15 -0.44 16.06 -12.74
CA GLN A 15 0.48 15.46 -13.70
C GLN A 15 0.22 13.98 -13.85
N GLN A 16 -0.04 13.31 -12.72
CA GLN A 16 -0.32 11.89 -12.76
C GLN A 16 -1.60 11.60 -13.52
N ASN A 17 -2.62 12.46 -13.38
CA ASN A 17 -3.85 12.26 -14.13
C ASN A 17 -3.57 12.32 -15.62
N MET A 18 -2.66 13.20 -16.06
CA MET A 18 -2.34 13.29 -17.48
C MET A 18 -1.46 12.12 -17.92
N MET A 19 -0.47 11.73 -17.12
CA MET A 19 0.41 10.64 -17.52
C MET A 19 -0.32 9.31 -17.58
N GLN A 20 -1.35 9.10 -16.75
CA GLN A 20 -2.03 7.83 -16.73
C GLN A 20 -3.05 7.68 -17.85
N ASP A 21 -3.31 8.75 -18.61
CA ASP A 21 -4.05 8.69 -19.86
C ASP A 21 -3.14 8.02 -20.88
N TYR A 22 -3.33 6.72 -21.07
CA TYR A 22 -2.41 5.96 -21.91
C TYR A 22 -2.53 6.35 -23.37
N VAL A 23 -3.73 6.74 -23.82
CA VAL A 23 -3.89 7.23 -25.19
C VAL A 23 -3.02 8.45 -25.40
N ARG A 24 -3.05 9.39 -24.45
CA ARG A 24 -2.27 10.61 -24.57
C ARG A 24 -0.77 10.31 -24.53
N THR A 25 -0.31 9.66 -23.46
CA THR A 25 1.11 9.45 -23.26
C THR A 25 1.70 8.54 -24.34
N GLY A 26 1.02 7.44 -24.63
CA GLY A 26 1.54 6.52 -25.62
C GLY A 26 1.56 7.08 -27.04
N THR A 27 0.61 7.95 -27.38
CA THR A 27 0.62 8.51 -28.72
C THR A 27 1.73 9.53 -28.89
N TYR A 28 1.97 10.35 -27.87
CA TYR A 28 3.07 11.29 -27.95
C TYR A 28 4.41 10.54 -28.08
N GLN A 29 4.59 9.47 -27.30
CA GLN A 29 5.79 8.63 -27.39
C GLN A 29 5.95 8.04 -28.80
N ARG A 30 4.88 7.46 -29.34
CA ARG A 30 4.90 6.97 -30.73
C ARG A 30 5.25 8.10 -31.70
N ALA A 31 4.58 9.26 -31.55
CA ALA A 31 4.82 10.38 -32.46
C ALA A 31 6.29 10.75 -32.50
N ILE A 32 6.94 10.80 -31.33
CA ILE A 32 8.30 11.31 -31.25
C ILE A 32 9.31 10.23 -31.66
N LEU A 33 9.16 9.03 -31.11
CA LEU A 33 10.12 7.97 -31.36
C LEU A 33 10.06 7.47 -32.79
N GLN A 34 8.87 7.31 -33.36
CA GLN A 34 8.79 6.83 -34.75
C GLN A 34 9.10 7.92 -35.76
N ASN A 35 9.34 9.15 -35.32
CA ASN A 35 9.87 10.20 -36.18
C ASN A 35 11.22 10.65 -35.64
N HIS A 36 12.08 9.68 -35.27
CA HIS A 36 13.38 9.96 -34.65
C HIS A 36 14.27 10.85 -35.49
N THR A 37 14.09 10.88 -36.82
CA THR A 37 14.88 11.79 -37.65
C THR A 37 14.44 13.25 -37.49
N ASP A 38 13.24 13.51 -36.99
CA ASP A 38 12.94 14.89 -36.62
C ASP A 38 13.60 15.29 -35.30
N PHE A 39 14.23 14.36 -34.60
CA PHE A 39 14.77 14.65 -33.27
C PHE A 39 16.26 14.34 -33.13
N LYS A 40 16.79 13.39 -33.90
CA LYS A 40 18.17 12.95 -33.76
C LYS A 40 19.14 14.12 -33.93
N ASP A 41 19.74 14.56 -32.82
CA ASP A 41 20.75 15.61 -32.76
C ASP A 41 20.20 17.00 -33.08
N LYS A 42 18.90 17.23 -32.86
CA LYS A 42 18.30 18.54 -33.07
C LYS A 42 18.16 19.31 -31.75
N ILE A 43 17.73 20.57 -31.88
CA ILE A 43 17.37 21.40 -30.74
C ILE A 43 15.83 21.43 -30.62
N VAL A 44 15.33 21.15 -29.41
CA VAL A 44 13.91 21.00 -29.13
C VAL A 44 13.51 22.01 -28.08
N LEU A 45 12.36 22.66 -28.29
CA LEU A 45 11.69 23.47 -27.29
C LEU A 45 10.43 22.73 -26.84
N ASP A 46 10.30 22.52 -25.53
CA ASP A 46 9.16 21.83 -24.92
C ASP A 46 8.34 22.86 -24.13
N VAL A 47 7.24 23.31 -24.73
CA VAL A 47 6.47 24.41 -24.15
C VAL A 47 5.51 23.84 -23.11
N GLY A 48 5.65 24.27 -21.85
CA GLY A 48 4.78 23.79 -20.80
C GLY A 48 5.03 22.33 -20.44
N CYS A 49 6.26 22.03 -20.03
CA CYS A 49 6.72 20.65 -19.92
C CYS A 49 6.13 19.90 -18.73
N GLY A 50 5.54 20.60 -17.77
CA GLY A 50 5.09 19.90 -16.57
C GLY A 50 6.22 19.05 -15.98
N SER A 51 5.95 17.78 -15.76
CA SER A 51 6.95 16.92 -15.16
C SER A 51 8.13 16.66 -16.09
N GLY A 52 7.99 16.94 -17.39
CA GLY A 52 9.09 16.80 -18.34
C GLY A 52 9.00 15.60 -19.25
N ILE A 53 7.92 14.83 -19.18
CA ILE A 53 7.84 13.54 -19.85
C ILE A 53 8.09 13.63 -21.35
N LEU A 54 7.54 14.66 -22.03
CA LEU A 54 7.80 14.80 -23.46
C LEU A 54 9.26 15.13 -23.76
N SER A 55 9.92 15.88 -22.89
CA SER A 55 11.35 16.11 -23.02
C SER A 55 12.15 14.81 -22.92
N PHE A 56 11.73 13.89 -22.05
CA PHE A 56 12.41 12.59 -22.03
C PHE A 56 12.18 11.82 -23.32
N PHE A 57 10.95 11.85 -23.85
CA PHE A 57 10.72 11.21 -25.14
C PHE A 57 11.63 11.79 -26.21
N ALA A 58 11.78 13.12 -26.25
CA ALA A 58 12.68 13.74 -27.22
C ALA A 58 14.13 13.34 -26.99
N ALA A 59 14.53 13.15 -25.73
CA ALA A 59 15.86 12.60 -25.42
C ALA A 59 15.98 11.16 -25.91
N GLN A 60 14.99 10.33 -25.61
CA GLN A 60 14.98 8.96 -26.10
C GLN A 60 15.12 8.90 -27.61
N ALA A 61 14.60 9.89 -28.33
CA ALA A 61 14.69 9.95 -29.78
C ALA A 61 16.01 10.56 -30.29
N GLY A 62 16.93 10.92 -29.41
CA GLY A 62 18.24 11.37 -29.82
C GLY A 62 18.47 12.87 -29.93
N ALA A 63 17.58 13.70 -29.40
CA ALA A 63 17.81 15.15 -29.47
C ALA A 63 19.08 15.53 -28.71
N ARG A 64 19.77 16.56 -29.18
CA ARG A 64 20.99 16.90 -28.48
C ARG A 64 20.79 17.97 -27.42
N LYS A 65 19.72 18.77 -27.53
CA LYS A 65 19.44 19.81 -26.57
C LYS A 65 17.94 20.09 -26.54
N ILE A 66 17.34 20.04 -25.36
CA ILE A 66 15.93 20.32 -25.18
C ILE A 66 15.78 21.39 -24.10
N TYR A 67 15.10 22.46 -24.45
CA TYR A 67 14.73 23.52 -23.52
C TYR A 67 13.31 23.25 -23.06
N ALA A 68 13.15 22.93 -21.78
CA ALA A 68 11.86 22.60 -21.18
C ALA A 68 11.39 23.81 -20.36
N VAL A 69 10.35 24.50 -20.84
CA VAL A 69 9.85 25.74 -20.23
C VAL A 69 8.55 25.43 -19.48
N GLU A 70 8.47 25.90 -18.23
CA GLU A 70 7.35 25.57 -17.35
C GLU A 70 7.18 26.69 -16.33
N ALA A 71 5.94 27.17 -16.23
CA ALA A 71 5.60 28.32 -15.40
C ALA A 71 5.17 27.93 -13.99
N SER A 72 4.56 26.76 -13.83
CA SER A 72 4.15 26.35 -12.51
C SER A 72 5.34 25.87 -11.70
N THR A 73 5.13 25.70 -10.39
CA THR A 73 6.19 25.17 -9.55
C THR A 73 6.50 23.70 -9.85
N MET A 74 5.75 23.08 -10.77
CA MET A 74 6.14 21.79 -11.32
C MET A 74 7.54 21.81 -11.97
N ALA A 75 8.03 22.99 -12.37
CA ALA A 75 9.36 23.05 -12.98
C ALA A 75 10.45 22.57 -12.03
N GLN A 76 10.25 22.76 -10.72
CA GLN A 76 11.25 22.29 -9.77
C GLN A 76 11.28 20.75 -9.73
N HIS A 77 10.12 20.12 -9.79
CA HIS A 77 10.08 18.67 -9.84
C HIS A 77 10.64 18.15 -11.17
N ALA A 78 10.45 18.88 -12.26
CA ALA A 78 11.01 18.46 -13.54
C ALA A 78 12.54 18.46 -13.49
N GLU A 79 13.15 19.44 -12.83
CA GLU A 79 14.60 19.46 -12.77
C GLU A 79 15.13 18.29 -11.93
N VAL A 80 14.41 17.93 -10.86
CA VAL A 80 14.78 16.73 -10.10
C VAL A 80 14.75 15.49 -10.98
N LEU A 81 13.80 15.42 -11.92
CA LEU A 81 13.74 14.24 -12.78
C LEU A 81 14.86 14.25 -13.81
N VAL A 82 15.37 15.42 -14.17
CA VAL A 82 16.49 15.47 -15.12
C VAL A 82 17.79 15.01 -14.45
N LYS A 83 18.05 15.50 -13.23
CA LYS A 83 19.21 15.03 -12.47
C LYS A 83 19.14 13.53 -12.27
N SER A 84 18.09 13.05 -11.62
CA SER A 84 18.01 11.64 -11.30
C SER A 84 18.01 10.74 -12.53
N ASN A 85 17.72 11.28 -13.72
CA ASN A 85 17.78 10.48 -14.94
C ASN A 85 19.08 10.73 -15.70
N ASN A 86 20.03 11.41 -15.09
CA ASN A 86 21.35 11.69 -15.67
C ASN A 86 21.22 12.29 -17.08
N LEU A 87 20.45 13.38 -17.17
CA LEU A 87 20.22 14.06 -18.45
C LEU A 87 20.44 15.56 -18.34
N THR A 88 21.11 16.02 -17.29
CA THR A 88 21.47 17.43 -17.15
C THR A 88 22.24 17.97 -18.36
N ASP A 89 22.93 17.11 -19.11
CA ASP A 89 23.67 17.57 -20.27
C ASP A 89 22.74 17.97 -21.43
N ARG A 90 21.56 17.34 -21.53
CA ARG A 90 20.73 17.55 -22.71
C ARG A 90 19.38 18.22 -22.46
N ILE A 91 18.88 18.26 -21.23
CA ILE A 91 17.60 18.88 -20.92
C ILE A 91 17.84 20.03 -19.97
N VAL A 92 17.45 21.23 -20.38
CA VAL A 92 17.60 22.43 -19.56
C VAL A 92 16.19 22.92 -19.24
N VAL A 93 15.83 22.85 -17.97
CA VAL A 93 14.55 23.35 -17.51
C VAL A 93 14.66 24.85 -17.30
N ILE A 94 13.84 25.62 -18.00
CA ILE A 94 13.78 27.05 -17.86
C ILE A 94 12.45 27.43 -17.19
N PRO A 95 12.48 27.87 -15.93
CA PRO A 95 11.21 28.25 -15.27
C PRO A 95 10.68 29.57 -15.82
N GLY A 96 9.36 29.62 -16.05
CA GLY A 96 8.68 30.84 -16.46
C GLY A 96 7.73 30.63 -17.63
N LYS A 97 7.07 31.72 -18.02
CA LYS A 97 6.21 31.71 -19.19
C LYS A 97 7.05 31.78 -20.46
N VAL A 98 6.59 31.07 -21.50
CA VAL A 98 7.32 31.08 -22.78
C VAL A 98 7.40 32.49 -23.35
N GLU A 99 6.43 33.36 -23.01
CA GLU A 99 6.45 34.74 -23.49
C GLU A 99 7.51 35.58 -22.79
N GLU A 100 7.99 35.15 -21.62
CA GLU A 100 8.92 35.95 -20.83
C GLU A 100 10.35 35.43 -20.83
N VAL A 101 10.54 34.12 -20.86
CA VAL A 101 11.87 33.52 -20.71
C VAL A 101 12.78 33.90 -21.88
N SER A 102 14.07 33.68 -21.72
CA SER A 102 15.04 33.81 -22.81
C SER A 102 15.54 32.43 -23.21
N LEU A 103 15.44 32.13 -24.49
CA LEU A 103 16.13 30.96 -24.99
C LEU A 103 17.53 31.36 -25.47
N PRO A 104 18.53 30.51 -25.24
CA PRO A 104 19.88 30.82 -25.72
C PRO A 104 20.05 30.68 -27.23
N GLU A 105 19.14 29.99 -27.93
CA GLU A 105 19.29 29.77 -29.37
C GLU A 105 17.92 29.45 -29.96
N GLN A 106 17.86 29.42 -31.28
CA GLN A 106 16.71 28.96 -32.04
C GLN A 106 16.64 27.44 -32.04
N VAL A 107 15.44 26.89 -32.20
CA VAL A 107 15.21 25.45 -32.11
C VAL A 107 14.70 24.93 -33.46
N ASP A 108 14.90 23.61 -33.66
CA ASP A 108 14.47 22.88 -34.85
C ASP A 108 13.03 22.39 -34.77
N ILE A 109 12.54 22.08 -33.57
CA ILE A 109 11.22 21.49 -33.38
C ILE A 109 10.65 22.00 -32.05
N ILE A 110 9.36 22.35 -32.04
CA ILE A 110 8.62 22.68 -30.83
C ILE A 110 7.64 21.54 -30.52
N ILE A 111 7.69 21.06 -29.28
CA ILE A 111 6.76 20.06 -28.77
C ILE A 111 5.98 20.66 -27.61
N SER A 112 4.74 20.19 -27.45
CA SER A 112 3.88 20.73 -26.41
C SER A 112 2.62 19.89 -26.36
N GLU A 113 1.86 20.05 -25.27
CA GLU A 113 0.53 19.47 -25.12
C GLU A 113 -0.40 20.61 -24.72
N PRO A 114 -0.80 21.42 -25.67
CA PRO A 114 -1.59 22.62 -25.33
C PRO A 114 -3.08 22.48 -25.61
N MET A 115 -3.59 21.25 -25.70
CA MET A 115 -5.00 21.00 -25.99
C MET A 115 -5.81 21.00 -24.69
N GLY A 116 -6.77 21.91 -24.59
CA GLY A 116 -7.77 21.85 -23.53
C GLY A 116 -9.02 21.13 -24.00
N TYR A 117 -10.06 21.20 -23.16
CA TYR A 117 -11.39 20.83 -23.62
C TYR A 117 -11.72 21.58 -24.91
N MET A 118 -12.37 20.89 -25.83
CA MET A 118 -12.74 21.52 -27.11
C MET A 118 -11.51 22.08 -27.82
N LEU A 119 -10.33 21.51 -27.55
CA LEU A 119 -9.04 21.93 -28.09
C LEU A 119 -8.53 23.23 -27.48
N PHE A 120 -9.36 24.29 -27.57
CA PHE A 120 -8.96 25.66 -27.31
C PHE A 120 -9.01 26.07 -25.85
N ASN A 121 -9.68 25.30 -24.98
CA ASN A 121 -9.80 25.73 -23.60
C ASN A 121 -8.44 25.81 -22.92
N GLU A 122 -8.28 26.83 -22.07
CA GLU A 122 -7.10 27.23 -21.31
C GLU A 122 -6.19 28.15 -22.10
N ARG A 123 -6.42 28.31 -23.42
CA ARG A 123 -5.70 29.25 -24.26
C ARG A 123 -4.19 28.97 -24.32
N MET A 124 -3.80 27.72 -24.12
CA MET A 124 -2.40 27.34 -24.17
C MET A 124 -1.86 27.37 -25.60
N LEU A 125 -2.73 27.16 -26.59
CA LEU A 125 -2.30 27.25 -27.97
C LEU A 125 -1.66 28.61 -28.27
N GLU A 126 -2.07 29.66 -27.57
CA GLU A 126 -1.45 30.95 -27.82
C GLU A 126 0.02 30.94 -27.41
N SER A 127 0.33 30.34 -26.26
CA SER A 127 1.73 30.20 -25.86
C SER A 127 2.49 29.35 -26.86
N TYR A 128 1.88 28.25 -27.30
CA TYR A 128 2.45 27.38 -28.32
C TYR A 128 2.85 28.14 -29.58
N LEU A 129 1.91 28.92 -30.13
CA LEU A 129 2.16 29.68 -31.36
C LEU A 129 3.17 30.79 -31.11
N HIS A 130 3.06 31.45 -29.95
CA HIS A 130 4.01 32.48 -29.55
C HIS A 130 5.43 31.92 -29.54
N ALA A 131 5.62 30.67 -29.13
CA ALA A 131 6.96 30.08 -29.10
C ALA A 131 7.59 29.99 -30.47
N LYS A 132 6.80 30.14 -31.56
CA LYS A 132 7.35 30.07 -32.91
C LYS A 132 8.38 31.17 -33.18
N LYS A 133 8.42 32.21 -32.34
CA LYS A 133 9.51 33.19 -32.44
C LYS A 133 10.88 32.54 -32.23
N TYR A 134 10.95 31.35 -31.64
CA TYR A 134 12.20 30.61 -31.48
C TYR A 134 12.39 29.51 -32.52
N LEU A 135 11.41 29.29 -33.38
CA LEU A 135 11.53 28.22 -34.37
C LEU A 135 12.36 28.69 -35.56
N LYS A 136 13.36 27.88 -35.93
CA LYS A 136 14.11 28.14 -37.15
C LYS A 136 13.19 28.05 -38.36
N PRO A 137 13.54 28.72 -39.46
CA PRO A 137 12.78 28.50 -40.69
C PRO A 137 12.83 27.02 -41.05
N SER A 138 11.70 26.50 -41.53
CA SER A 138 11.54 25.07 -41.78
C SER A 138 11.68 24.24 -40.50
N GLY A 139 11.51 24.86 -39.33
CA GLY A 139 11.28 24.09 -38.13
C GLY A 139 9.94 23.38 -38.15
N ASN A 140 9.78 22.39 -37.28
CA ASN A 140 8.52 21.68 -37.22
C ASN A 140 7.78 21.94 -35.89
N MET A 141 6.47 21.62 -35.88
CA MET A 141 5.62 21.70 -34.68
C MET A 141 5.02 20.33 -34.41
N PHE A 142 5.10 19.90 -33.16
CA PHE A 142 4.54 18.62 -32.69
C PHE A 142 3.68 18.88 -31.45
N PRO A 143 2.36 18.96 -31.59
CA PRO A 143 1.56 18.64 -32.79
C PRO A 143 1.56 19.72 -33.89
N THR A 144 1.30 19.27 -35.12
CA THR A 144 1.41 20.11 -36.31
C THR A 144 0.10 20.79 -36.67
N ILE A 145 -1.02 20.06 -36.58
CA ILE A 145 -2.32 20.62 -36.89
C ILE A 145 -3.33 20.14 -35.85
N GLY A 146 -4.42 20.91 -35.69
CA GLY A 146 -5.55 20.52 -34.87
C GLY A 146 -6.87 20.62 -35.62
N ASP A 147 -7.72 19.59 -35.50
CA ASP A 147 -9.05 19.56 -36.09
C ASP A 147 -10.09 19.54 -34.98
N VAL A 148 -10.91 20.58 -34.92
CA VAL A 148 -12.14 20.57 -34.12
C VAL A 148 -13.26 19.98 -34.98
N HIS A 149 -14.00 19.04 -34.41
CA HIS A 149 -15.22 18.55 -35.03
C HIS A 149 -16.46 19.02 -34.27
N LEU A 150 -17.49 19.39 -35.03
CA LEU A 150 -18.81 19.75 -34.53
C LEU A 150 -19.84 18.81 -35.11
N ALA A 151 -20.83 18.39 -34.31
CA ALA A 151 -21.90 17.58 -34.88
C ALA A 151 -23.19 17.80 -34.11
N PRO A 152 -24.34 17.82 -34.77
CA PRO A 152 -25.61 17.90 -34.04
C PRO A 152 -25.93 16.57 -33.36
N PHE A 153 -26.55 16.65 -32.19
CA PHE A 153 -26.93 15.48 -31.42
C PHE A 153 -28.35 15.61 -30.90
N THR A 154 -28.95 14.45 -30.61
CA THR A 154 -30.21 14.41 -29.90
C THR A 154 -29.96 13.69 -28.59
N ASP A 155 -30.47 14.26 -27.50
CA ASP A 155 -30.32 13.69 -26.15
C ASP A 155 -31.39 14.35 -25.28
N GLU A 156 -32.59 13.80 -25.31
CA GLU A 156 -33.71 14.39 -24.59
C GLU A 156 -33.46 14.36 -23.08
N GLN A 157 -32.77 13.34 -22.58
CA GLN A 157 -32.56 13.22 -21.15
C GLN A 157 -31.54 14.26 -20.65
N LEU A 158 -30.48 14.52 -21.43
CA LEU A 158 -29.59 15.61 -21.06
C LEU A 158 -30.32 16.95 -21.06
N TYR A 159 -31.19 17.20 -22.05
CA TYR A 159 -31.90 18.47 -22.08
C TYR A 159 -32.83 18.61 -20.88
N MET A 160 -33.57 17.55 -20.55
CA MET A 160 -34.62 17.63 -19.54
C MET A 160 -34.01 17.84 -18.16
N GLU A 161 -32.89 17.18 -17.89
CA GLU A 161 -32.19 17.29 -16.61
C GLU A 161 -31.85 18.75 -16.25
N GLN A 162 -31.61 19.61 -17.24
CA GLN A 162 -31.41 21.03 -16.95
C GLN A 162 -32.63 21.63 -16.26
N PHE A 163 -33.84 21.28 -16.70
CA PHE A 163 -35.02 21.88 -16.10
C PHE A 163 -35.38 21.23 -14.78
N THR A 164 -35.23 19.92 -14.70
CA THR A 164 -35.32 19.26 -13.41
C THR A 164 -34.48 19.97 -12.36
N LYS A 165 -33.25 20.36 -12.73
CA LYS A 165 -32.38 21.02 -11.76
C LYS A 165 -32.90 22.42 -11.43
N ALA A 166 -33.22 23.23 -12.44
CA ALA A 166 -33.62 24.58 -12.14
C ALA A 166 -35.01 24.67 -11.50
N ASN A 167 -35.84 23.62 -11.62
CA ASN A 167 -37.18 23.74 -11.08
C ASN A 167 -37.20 23.64 -9.57
N PHE A 168 -36.08 23.30 -8.94
CA PHE A 168 -35.91 23.57 -7.52
C PHE A 168 -36.36 24.99 -7.18
N TRP A 169 -36.07 25.96 -8.06
CA TRP A 169 -36.46 27.33 -7.73
C TRP A 169 -37.94 27.60 -8.01
N TYR A 170 -38.68 26.68 -8.65
CA TYR A 170 -40.10 26.91 -8.91
C TYR A 170 -40.96 26.27 -7.81
N GLN A 171 -40.96 26.92 -6.67
CA GLN A 171 -41.53 26.52 -5.40
C GLN A 171 -42.05 27.79 -4.74
N PRO A 172 -43.36 27.93 -4.54
CA PRO A 172 -43.88 29.13 -3.90
C PRO A 172 -43.63 29.21 -2.40
N SER A 173 -43.17 28.13 -1.78
CA SER A 173 -42.99 28.13 -0.33
C SER A 173 -41.93 27.11 0.08
N PHE A 174 -40.69 27.36 -0.30
CA PHE A 174 -39.53 26.65 0.20
C PHE A 174 -39.22 27.19 1.59
N HIS A 175 -39.54 26.39 2.63
CA HIS A 175 -39.45 26.86 4.01
C HIS A 175 -40.19 28.19 4.18
N GLY A 176 -41.27 28.37 3.44
CA GLY A 176 -42.05 29.59 3.52
C GLY A 176 -41.59 30.72 2.63
N VAL A 177 -40.63 30.50 1.75
CA VAL A 177 -40.09 31.56 0.90
C VAL A 177 -40.43 31.21 -0.54
N ASP A 178 -40.91 32.20 -1.29
CA ASP A 178 -41.26 31.97 -2.68
C ASP A 178 -40.01 32.18 -3.52
N LEU A 179 -39.51 31.10 -4.09
CA LEU A 179 -38.28 31.17 -4.86
C LEU A 179 -38.50 31.37 -6.35
N SER A 180 -39.75 31.32 -6.82
CA SER A 180 -40.01 31.09 -8.24
C SER A 180 -39.46 32.20 -9.13
N ALA A 181 -39.37 33.43 -8.62
CA ALA A 181 -38.79 34.52 -9.42
C ALA A 181 -37.36 34.27 -9.87
N LEU A 182 -36.65 33.29 -9.31
CA LEU A 182 -35.29 33.02 -9.75
C LEU A 182 -35.21 31.83 -10.70
N ARG A 183 -36.35 31.21 -11.07
CA ARG A 183 -36.36 30.05 -11.97
C ARG A 183 -35.62 30.34 -13.28
N GLY A 184 -35.97 31.46 -13.93
CA GLY A 184 -35.38 31.77 -15.22
C GLY A 184 -33.88 32.00 -15.14
N ALA A 185 -33.43 32.75 -14.15
CA ALA A 185 -31.99 32.92 -13.96
C ALA A 185 -31.30 31.58 -13.74
N ALA A 186 -31.89 30.69 -12.95
CA ALA A 186 -31.27 29.39 -12.73
C ALA A 186 -31.22 28.56 -14.02
N VAL A 187 -32.30 28.57 -14.80
CA VAL A 187 -32.29 27.91 -16.10
C VAL A 187 -31.17 28.48 -16.96
N ASP A 188 -31.13 29.81 -17.06
CA ASP A 188 -30.09 30.49 -17.80
C ASP A 188 -28.71 30.02 -17.37
N GLU A 189 -28.49 29.91 -16.06
CA GLU A 189 -27.15 29.57 -15.60
C GLU A 189 -26.78 28.14 -16.01
N TYR A 190 -27.72 27.19 -15.92
CA TYR A 190 -27.38 25.80 -16.25
C TYR A 190 -27.08 25.63 -17.74
N PHE A 191 -27.88 26.26 -18.60
CA PHE A 191 -27.66 26.16 -20.04
C PHE A 191 -26.37 26.84 -20.51
N ARG A 192 -25.79 27.76 -19.74
CA ARG A 192 -24.50 28.33 -20.15
C ARG A 192 -23.33 27.40 -19.88
N GLN A 193 -23.56 26.21 -19.35
CA GLN A 193 -22.47 25.32 -18.99
C GLN A 193 -22.23 24.32 -20.11
N PRO A 194 -21.07 24.27 -20.74
CA PRO A 194 -20.78 23.13 -21.60
C PRO A 194 -20.72 21.87 -20.75
N VAL A 195 -21.24 20.77 -21.31
CA VAL A 195 -21.31 19.49 -20.61
C VAL A 195 -20.12 18.65 -21.05
N VAL A 196 -19.28 18.29 -20.08
CA VAL A 196 -18.16 17.39 -20.33
C VAL A 196 -18.55 15.99 -19.93
N ASP A 197 -18.41 15.05 -20.86
CA ASP A 197 -19.01 13.73 -20.73
C ASP A 197 -18.63 12.98 -22.01
N THR A 198 -18.81 11.67 -22.00
CA THR A 198 -18.79 10.96 -23.27
C THR A 198 -20.22 10.48 -23.55
N PHE A 199 -20.40 9.85 -24.70
CA PHE A 199 -21.75 9.52 -25.12
C PHE A 199 -21.68 8.48 -26.23
N ASP A 200 -22.82 7.85 -26.48
CA ASP A 200 -22.97 6.90 -27.58
C ASP A 200 -23.03 7.65 -28.90
N ILE A 201 -22.26 7.20 -29.89
CA ILE A 201 -22.25 7.87 -31.19
C ILE A 201 -23.60 7.85 -31.88
N ARG A 202 -24.53 7.00 -31.45
CA ARG A 202 -25.84 6.98 -32.08
C ARG A 202 -26.67 8.22 -31.76
N ILE A 203 -26.27 9.06 -30.81
CA ILE A 203 -26.95 10.33 -30.61
C ILE A 203 -26.62 11.35 -31.70
N LEU A 204 -25.57 11.10 -32.49
CA LEU A 204 -25.22 12.05 -33.54
C LEU A 204 -26.16 11.91 -34.73
N MET A 205 -26.56 13.04 -35.28
CA MET A 205 -27.61 13.11 -36.28
C MET A 205 -27.12 13.53 -37.66
N ALA A 206 -25.83 13.85 -37.81
CA ALA A 206 -25.26 14.23 -39.09
C ALA A 206 -23.74 14.05 -38.99
N LYS A 207 -23.10 13.99 -40.15
CA LYS A 207 -21.65 13.87 -40.17
C LYS A 207 -21.05 15.17 -39.68
N SER A 208 -19.93 15.06 -38.96
CA SER A 208 -19.34 16.22 -38.32
C SER A 208 -18.75 17.19 -39.33
N VAL A 209 -18.75 18.49 -38.97
CA VAL A 209 -17.97 19.51 -39.66
C VAL A 209 -16.60 19.61 -38.98
N LYS A 210 -15.58 19.90 -39.78
CA LYS A 210 -14.20 19.96 -39.33
C LYS A 210 -13.68 21.36 -39.55
N TYR A 211 -13.03 21.91 -38.53
CA TYR A 211 -12.33 23.19 -38.62
C TYR A 211 -10.89 22.95 -38.23
N THR A 212 -9.96 23.35 -39.09
CA THR A 212 -8.56 23.00 -38.97
C THR A 212 -7.73 24.22 -38.62
N VAL A 213 -6.86 24.08 -37.64
CA VAL A 213 -5.85 25.07 -37.33
C VAL A 213 -4.50 24.45 -37.70
N ASN A 214 -3.79 25.10 -38.61
CA ASN A 214 -2.45 24.66 -38.97
C ASN A 214 -1.47 25.41 -38.08
N PHE A 215 -0.84 24.70 -37.14
CA PHE A 215 -0.01 25.41 -36.17
C PHE A 215 1.26 25.93 -36.82
N LEU A 216 1.72 25.30 -37.90
CA LEU A 216 2.84 25.87 -38.65
C LEU A 216 2.49 27.24 -39.23
N GLU A 217 1.22 27.49 -39.60
CA GLU A 217 0.88 28.75 -40.25
C GLU A 217 0.15 29.76 -39.35
N ALA A 218 -0.54 29.31 -38.32
CA ALA A 218 -1.36 30.21 -37.53
C ALA A 218 -0.51 31.17 -36.72
N LYS A 219 -1.04 32.38 -36.53
CA LYS A 219 -0.48 33.36 -35.61
C LYS A 219 -1.31 33.38 -34.33
N GLU A 220 -0.72 33.96 -33.29
CA GLU A 220 -1.33 33.91 -31.97
C GLU A 220 -2.68 34.64 -31.95
N GLY A 221 -2.77 35.78 -32.63
CA GLY A 221 -4.01 36.51 -32.68
C GLY A 221 -5.13 35.83 -33.43
N ASP A 222 -4.80 34.81 -34.25
CA ASP A 222 -5.82 34.01 -34.93
C ASP A 222 -6.71 33.22 -33.96
N LEU A 223 -6.31 33.07 -32.70
CA LEU A 223 -7.09 32.31 -31.73
C LEU A 223 -7.92 33.19 -30.80
N HIS A 224 -7.82 34.51 -30.91
CA HIS A 224 -8.69 35.36 -30.09
C HIS A 224 -10.13 35.23 -30.50
N ARG A 225 -10.39 34.88 -31.77
CA ARG A 225 -11.74 34.87 -32.29
C ARG A 225 -11.83 33.80 -33.37
N ILE A 226 -12.68 32.80 -33.18
CA ILE A 226 -12.69 31.64 -34.05
C ILE A 226 -14.11 31.41 -34.53
N GLU A 227 -14.35 31.67 -35.81
CA GLU A 227 -15.67 31.61 -36.40
C GLU A 227 -15.78 30.31 -37.19
N ILE A 228 -16.72 29.46 -36.80
CA ILE A 228 -16.87 28.16 -37.45
C ILE A 228 -18.27 28.06 -38.05
N PRO A 229 -18.45 28.47 -39.31
CA PRO A 229 -19.74 28.20 -39.98
C PRO A 229 -19.95 26.70 -40.11
N PHE A 230 -21.21 26.30 -40.14
CA PHE A 230 -21.47 24.89 -40.39
C PHE A 230 -22.73 24.75 -41.22
N LYS A 231 -22.75 23.69 -42.01
CA LYS A 231 -23.95 23.29 -42.72
C LYS A 231 -24.03 21.77 -42.56
N PHE A 232 -24.97 21.31 -41.76
CA PHE A 232 -25.12 19.88 -41.55
C PHE A 232 -26.22 19.34 -42.45
N HIS A 233 -25.96 18.19 -43.04
CA HIS A 233 -26.96 17.47 -43.81
C HIS A 233 -27.47 16.33 -42.92
N MET A 234 -28.70 16.46 -42.44
CA MET A 234 -29.21 15.59 -41.37
C MET A 234 -29.38 14.16 -41.86
N LEU A 235 -28.74 13.22 -41.18
CA LEU A 235 -28.89 11.81 -41.52
C LEU A 235 -30.02 11.13 -40.76
N HIS A 236 -30.53 11.76 -39.70
CA HIS A 236 -31.63 11.18 -38.94
C HIS A 236 -32.62 12.28 -38.61
N SER A 237 -33.87 11.87 -38.45
CA SER A 237 -34.95 12.78 -38.10
C SER A 237 -35.09 12.84 -36.58
N GLY A 238 -35.23 14.03 -36.04
CA GLY A 238 -35.50 14.14 -34.61
C GLY A 238 -35.33 15.56 -34.12
N LEU A 239 -35.27 15.70 -32.80
CA LEU A 239 -35.01 16.97 -32.18
C LEU A 239 -33.51 17.11 -31.96
N VAL A 240 -32.91 18.16 -32.49
CA VAL A 240 -31.53 18.53 -32.20
C VAL A 240 -31.50 19.32 -30.90
N HIS A 241 -30.80 18.78 -29.90
CA HIS A 241 -30.69 19.49 -28.63
C HIS A 241 -29.42 20.32 -28.52
N GLY A 242 -28.46 20.13 -29.41
CA GLY A 242 -27.29 21.00 -29.43
C GLY A 242 -26.17 20.44 -30.29
N LEU A 243 -24.97 20.96 -30.04
CA LEU A 243 -23.78 20.56 -30.78
C LEU A 243 -22.80 19.84 -29.86
N ALA A 244 -22.20 18.77 -30.38
CA ALA A 244 -21.15 18.02 -29.72
C ALA A 244 -19.81 18.34 -30.36
N PHE A 245 -18.77 18.42 -29.54
CA PHE A 245 -17.45 18.85 -29.99
C PHE A 245 -16.41 17.85 -29.52
N TRP A 246 -15.46 17.58 -30.40
CA TRP A 246 -14.26 16.82 -30.05
C TRP A 246 -13.12 17.27 -30.97
N PHE A 247 -11.92 16.76 -30.71
CA PHE A 247 -10.81 17.19 -31.56
C PHE A 247 -9.82 16.06 -31.84
N ASP A 248 -9.05 16.29 -32.89
CA ASP A 248 -7.89 15.49 -33.24
C ASP A 248 -6.71 16.41 -33.42
N VAL A 249 -5.50 15.91 -33.15
CA VAL A 249 -4.28 16.57 -33.56
C VAL A 249 -3.40 15.57 -34.28
N ALA A 250 -2.63 16.07 -35.24
CA ALA A 250 -1.71 15.25 -36.00
C ALA A 250 -0.28 15.72 -35.77
N PHE A 251 0.63 14.75 -35.64
CA PHE A 251 2.06 14.99 -35.61
C PHE A 251 2.59 14.56 -36.98
N ILE A 252 2.89 15.54 -37.82
CA ILE A 252 3.25 15.29 -39.21
C ILE A 252 4.78 15.27 -39.26
N GLY A 253 5.36 14.07 -39.09
CA GLY A 253 6.80 13.90 -39.07
C GLY A 253 7.37 13.59 -40.43
N SER A 254 8.70 13.49 -40.48
CA SER A 254 9.37 13.15 -41.74
C SER A 254 9.10 11.71 -42.13
N ILE A 255 9.04 10.81 -41.15
CA ILE A 255 8.76 9.42 -41.44
C ILE A 255 7.26 9.14 -41.50
N MET A 256 6.45 9.73 -40.63
CA MET A 256 5.04 9.35 -40.60
C MET A 256 4.21 10.34 -39.79
N THR A 257 2.92 10.38 -40.12
CA THR A 257 1.94 11.16 -39.39
C THR A 257 1.32 10.25 -38.34
N VAL A 258 1.38 10.68 -37.07
CA VAL A 258 0.68 10.00 -35.99
C VAL A 258 -0.48 10.89 -35.55
N TRP A 259 -1.64 10.27 -35.35
CA TRP A 259 -2.88 10.95 -34.98
C TRP A 259 -3.21 10.67 -33.52
N LEU A 260 -3.64 11.73 -32.81
CA LEU A 260 -4.23 11.63 -31.47
C LEU A 260 -5.67 12.13 -31.55
N SER A 261 -6.63 11.23 -31.43
CA SER A 261 -8.05 11.58 -31.57
C SER A 261 -8.76 11.50 -30.23
N THR A 262 -9.68 12.44 -29.98
CA THR A 262 -10.59 12.34 -28.84
C THR A 262 -12.03 12.09 -29.28
N ALA A 263 -12.21 11.55 -30.50
CA ALA A 263 -13.54 11.31 -31.05
C ALA A 263 -14.32 10.27 -30.24
N PRO A 264 -15.66 10.36 -30.23
CA PRO A 264 -16.49 9.37 -29.50
C PRO A 264 -16.43 7.96 -30.06
N THR A 265 -15.90 7.78 -31.28
CA THR A 265 -15.61 6.47 -31.85
C THR A 265 -14.28 5.88 -31.35
N GLU A 266 -13.49 6.64 -30.62
CA GLU A 266 -12.15 6.27 -30.21
C GLU A 266 -12.15 6.00 -28.71
N PRO A 267 -11.12 5.35 -28.17
CA PRO A 267 -11.08 5.11 -26.72
C PRO A 267 -11.02 6.42 -25.93
N LEU A 268 -11.69 6.41 -24.79
CA LEU A 268 -11.84 7.61 -23.97
C LEU A 268 -10.49 8.14 -23.51
N THR A 269 -10.39 9.47 -23.44
CA THR A 269 -9.23 10.16 -22.89
C THR A 269 -9.72 11.12 -21.82
N HIS A 270 -8.80 11.68 -21.07
CA HIS A 270 -9.21 12.63 -20.04
C HIS A 270 -9.79 13.92 -20.62
N TRP A 271 -9.86 14.09 -21.94
CA TRP A 271 -10.57 15.20 -22.57
C TRP A 271 -12.04 14.91 -22.83
N TYR A 272 -12.45 13.64 -22.75
CA TYR A 272 -13.82 13.24 -23.04
C TYR A 272 -14.28 13.90 -24.32
N GLN A 273 -15.53 14.36 -24.33
CA GLN A 273 -16.08 15.19 -25.40
C GLN A 273 -16.86 16.32 -24.73
N VAL A 274 -17.29 17.30 -25.51
CA VAL A 274 -18.04 18.44 -24.97
C VAL A 274 -19.34 18.63 -25.73
N ARG A 275 -20.42 18.88 -25.00
CA ARG A 275 -21.69 19.20 -25.64
C ARG A 275 -22.20 20.53 -25.13
N CYS A 276 -22.78 21.30 -26.06
CA CYS A 276 -23.45 22.57 -25.77
C CYS A 276 -24.90 22.44 -26.22
N LEU A 277 -25.82 22.66 -25.28
CA LEU A 277 -27.24 22.64 -25.58
C LEU A 277 -27.69 23.91 -26.28
N PHE A 278 -28.76 23.76 -27.06
CA PHE A 278 -29.52 24.92 -27.53
C PHE A 278 -30.55 25.32 -26.49
N GLN A 279 -30.91 26.61 -26.49
CA GLN A 279 -31.96 27.06 -25.60
C GLN A 279 -33.25 26.29 -25.87
N SER A 280 -33.58 26.09 -27.14
CA SER A 280 -34.73 25.35 -27.56
C SER A 280 -34.32 24.33 -28.62
N PRO A 281 -34.83 23.12 -28.52
CA PRO A 281 -34.51 22.09 -29.52
C PRO A 281 -35.08 22.46 -30.88
N LEU A 282 -34.58 21.78 -31.91
CA LEU A 282 -34.95 22.04 -33.30
C LEU A 282 -35.29 20.73 -33.99
N PHE A 283 -36.43 20.68 -34.67
CA PHE A 283 -36.80 19.47 -35.39
C PHE A 283 -36.20 19.50 -36.78
N ALA A 284 -35.64 18.38 -37.21
CA ALA A 284 -35.06 18.26 -38.53
C ALA A 284 -35.37 16.88 -39.08
N LYS A 285 -35.94 16.79 -40.28
CA LYS A 285 -36.10 15.51 -40.94
C LYS A 285 -34.79 15.12 -41.58
N ALA A 286 -34.56 13.80 -41.65
CA ALA A 286 -33.45 13.31 -42.45
C ALA A 286 -33.53 13.94 -43.83
N GLY A 287 -32.45 14.61 -44.23
CA GLY A 287 -32.39 15.32 -45.49
C GLY A 287 -32.47 16.83 -45.37
N ASP A 288 -33.00 17.35 -44.26
CA ASP A 288 -32.94 18.78 -43.99
C ASP A 288 -31.50 19.24 -43.78
N THR A 289 -31.30 20.55 -43.79
CA THR A 289 -29.99 21.12 -43.59
C THR A 289 -30.07 22.02 -42.37
N LEU A 290 -29.13 21.83 -41.45
CA LEU A 290 -29.02 22.62 -40.23
C LEU A 290 -27.80 23.51 -40.38
N SER A 291 -28.02 24.81 -40.35
CA SER A 291 -26.97 25.73 -40.73
C SER A 291 -26.83 26.79 -39.66
N GLY A 292 -25.61 27.31 -39.55
CA GLY A 292 -25.40 28.34 -38.56
C GLY A 292 -23.92 28.56 -38.34
N THR A 293 -23.62 29.10 -37.15
CA THR A 293 -22.27 29.55 -36.83
C THR A 293 -21.97 29.24 -35.38
N CYS A 294 -20.75 28.81 -35.13
CA CYS A 294 -20.20 28.68 -33.79
C CYS A 294 -19.06 29.69 -33.67
N LEU A 295 -19.24 30.69 -32.82
CA LEU A 295 -18.24 31.73 -32.68
C LEU A 295 -17.58 31.63 -31.30
N LEU A 296 -16.29 31.32 -31.28
CA LEU A 296 -15.52 31.30 -30.04
C LEU A 296 -14.78 32.62 -29.86
N ILE A 297 -14.98 33.26 -28.72
CA ILE A 297 -14.37 34.53 -28.38
C ILE A 297 -13.59 34.36 -27.09
N ALA A 298 -12.28 34.59 -27.16
CA ALA A 298 -11.42 34.45 -25.97
C ALA A 298 -11.80 35.47 -24.90
N ASN A 299 -11.80 35.02 -23.65
CA ASN A 299 -12.20 35.85 -22.51
C ASN A 299 -11.06 35.97 -21.51
N LYS A 300 -11.37 36.68 -20.42
CA LYS A 300 -10.42 37.02 -19.36
C LYS A 300 -10.03 35.83 -18.49
N ARG A 301 -10.77 34.71 -18.54
CA ARG A 301 -10.52 33.61 -17.61
C ARG A 301 -9.77 32.46 -18.27
N GLN A 302 -8.83 32.77 -19.16
CA GLN A 302 -8.09 31.76 -19.92
C GLN A 302 -9.06 30.80 -20.63
N SER A 303 -10.14 31.34 -21.17
CA SER A 303 -11.12 30.45 -21.74
C SER A 303 -11.86 31.16 -22.88
N TYR A 304 -13.05 30.66 -23.20
CA TYR A 304 -13.78 31.17 -24.34
C TYR A 304 -15.25 31.35 -23.99
N ASP A 305 -15.84 32.42 -24.52
CA ASP A 305 -17.27 32.47 -24.71
C ASP A 305 -17.64 31.78 -26.01
N ILE A 306 -18.71 30.99 -25.97
CA ILE A 306 -19.16 30.21 -27.11
C ILE A 306 -20.53 30.73 -27.51
N SER A 307 -20.66 31.15 -28.75
CA SER A 307 -21.90 31.67 -29.27
C SER A 307 -22.30 30.77 -30.44
N ILE A 308 -23.49 30.21 -30.36
CA ILE A 308 -23.95 29.25 -31.33
C ILE A 308 -25.31 29.69 -31.82
N VAL A 309 -25.44 29.92 -33.13
CA VAL A 309 -26.72 30.18 -33.79
C VAL A 309 -26.95 29.07 -34.79
N ALA A 310 -28.15 28.49 -34.78
CA ALA A 310 -28.46 27.42 -35.70
C ALA A 310 -29.89 27.55 -36.23
N GLN A 311 -30.10 27.07 -37.44
CA GLN A 311 -31.44 27.10 -38.02
C GLN A 311 -31.64 25.91 -38.94
N VAL A 312 -32.89 25.47 -39.03
CA VAL A 312 -33.30 24.47 -40.00
C VAL A 312 -33.71 25.20 -41.26
N ASP A 313 -32.98 24.99 -42.35
CA ASP A 313 -33.21 25.82 -43.53
C ASP A 313 -34.58 25.56 -44.12
N GLN A 314 -34.97 24.29 -44.19
CA GLN A 314 -36.29 23.98 -44.73
C GLN A 314 -37.42 24.64 -43.93
N THR A 315 -37.20 24.92 -42.65
CA THR A 315 -38.30 25.33 -41.79
C THR A 315 -38.22 26.75 -41.28
N GLY A 316 -37.02 27.30 -41.13
CA GLY A 316 -36.85 28.58 -40.50
C GLY A 316 -36.77 28.53 -38.98
N SER A 317 -37.00 27.37 -38.37
CA SER A 317 -36.82 27.22 -36.93
C SER A 317 -35.38 27.54 -36.54
N LYS A 318 -35.20 28.52 -35.68
CA LYS A 318 -33.88 28.98 -35.27
C LYS A 318 -33.73 28.87 -33.76
N SER A 319 -32.47 28.68 -33.35
CA SER A 319 -32.17 28.63 -31.92
C SER A 319 -30.74 29.07 -31.72
N SER A 320 -30.40 29.32 -30.48
CA SER A 320 -29.12 29.91 -30.18
C SER A 320 -28.73 29.49 -28.77
N ASN A 321 -27.55 29.93 -28.36
CA ASN A 321 -27.12 29.85 -26.97
C ASN A 321 -25.78 30.55 -26.88
N LEU A 322 -25.45 31.04 -25.70
CA LEU A 322 -24.17 31.63 -25.44
C LEU A 322 -23.62 30.95 -24.21
N LEU A 323 -22.50 30.25 -24.35
CA LEU A 323 -21.96 29.40 -23.29
C LEU A 323 -20.62 29.95 -22.81
N ASP A 324 -20.23 29.55 -21.59
CA ASP A 324 -18.93 29.94 -21.07
C ASP A 324 -18.18 28.69 -20.65
N LEU A 325 -17.09 28.41 -21.37
CA LEU A 325 -16.28 27.20 -21.20
C LEU A 325 -15.47 27.22 -19.92
N LYS A 326 -15.44 28.33 -19.20
CA LYS A 326 -14.73 28.32 -17.93
C LYS A 326 -15.49 27.56 -16.85
N ASN A 327 -16.82 27.47 -16.96
CA ASN A 327 -17.67 26.83 -15.94
C ASN A 327 -18.38 25.60 -16.53
N PRO A 328 -17.64 24.59 -16.95
CA PRO A 328 -18.30 23.41 -17.52
C PRO A 328 -18.89 22.54 -16.44
N PHE A 329 -19.87 21.75 -16.85
CA PHE A 329 -20.50 20.77 -15.98
C PHE A 329 -19.87 19.42 -16.28
N PHE A 330 -19.19 18.84 -15.30
CA PHE A 330 -18.56 17.54 -15.46
C PHE A 330 -19.59 16.48 -15.12
N ARG A 331 -20.24 15.96 -16.14
CA ARG A 331 -21.34 15.03 -15.98
C ARG A 331 -20.85 13.60 -15.86
N TYR A 332 -19.72 13.27 -16.47
CA TYR A 332 -19.12 11.96 -16.29
C TYR A 332 -18.85 11.65 -14.81
N VAL B 3 27.41 -20.94 11.50
CA VAL B 3 27.24 -20.01 10.38
C VAL B 3 25.75 -19.81 10.17
N GLN B 4 25.05 -20.95 10.16
CA GLN B 4 23.62 -20.97 9.87
C GLN B 4 22.83 -20.17 10.90
N TYR B 5 23.32 -20.08 12.14
CA TYR B 5 22.56 -19.43 13.20
C TYR B 5 22.59 -17.91 13.05
N PHE B 6 23.76 -17.33 12.73
CA PHE B 6 23.85 -15.87 12.66
C PHE B 6 23.25 -15.31 11.38
N GLN B 7 23.27 -16.08 10.29
CA GLN B 7 22.58 -15.69 9.06
C GLN B 7 21.11 -15.35 9.31
N PHE B 8 20.46 -16.14 10.17
CA PHE B 8 19.05 -15.93 10.50
C PHE B 8 18.80 -14.50 10.97
N TYR B 9 19.64 -14.00 11.86
CA TYR B 9 19.44 -12.65 12.40
C TYR B 9 19.91 -11.55 11.45
N GLY B 10 20.45 -11.89 10.29
CA GLY B 10 20.73 -10.89 9.29
C GLY B 10 19.52 -10.39 8.51
N TYR B 11 18.35 -10.99 8.71
CA TYR B 11 17.16 -10.64 7.94
C TYR B 11 16.36 -9.57 8.65
N LEU B 12 16.08 -8.48 7.91
CA LEU B 12 15.21 -7.42 8.42
C LEU B 12 13.85 -7.96 8.84
N SER B 13 13.34 -8.97 8.13
CA SER B 13 12.03 -9.54 8.46
C SER B 13 12.03 -10.20 9.84
N GLN B 14 13.18 -10.70 10.29
CA GLN B 14 13.23 -11.27 11.64
C GLN B 14 13.46 -10.18 12.68
N GLN B 15 14.27 -9.16 12.37
CA GLN B 15 14.28 -7.97 13.22
C GLN B 15 12.88 -7.39 13.38
N GLN B 16 12.14 -7.28 12.28
CA GLN B 16 10.80 -6.71 12.34
C GLN B 16 9.85 -7.59 13.14
N ASN B 17 9.94 -8.91 12.96
CA ASN B 17 9.19 -9.84 13.78
C ASN B 17 9.41 -9.57 15.26
N MET B 18 10.66 -9.29 15.63
CA MET B 18 10.99 -9.08 17.04
C MET B 18 10.56 -7.69 17.50
N MET B 19 10.77 -6.67 16.66
CA MET B 19 10.41 -5.31 17.05
C MET B 19 8.90 -5.13 17.18
N GLN B 20 8.11 -5.83 16.35
CA GLN B 20 6.67 -5.67 16.31
C GLN B 20 5.96 -6.41 17.42
N ASP B 21 6.69 -7.17 18.24
CA ASP B 21 6.17 -7.73 19.48
C ASP B 21 6.10 -6.59 20.50
N TYR B 22 4.89 -6.13 20.80
CA TYR B 22 4.74 -4.93 21.62
C TYR B 22 5.14 -5.19 23.06
N VAL B 23 4.85 -6.39 23.57
CA VAL B 23 5.23 -6.74 24.94
C VAL B 23 6.74 -6.65 25.11
N ARG B 24 7.49 -7.32 24.22
CA ARG B 24 8.94 -7.30 24.29
C ARG B 24 9.50 -5.89 24.12
N THR B 25 9.14 -5.22 23.01
CA THR B 25 9.73 -3.91 22.70
C THR B 25 9.30 -2.85 23.70
N GLY B 26 8.03 -2.86 24.10
CA GLY B 26 7.56 -1.86 25.02
C GLY B 26 8.13 -2.02 26.41
N THR B 27 8.35 -3.27 26.85
CA THR B 27 8.83 -3.49 28.20
C THR B 27 10.30 -3.10 28.32
N TYR B 28 11.10 -3.45 27.32
CA TYR B 28 12.49 -2.98 27.30
C TYR B 28 12.54 -1.46 27.36
N GLN B 29 11.69 -0.77 26.57
CA GLN B 29 11.69 0.69 26.56
C GLN B 29 11.26 1.25 27.91
N ARG B 30 10.16 0.72 28.46
CA ARG B 30 9.73 1.13 29.80
C ARG B 30 10.83 0.87 30.83
N ALA B 31 11.49 -0.30 30.77
CA ALA B 31 12.51 -0.64 31.76
C ALA B 31 13.74 0.26 31.66
N ILE B 32 14.14 0.62 30.44
CA ILE B 32 15.33 1.46 30.26
C ILE B 32 15.03 2.93 30.57
N LEU B 33 13.87 3.44 30.12
CA LEU B 33 13.55 4.86 30.33
C LEU B 33 13.04 5.14 31.74
N GLN B 34 12.28 4.22 32.34
CA GLN B 34 11.85 4.45 33.71
C GLN B 34 12.99 4.29 34.72
N ASN B 35 14.12 3.70 34.31
CA ASN B 35 15.33 3.73 35.12
C ASN B 35 16.40 4.63 34.51
N HIS B 36 16.05 5.90 34.23
CA HIS B 36 16.98 6.81 33.55
C HIS B 36 18.23 7.08 34.39
N THR B 37 18.09 7.05 35.71
CA THR B 37 19.24 7.26 36.58
C THR B 37 20.29 6.16 36.38
N ASP B 38 19.85 4.96 36.00
CA ASP B 38 20.79 3.89 35.69
C ASP B 38 21.46 4.05 34.32
N PHE B 39 21.05 5.05 33.53
CA PHE B 39 21.60 5.21 32.18
C PHE B 39 22.15 6.59 31.87
N LYS B 40 21.72 7.64 32.58
CA LYS B 40 22.16 9.00 32.23
C LYS B 40 23.64 9.16 32.51
N ASP B 41 24.41 9.53 31.46
CA ASP B 41 25.86 9.75 31.53
C ASP B 41 26.64 8.46 31.77
N LYS B 42 26.09 7.32 31.37
CA LYS B 42 26.66 6.03 31.70
C LYS B 42 27.16 5.32 30.44
N ILE B 43 28.22 4.53 30.61
CA ILE B 43 28.68 3.65 29.54
C ILE B 43 27.84 2.39 29.55
N VAL B 44 27.31 2.01 28.38
CA VAL B 44 26.49 0.81 28.29
C VAL B 44 27.00 -0.03 27.12
N LEU B 45 26.93 -1.35 27.30
CA LEU B 45 27.22 -2.34 26.27
C LEU B 45 25.90 -3.01 25.85
N ASP B 46 25.67 -3.08 24.55
CA ASP B 46 24.52 -3.78 23.98
C ASP B 46 25.02 -5.04 23.30
N VAL B 47 24.68 -6.20 23.87
CA VAL B 47 25.15 -7.47 23.34
C VAL B 47 24.13 -8.01 22.36
N GLY B 48 24.54 -8.17 21.10
CA GLY B 48 23.64 -8.67 20.08
C GLY B 48 22.56 -7.67 19.74
N CYS B 49 22.98 -6.45 19.35
CA CYS B 49 22.08 -5.32 19.22
C CYS B 49 21.11 -5.43 18.04
N GLY B 50 21.42 -6.28 17.07
CA GLY B 50 20.52 -6.44 15.93
C GLY B 50 20.28 -5.11 15.24
N SER B 51 19.02 -4.72 15.14
CA SER B 51 18.69 -3.43 14.52
C SER B 51 19.31 -2.27 15.28
N GLY B 52 19.64 -2.45 16.56
CA GLY B 52 20.17 -1.38 17.38
C GLY B 52 19.13 -0.70 18.26
N ILE B 53 17.94 -1.27 18.39
CA ILE B 53 16.83 -0.57 19.02
C ILE B 53 17.07 -0.34 20.52
N LEU B 54 17.70 -1.29 21.21
CA LEU B 54 17.97 -1.10 22.63
C LEU B 54 19.05 -0.04 22.88
N SER B 55 20.01 0.10 21.97
CA SER B 55 20.97 1.20 22.05
C SER B 55 20.27 2.56 21.89
N PHE B 56 19.24 2.63 21.04
CA PHE B 56 18.51 3.90 20.91
C PHE B 56 17.69 4.20 22.15
N PHE B 57 17.08 3.17 22.75
CA PHE B 57 16.41 3.35 24.04
C PHE B 57 17.39 3.85 25.10
N ALA B 58 18.61 3.30 25.10
CA ALA B 58 19.61 3.73 26.07
C ALA B 58 20.06 5.15 25.79
N ALA B 59 20.06 5.55 24.51
CA ALA B 59 20.31 6.94 24.14
C ALA B 59 19.18 7.83 24.63
N GLN B 60 17.93 7.46 24.34
CA GLN B 60 16.78 8.17 24.89
C GLN B 60 16.89 8.35 26.40
N ALA B 61 17.58 7.44 27.09
CA ALA B 61 17.69 7.46 28.53
C ALA B 61 18.81 8.36 29.03
N GLY B 62 19.66 8.85 28.14
CA GLY B 62 20.71 9.76 28.50
C GLY B 62 22.11 9.17 28.55
N ALA B 63 22.34 8.03 27.91
CA ALA B 63 23.64 7.36 28.03
C ALA B 63 24.74 8.18 27.36
N ARG B 64 25.93 8.15 27.98
CA ARG B 64 27.06 8.90 27.42
C ARG B 64 27.62 8.18 26.19
N LYS B 65 27.87 6.88 26.30
CA LYS B 65 28.34 6.12 25.15
C LYS B 65 27.83 4.68 25.23
N ILE B 66 27.38 4.17 24.08
CA ILE B 66 26.83 2.83 23.96
C ILE B 66 27.62 2.09 22.89
N TYR B 67 28.28 1.02 23.29
CA TYR B 67 28.91 0.10 22.35
C TYR B 67 27.90 -0.97 21.98
N ALA B 68 27.62 -1.10 20.69
CA ALA B 68 26.63 -2.06 20.20
C ALA B 68 27.39 -3.13 19.41
N VAL B 69 27.38 -4.35 19.93
CA VAL B 69 28.08 -5.48 19.35
C VAL B 69 27.04 -6.40 18.71
N GLU B 70 27.22 -6.67 17.43
CA GLU B 70 26.31 -7.53 16.68
C GLU B 70 27.15 -8.41 15.77
N ALA B 71 26.86 -9.71 15.76
CA ALA B 71 27.67 -10.66 15.00
C ALA B 71 27.18 -10.84 13.57
N SER B 72 25.88 -10.73 13.32
CA SER B 72 25.36 -10.91 11.96
C SER B 72 25.60 -9.68 11.09
N THR B 73 25.27 -9.82 9.81
CA THR B 73 25.29 -8.72 8.85
C THR B 73 24.27 -7.62 9.18
N MET B 74 23.43 -7.82 10.20
CA MET B 74 22.55 -6.77 10.68
C MET B 74 23.33 -5.57 11.23
N ALA B 75 24.58 -5.78 11.65
CA ALA B 75 25.37 -4.66 12.19
C ALA B 75 25.56 -3.57 11.15
N GLN B 76 25.66 -3.93 9.87
CA GLN B 76 25.72 -2.93 8.80
C GLN B 76 24.44 -2.09 8.76
N HIS B 77 23.28 -2.73 8.90
CA HIS B 77 22.01 -1.98 8.94
C HIS B 77 21.92 -1.11 10.19
N ALA B 78 22.38 -1.63 11.33
CA ALA B 78 22.33 -0.81 12.55
C ALA B 78 23.23 0.42 12.43
N GLU B 79 24.37 0.28 11.76
CA GLU B 79 25.25 1.42 11.54
C GLU B 79 24.57 2.51 10.72
N VAL B 80 23.98 2.13 9.57
CA VAL B 80 23.13 3.03 8.79
C VAL B 80 22.13 3.78 9.68
N LEU B 81 21.50 3.07 10.61
CA LEU B 81 20.50 3.69 11.48
C LEU B 81 21.13 4.65 12.47
N VAL B 82 22.35 4.37 12.94
CA VAL B 82 23.02 5.28 13.85
C VAL B 82 23.29 6.63 13.19
N LYS B 83 23.94 6.59 12.02
CA LYS B 83 24.31 7.84 11.35
C LYS B 83 23.07 8.65 10.96
N SER B 84 21.99 7.98 10.58
CA SER B 84 20.79 8.68 10.14
C SER B 84 19.94 9.18 11.29
N ASN B 85 20.11 8.66 12.51
CA ASN B 85 19.50 9.25 13.70
C ASN B 85 20.45 10.21 14.39
N ASN B 86 21.55 10.58 13.74
CA ASN B 86 22.52 11.57 14.23
C ASN B 86 23.09 11.20 15.60
N LEU B 87 23.13 9.90 15.93
CA LEU B 87 23.69 9.44 17.20
C LEU B 87 25.07 8.83 17.03
N THR B 88 25.79 9.28 16.00
CA THR B 88 27.12 8.78 15.67
C THR B 88 28.16 9.17 16.72
N ASP B 89 27.86 10.14 17.60
CA ASP B 89 28.76 10.49 18.69
C ASP B 89 28.59 9.61 19.92
N ARG B 90 27.44 8.96 20.06
CA ARG B 90 27.11 8.24 21.28
C ARG B 90 26.95 6.73 21.11
N ILE B 91 26.82 6.21 19.89
CA ILE B 91 26.60 4.79 19.65
C ILE B 91 27.67 4.32 18.67
N VAL B 92 28.56 3.46 19.14
CA VAL B 92 29.52 2.78 18.28
C VAL B 92 29.03 1.37 18.00
N VAL B 93 28.92 1.01 16.72
CA VAL B 93 28.54 -0.32 16.28
C VAL B 93 29.81 -1.12 16.02
N ILE B 94 29.99 -2.23 16.73
CA ILE B 94 31.16 -3.08 16.61
C ILE B 94 30.69 -4.42 16.03
N PRO B 95 31.07 -4.75 14.80
CA PRO B 95 30.68 -6.05 14.22
C PRO B 95 31.51 -7.20 14.80
N GLY B 96 30.82 -8.25 15.26
CA GLY B 96 31.48 -9.45 15.73
C GLY B 96 30.90 -10.08 16.99
N LYS B 97 31.46 -11.23 17.39
CA LYS B 97 31.05 -11.90 18.63
C LYS B 97 31.61 -11.16 19.85
N VAL B 98 30.80 -11.09 20.92
CA VAL B 98 31.23 -10.38 22.14
C VAL B 98 32.44 -11.06 22.78
N GLU B 99 32.69 -12.33 22.46
CA GLU B 99 33.87 -13.03 22.93
C GLU B 99 35.12 -12.63 22.16
N GLU B 100 34.98 -12.30 20.87
CA GLU B 100 36.11 -12.06 19.98
C GLU B 100 36.46 -10.59 19.79
N VAL B 101 35.53 -9.66 19.94
CA VAL B 101 35.83 -8.24 19.78
C VAL B 101 36.58 -7.73 21.01
N SER B 102 37.13 -6.53 20.93
CA SER B 102 37.71 -5.88 22.09
C SER B 102 37.11 -4.50 22.24
N LEU B 103 36.49 -4.26 23.40
CA LEU B 103 36.01 -2.95 23.80
C LEU B 103 37.17 -2.14 24.38
N PRO B 104 37.15 -0.82 24.21
CA PRO B 104 38.25 -0.01 24.73
C PRO B 104 38.13 0.32 26.20
N GLU B 105 36.96 0.13 26.82
CA GLU B 105 36.83 0.47 28.24
C GLU B 105 35.72 -0.35 28.90
N GLN B 106 35.74 -0.37 30.23
CA GLN B 106 34.70 -1.01 30.99
C GLN B 106 33.40 -0.21 30.90
N VAL B 107 32.29 -0.90 31.10
CA VAL B 107 30.95 -0.32 30.96
C VAL B 107 30.28 -0.31 32.33
N ASP B 108 29.28 0.56 32.47
CA ASP B 108 28.48 0.69 33.69
C ASP B 108 27.29 -0.26 33.73
N ILE B 109 26.76 -0.64 32.56
CA ILE B 109 25.55 -1.44 32.46
C ILE B 109 25.58 -2.18 31.14
N ILE B 110 25.19 -3.46 31.17
CA ILE B 110 25.07 -4.28 29.98
C ILE B 110 23.59 -4.49 29.70
N ILE B 111 23.21 -4.34 28.45
CA ILE B 111 21.83 -4.59 28.04
C ILE B 111 21.87 -5.61 26.91
N SER B 112 20.85 -6.46 26.86
CA SER B 112 20.80 -7.46 25.81
C SER B 112 19.43 -8.12 25.80
N GLU B 113 19.14 -8.81 24.69
CA GLU B 113 17.91 -9.58 24.53
C GLU B 113 18.27 -11.03 24.22
N PRO B 114 18.80 -11.76 25.21
CA PRO B 114 19.37 -13.08 24.94
C PRO B 114 18.45 -14.28 25.22
N MET B 115 17.15 -14.08 25.42
CA MET B 115 16.25 -15.17 25.73
C MET B 115 15.74 -15.83 24.44
N GLY B 116 15.91 -17.16 24.36
CA GLY B 116 15.22 -17.97 23.37
C GLY B 116 14.00 -18.65 23.96
N TYR B 117 13.47 -19.63 23.22
CA TYR B 117 12.48 -20.54 23.80
C TYR B 117 13.04 -21.13 25.08
N MET B 118 12.16 -21.31 26.07
CA MET B 118 12.57 -21.86 27.37
C MET B 118 13.69 -21.06 28.00
N LEU B 119 13.82 -19.80 27.58
CA LEU B 119 14.89 -18.88 27.98
C LEU B 119 16.26 -19.27 27.42
N PHE B 120 16.69 -20.54 27.57
CA PHE B 120 18.08 -20.89 27.28
C PHE B 120 18.36 -21.22 25.82
N ASN B 121 17.33 -21.56 25.03
CA ASN B 121 17.54 -21.91 23.64
C ASN B 121 18.31 -20.81 22.92
N GLU B 122 19.15 -21.23 21.98
CA GLU B 122 20.09 -20.42 21.20
C GLU B 122 21.36 -20.10 21.99
N ARG B 123 21.41 -20.36 23.30
CA ARG B 123 22.62 -20.23 24.13
C ARG B 123 23.22 -18.82 24.08
N MET B 124 22.38 -17.81 23.81
CA MET B 124 22.79 -16.41 23.88
C MET B 124 23.10 -15.98 25.31
N LEU B 125 22.59 -16.69 26.31
CA LEU B 125 22.87 -16.32 27.69
C LEU B 125 24.34 -16.45 28.04
N GLU B 126 25.09 -17.32 27.34
CA GLU B 126 26.52 -17.45 27.61
C GLU B 126 27.30 -16.27 27.06
N SER B 127 26.94 -15.79 25.86
CA SER B 127 27.53 -14.54 25.41
C SER B 127 27.20 -13.40 26.37
N TYR B 128 25.99 -13.43 26.93
CA TYR B 128 25.56 -12.40 27.85
C TYR B 128 26.40 -12.39 29.12
N LEU B 129 26.66 -13.57 29.68
CA LEU B 129 27.46 -13.65 30.90
C LEU B 129 28.94 -13.41 30.61
N HIS B 130 29.42 -13.89 29.47
CA HIS B 130 30.79 -13.61 29.04
C HIS B 130 31.09 -12.10 28.95
N ALA B 131 30.09 -11.28 28.62
CA ALA B 131 30.35 -9.85 28.48
C ALA B 131 30.60 -9.18 29.82
N LYS B 132 30.27 -9.83 30.94
CA LYS B 132 30.59 -9.31 32.27
C LYS B 132 32.09 -9.14 32.50
N LYS B 133 32.92 -9.57 31.54
CA LYS B 133 34.33 -9.24 31.63
C LYS B 133 34.59 -7.76 31.34
N TYR B 134 33.65 -7.05 30.72
CA TYR B 134 33.75 -5.62 30.51
C TYR B 134 32.93 -4.80 31.50
N LEU B 135 32.34 -5.44 32.51
CA LEU B 135 31.43 -4.75 33.40
C LEU B 135 32.20 -4.21 34.60
N LYS B 136 32.00 -2.92 34.90
CA LYS B 136 32.59 -2.37 36.11
C LYS B 136 32.05 -3.12 37.33
N PRO B 137 32.87 -3.34 38.36
CA PRO B 137 32.33 -3.89 39.61
C PRO B 137 31.24 -2.98 40.13
N SER B 138 30.13 -3.58 40.53
CA SER B 138 28.90 -2.86 40.90
C SER B 138 28.24 -2.19 39.70
N GLY B 139 28.54 -2.65 38.48
CA GLY B 139 27.68 -2.41 37.34
C GLY B 139 26.41 -3.26 37.40
N ASN B 140 25.58 -3.11 36.37
CA ASN B 140 24.26 -3.74 36.38
C ASN B 140 24.02 -4.50 35.08
N MET B 141 23.15 -5.51 35.16
CA MET B 141 22.69 -6.30 34.03
C MET B 141 21.22 -5.99 33.78
N PHE B 142 20.88 -5.75 32.52
CA PHE B 142 19.52 -5.46 32.06
C PHE B 142 19.22 -6.38 30.88
N PRO B 143 18.56 -7.53 31.11
CA PRO B 143 17.89 -7.96 32.33
C PRO B 143 18.83 -8.47 33.44
N THR B 144 18.36 -8.35 34.67
CA THR B 144 19.14 -8.73 35.85
C THR B 144 19.00 -10.21 36.19
N ILE B 145 17.79 -10.76 36.12
CA ILE B 145 17.56 -12.15 36.46
C ILE B 145 16.60 -12.79 35.47
N GLY B 146 16.68 -14.11 35.36
CA GLY B 146 15.71 -14.89 34.59
C GLY B 146 15.15 -16.02 35.42
N ASP B 147 13.84 -16.24 35.29
CA ASP B 147 13.13 -17.33 35.94
C ASP B 147 12.52 -18.24 34.88
N VAL B 148 12.96 -19.49 34.84
CA VAL B 148 12.29 -20.52 34.05
C VAL B 148 11.21 -21.17 34.92
N HIS B 149 9.98 -21.19 34.43
CA HIS B 149 8.87 -21.86 35.10
C HIS B 149 8.53 -23.15 34.38
N LEU B 150 8.12 -24.15 35.15
CA LEU B 150 7.57 -25.35 34.56
C LEU B 150 6.46 -25.89 35.44
N ALA B 151 5.48 -26.50 34.77
CA ALA B 151 4.26 -26.98 35.38
C ALA B 151 3.82 -28.23 34.64
N PRO B 152 3.24 -29.20 35.33
CA PRO B 152 2.68 -30.37 34.62
C PRO B 152 1.38 -29.98 33.95
N PHE B 153 1.10 -30.62 32.80
CA PHE B 153 -0.12 -30.33 32.06
C PHE B 153 -0.82 -31.62 31.62
N THR B 154 -2.12 -31.50 31.44
CA THR B 154 -2.93 -32.54 30.82
C THR B 154 -3.42 -32.03 29.46
N ASP B 155 -3.14 -32.79 28.40
CA ASP B 155 -3.67 -32.47 27.08
C ASP B 155 -3.78 -33.77 26.31
N GLU B 156 -4.93 -34.43 26.49
CA GLU B 156 -5.21 -35.69 25.83
C GLU B 156 -5.07 -35.55 24.30
N GLN B 157 -5.54 -34.44 23.74
CA GLN B 157 -5.50 -34.28 22.29
C GLN B 157 -4.08 -34.16 21.76
N LEU B 158 -3.21 -33.44 22.48
CA LEU B 158 -1.84 -33.28 22.03
C LEU B 158 -1.13 -34.63 22.01
N TYR B 159 -1.26 -35.39 23.09
CA TYR B 159 -0.65 -36.70 23.20
C TYR B 159 -1.12 -37.63 22.09
N MET B 160 -2.43 -37.65 21.82
CA MET B 160 -2.99 -38.58 20.85
C MET B 160 -2.59 -38.22 19.43
N GLU B 161 -2.47 -36.92 19.15
CA GLU B 161 -2.11 -36.47 17.80
C GLU B 161 -0.79 -37.09 17.31
N GLN B 162 0.15 -37.37 18.22
CA GLN B 162 1.40 -38.02 17.82
C GLN B 162 1.15 -39.40 17.21
N PHE B 163 0.30 -40.21 17.83
CA PHE B 163 0.06 -41.54 17.27
C PHE B 163 -0.75 -41.45 16.00
N THR B 164 -1.67 -40.50 15.92
CA THR B 164 -2.41 -40.28 14.69
C THR B 164 -1.47 -39.98 13.52
N LYS B 165 -0.47 -39.12 13.74
CA LYS B 165 0.50 -38.83 12.69
C LYS B 165 1.37 -40.05 12.39
N ALA B 166 1.91 -40.68 13.43
CA ALA B 166 2.80 -41.83 13.24
C ALA B 166 2.06 -43.03 12.66
N ASN B 167 0.74 -43.13 12.88
CA ASN B 167 0.03 -44.29 12.37
C ASN B 167 -0.16 -44.25 10.87
N PHE B 168 0.20 -43.15 10.22
CA PHE B 168 0.36 -43.20 8.77
C PHE B 168 1.27 -44.36 8.36
N TRP B 169 2.30 -44.64 9.17
CA TRP B 169 3.19 -45.75 8.82
C TRP B 169 2.57 -47.11 9.10
N TYR B 170 1.59 -47.22 10.01
CA TYR B 170 1.01 -48.53 10.35
C TYR B 170 -0.01 -48.96 9.29
N GLN B 171 0.50 -49.44 8.18
CA GLN B 171 -0.26 -49.54 6.96
C GLN B 171 0.34 -50.66 6.10
N PRO B 172 -0.37 -51.77 5.89
CA PRO B 172 0.27 -52.92 5.24
C PRO B 172 0.43 -52.77 3.73
N SER B 173 -0.27 -51.84 3.09
CA SER B 173 -0.17 -51.76 1.64
C SER B 173 -0.41 -50.30 1.21
N PHE B 174 0.54 -49.44 1.57
CA PHE B 174 0.59 -48.07 1.05
C PHE B 174 1.14 -48.14 -0.38
N HIS B 175 0.24 -48.03 -1.37
CA HIS B 175 0.61 -48.22 -2.79
C HIS B 175 1.35 -49.53 -3.00
N GLY B 176 0.93 -50.56 -2.26
CA GLY B 176 1.53 -51.86 -2.40
C GLY B 176 2.70 -52.15 -1.49
N VAL B 177 3.04 -51.23 -0.59
CA VAL B 177 4.20 -51.35 0.26
C VAL B 177 3.75 -51.43 1.70
N ASP B 178 4.37 -52.34 2.46
CA ASP B 178 4.14 -52.46 3.89
C ASP B 178 5.09 -51.50 4.60
N LEU B 179 4.54 -50.43 5.18
CA LEU B 179 5.31 -49.40 5.87
C LEU B 179 5.39 -49.63 7.37
N SER B 180 4.73 -50.66 7.89
CA SER B 180 4.44 -50.75 9.32
C SER B 180 5.70 -50.88 10.17
N ALA B 181 6.78 -51.45 9.64
CA ALA B 181 8.00 -51.60 10.42
C ALA B 181 8.59 -50.25 10.85
N LEU B 182 8.21 -49.15 10.20
CA LEU B 182 8.73 -47.84 10.60
C LEU B 182 7.86 -47.10 11.61
N ARG B 183 6.74 -47.68 12.04
CA ARG B 183 5.81 -46.94 12.91
C ARG B 183 6.47 -46.55 14.25
N GLY B 184 7.21 -47.47 14.87
CA GLY B 184 7.85 -47.13 16.14
C GLY B 184 8.84 -46.00 16.01
N ALA B 185 9.59 -45.97 14.90
CA ALA B 185 10.61 -44.93 14.74
C ALA B 185 9.96 -43.58 14.50
N ALA B 186 8.84 -43.55 13.79
CA ALA B 186 8.10 -42.31 13.59
C ALA B 186 7.54 -41.79 14.92
N VAL B 187 7.02 -42.70 15.77
CA VAL B 187 6.55 -42.33 17.10
C VAL B 187 7.69 -41.71 17.91
N ASP B 188 8.84 -42.38 17.92
CA ASP B 188 10.00 -41.89 18.66
C ASP B 188 10.41 -40.50 18.19
N GLU B 189 10.42 -40.30 16.87
CA GLU B 189 10.81 -39.01 16.30
C GLU B 189 9.87 -37.89 16.77
N TYR B 190 8.55 -38.10 16.70
CA TYR B 190 7.62 -37.03 17.11
C TYR B 190 7.74 -36.68 18.58
N PHE B 191 8.01 -37.67 19.43
CA PHE B 191 8.12 -37.41 20.87
C PHE B 191 9.39 -36.64 21.24
N ARG B 192 10.44 -36.69 20.42
CA ARG B 192 11.65 -35.95 20.72
C ARG B 192 11.54 -34.45 20.41
N GLN B 193 10.38 -34.00 19.91
CA GLN B 193 10.19 -32.62 19.49
C GLN B 193 9.41 -31.84 20.55
N PRO B 194 10.01 -30.83 21.17
CA PRO B 194 9.20 -29.95 22.03
C PRO B 194 8.21 -29.18 21.20
N VAL B 195 7.07 -28.86 21.83
CA VAL B 195 5.92 -28.28 21.14
C VAL B 195 5.86 -26.78 21.48
N VAL B 196 5.98 -25.94 20.45
CA VAL B 196 5.89 -24.50 20.60
C VAL B 196 4.51 -24.07 20.14
N ASP B 197 3.70 -23.58 21.07
CA ASP B 197 2.46 -22.86 20.82
C ASP B 197 1.97 -22.39 22.18
N THR B 198 0.76 -21.85 22.22
CA THR B 198 0.16 -21.47 23.47
C THR B 198 -1.00 -22.42 23.77
N PHE B 199 -1.54 -22.28 24.98
CA PHE B 199 -2.55 -23.20 25.46
C PHE B 199 -3.38 -22.50 26.51
N ASP B 200 -4.57 -23.02 26.76
CA ASP B 200 -5.37 -22.56 27.87
C ASP B 200 -4.68 -22.85 29.19
N ILE B 201 -4.75 -21.90 30.13
CA ILE B 201 -4.11 -22.10 31.42
C ILE B 201 -4.80 -23.14 32.28
N ARG B 202 -6.01 -23.55 31.92
CA ARG B 202 -6.70 -24.58 32.68
C ARG B 202 -6.17 -25.99 32.42
N ILE B 203 -5.32 -26.20 31.41
CA ILE B 203 -4.67 -27.51 31.27
C ILE B 203 -3.57 -27.73 32.29
N LEU B 204 -3.16 -26.68 33.02
CA LEU B 204 -2.12 -26.84 34.02
C LEU B 204 -2.71 -27.47 35.27
N MET B 205 -1.93 -28.31 35.91
CA MET B 205 -2.43 -29.11 37.01
C MET B 205 -1.71 -28.87 38.33
N ALA B 206 -0.70 -28.00 38.34
CA ALA B 206 -0.01 -27.63 39.58
C ALA B 206 0.53 -26.23 39.40
N LYS B 207 0.74 -25.54 40.51
CA LYS B 207 1.46 -24.29 40.47
C LYS B 207 2.86 -24.55 39.92
N SER B 208 3.40 -23.57 39.23
CA SER B 208 4.70 -23.77 38.58
C SER B 208 5.84 -23.79 39.60
N VAL B 209 6.89 -24.47 39.24
CA VAL B 209 8.14 -24.43 39.97
C VAL B 209 9.08 -23.50 39.21
N LYS B 210 9.90 -22.76 39.95
CA LYS B 210 10.72 -21.71 39.39
C LYS B 210 12.21 -22.03 39.57
N TYR B 211 12.98 -21.81 38.51
CA TYR B 211 14.43 -21.91 38.55
C TYR B 211 15.02 -20.56 38.17
N THR B 212 15.73 -19.92 39.09
CA THR B 212 16.22 -18.56 38.89
C THR B 212 17.69 -18.56 38.51
N VAL B 213 18.03 -17.81 37.47
CA VAL B 213 19.42 -17.48 37.15
C VAL B 213 19.64 -16.01 37.48
N ASN B 214 20.60 -15.74 38.36
CA ASN B 214 20.97 -14.37 38.70
C ASN B 214 22.12 -13.96 37.81
N PHE B 215 21.83 -13.14 36.79
CA PHE B 215 22.83 -12.80 35.78
C PHE B 215 23.99 -11.99 36.36
N LEU B 216 23.76 -11.20 37.42
CA LEU B 216 24.87 -10.52 38.08
C LEU B 216 25.80 -11.51 38.78
N GLU B 217 25.26 -12.64 39.25
CA GLU B 217 26.01 -13.66 39.99
C GLU B 217 26.53 -14.80 39.12
N ALA B 218 25.85 -15.10 38.01
CA ALA B 218 26.07 -16.39 37.35
C ALA B 218 27.38 -16.40 36.56
N LYS B 219 27.90 -17.59 36.35
CA LYS B 219 29.02 -17.77 35.45
C LYS B 219 28.56 -18.45 34.17
N GLU B 220 29.32 -18.23 33.11
CA GLU B 220 28.94 -18.71 31.79
C GLU B 220 28.83 -20.23 31.78
N GLY B 221 29.72 -20.90 32.50
CA GLY B 221 29.70 -22.34 32.61
C GLY B 221 28.56 -22.90 33.44
N ASP B 222 27.87 -22.05 34.21
CA ASP B 222 26.67 -22.51 34.90
C ASP B 222 25.55 -22.92 33.95
N LEU B 223 25.65 -22.56 32.68
CA LEU B 223 24.60 -22.83 31.70
C LEU B 223 24.91 -24.01 30.79
N HIS B 224 26.06 -24.65 30.95
CA HIS B 224 26.34 -25.83 30.14
C HIS B 224 25.50 -27.03 30.58
N ARG B 225 25.20 -27.12 31.87
CA ARG B 225 24.38 -28.19 32.40
C ARG B 225 23.46 -27.55 33.44
N ILE B 226 22.17 -27.55 33.16
CA ILE B 226 21.18 -26.91 34.01
C ILE B 226 20.28 -28.01 34.57
N GLU B 227 20.35 -28.22 35.88
CA GLU B 227 19.60 -29.27 36.54
C GLU B 227 18.46 -28.64 37.31
N ILE B 228 17.24 -28.95 36.91
CA ILE B 228 16.07 -28.35 37.55
C ILE B 228 15.27 -29.43 38.26
N PRO B 229 15.49 -29.66 39.55
CA PRO B 229 14.61 -30.57 40.29
C PRO B 229 13.23 -29.95 40.41
N PHE B 230 12.23 -30.80 40.63
CA PHE B 230 10.88 -30.29 40.83
C PHE B 230 10.10 -31.26 41.71
N LYS B 231 9.24 -30.71 42.56
CA LYS B 231 8.26 -31.46 43.32
C LYS B 231 6.94 -30.73 43.11
N PHE B 232 6.03 -31.30 42.35
CA PHE B 232 4.77 -30.63 42.05
C PHE B 232 3.71 -31.09 43.04
N HIS B 233 3.01 -30.13 43.60
CA HIS B 233 1.90 -30.42 44.50
C HIS B 233 0.62 -30.31 43.66
N MET B 234 0.04 -31.46 43.32
CA MET B 234 -1.02 -31.49 42.31
C MET B 234 -2.28 -30.78 42.82
N LEU B 235 -2.81 -29.88 42.00
CA LEU B 235 -4.04 -29.17 42.33
C LEU B 235 -5.28 -29.82 41.75
N HIS B 236 -5.13 -30.65 40.72
CA HIS B 236 -6.22 -31.37 40.08
C HIS B 236 -5.83 -32.83 39.87
N SER B 237 -6.84 -33.69 39.94
CA SER B 237 -6.66 -35.11 39.66
C SER B 237 -6.81 -35.35 38.15
N GLY B 238 -5.97 -36.21 37.59
CA GLY B 238 -6.04 -36.52 36.18
C GLY B 238 -4.72 -37.06 35.65
N LEU B 239 -4.67 -37.21 34.33
CA LEU B 239 -3.52 -37.73 33.61
C LEU B 239 -2.58 -36.59 33.22
N VAL B 240 -1.33 -36.66 33.67
CA VAL B 240 -0.29 -35.70 33.31
C VAL B 240 0.39 -36.17 32.04
N HIS B 241 0.34 -35.35 30.99
CA HIS B 241 0.99 -35.74 29.74
C HIS B 241 2.38 -35.16 29.57
N GLY B 242 2.74 -34.10 30.30
CA GLY B 242 4.07 -33.56 30.15
C GLY B 242 4.30 -32.34 31.00
N LEU B 243 5.38 -31.65 30.68
CA LEU B 243 5.76 -30.42 31.37
C LEU B 243 5.66 -29.27 30.40
N ALA B 244 5.16 -28.13 30.90
CA ALA B 244 5.06 -26.90 30.12
C ALA B 244 6.05 -25.89 30.67
N PHE B 245 6.71 -25.15 29.77
CA PHE B 245 7.79 -24.23 30.12
C PHE B 245 7.46 -22.83 29.63
N TRP B 246 7.66 -21.85 30.51
CA TRP B 246 7.73 -20.44 30.12
C TRP B 246 8.81 -19.78 30.97
N PHE B 247 9.05 -18.49 30.73
CA PHE B 247 10.10 -17.80 31.45
C PHE B 247 9.72 -16.35 31.68
N ASP B 248 10.30 -15.78 32.73
CA ASP B 248 10.22 -14.35 33.05
C ASP B 248 11.64 -13.79 33.19
N VAL B 249 11.81 -12.53 32.83
CA VAL B 249 13.04 -11.81 33.15
C VAL B 249 12.63 -10.57 33.95
N ALA B 250 13.57 -10.06 34.74
CA ALA B 250 13.34 -8.85 35.52
C ALA B 250 14.46 -7.86 35.25
N PHE B 251 14.11 -6.59 35.07
CA PHE B 251 15.07 -5.51 34.90
C PHE B 251 15.04 -4.74 36.22
N ILE B 252 16.03 -4.99 37.07
CA ILE B 252 16.06 -4.45 38.42
C ILE B 252 16.87 -3.16 38.38
N GLY B 253 16.16 -2.03 38.33
CA GLY B 253 16.79 -0.73 38.25
C GLY B 253 16.86 -0.01 39.59
N SER B 254 17.46 1.18 39.56
CA SER B 254 17.45 2.04 40.75
C SER B 254 16.06 2.54 41.06
N ILE B 255 15.30 2.92 40.04
CA ILE B 255 13.97 3.47 40.27
C ILE B 255 12.94 2.36 40.45
N MET B 256 12.94 1.36 39.55
CA MET B 256 11.90 0.35 39.62
C MET B 256 12.36 -0.94 38.93
N THR B 257 11.75 -2.04 39.35
CA THR B 257 11.97 -3.35 38.76
C THR B 257 10.81 -3.61 37.79
N VAL B 258 11.14 -3.75 36.50
CA VAL B 258 10.16 -4.01 35.45
C VAL B 258 10.30 -5.46 35.01
N TRP B 259 9.16 -6.15 34.89
CA TRP B 259 9.12 -7.56 34.53
C TRP B 259 8.68 -7.72 33.07
N LEU B 260 9.28 -8.69 32.40
CA LEU B 260 8.81 -9.15 31.09
C LEU B 260 8.45 -10.62 31.25
N SER B 261 7.16 -10.94 31.10
CA SER B 261 6.65 -12.28 31.32
C SER B 261 6.17 -12.90 30.00
N THR B 262 6.45 -14.20 29.83
CA THR B 262 5.86 -15.01 28.76
C THR B 262 4.93 -16.07 29.32
N ALA B 263 4.34 -15.83 30.48
CA ALA B 263 3.47 -16.81 31.09
C ALA B 263 2.21 -16.99 30.25
N PRO B 264 1.61 -18.18 30.25
CA PRO B 264 0.35 -18.38 29.53
C PRO B 264 -0.83 -17.60 30.12
N THR B 265 -0.69 -17.06 31.33
CA THR B 265 -1.67 -16.12 31.89
C THR B 265 -1.41 -14.68 31.46
N GLU B 266 -0.55 -14.45 30.47
CA GLU B 266 -0.11 -13.13 30.07
C GLU B 266 -0.33 -12.99 28.57
N PRO B 267 -0.37 -11.76 28.07
CA PRO B 267 -0.50 -11.58 26.62
C PRO B 267 0.62 -12.28 25.86
N LEU B 268 0.22 -13.05 24.84
CA LEU B 268 1.15 -13.84 24.04
C LEU B 268 2.30 -12.97 23.50
N THR B 269 3.50 -13.54 23.50
CA THR B 269 4.69 -12.96 22.89
C THR B 269 5.18 -13.87 21.76
N HIS B 270 6.21 -13.41 21.05
CA HIS B 270 6.76 -14.28 20.01
C HIS B 270 7.53 -15.48 20.59
N TRP B 271 7.74 -15.55 21.90
CA TRP B 271 8.33 -16.72 22.54
C TRP B 271 7.31 -17.82 22.82
N TYR B 272 6.01 -17.49 22.84
CA TYR B 272 4.96 -18.44 23.18
C TYR B 272 5.31 -19.17 24.47
N GLN B 273 5.01 -20.47 24.49
CA GLN B 273 5.41 -21.38 25.55
C GLN B 273 5.89 -22.67 24.90
N VAL B 274 6.47 -23.55 25.71
CA VAL B 274 7.06 -24.79 25.19
C VAL B 274 6.47 -25.93 25.99
N ARG B 275 6.09 -27.01 25.30
CA ARG B 275 5.61 -28.20 26.00
C ARG B 275 6.41 -29.42 25.58
N CYS B 276 6.72 -30.26 26.57
CA CYS B 276 7.44 -31.53 26.40
C CYS B 276 6.56 -32.66 26.92
N LEU B 277 6.31 -33.65 26.07
CA LEU B 277 5.52 -34.80 26.45
C LEU B 277 6.34 -35.81 27.23
N PHE B 278 5.70 -36.48 28.19
CA PHE B 278 6.24 -37.74 28.69
C PHE B 278 5.96 -38.83 27.67
N GLN B 279 6.76 -39.89 27.70
CA GLN B 279 6.50 -41.01 26.80
C GLN B 279 5.17 -41.69 27.15
N SER B 280 4.79 -41.71 28.42
CA SER B 280 3.49 -42.25 28.81
C SER B 280 2.91 -41.40 29.93
N PRO B 281 1.59 -41.21 29.93
CA PRO B 281 0.97 -40.35 30.96
C PRO B 281 0.95 -41.01 32.33
N LEU B 282 0.89 -40.16 33.35
CA LEU B 282 0.89 -40.58 34.75
C LEU B 282 -0.39 -40.07 35.41
N PHE B 283 -1.12 -40.97 36.07
CA PHE B 283 -2.26 -40.53 36.85
C PHE B 283 -1.80 -39.95 38.18
N ALA B 284 -2.40 -38.83 38.58
CA ALA B 284 -2.09 -38.15 39.84
C ALA B 284 -3.35 -37.53 40.42
N LYS B 285 -3.67 -37.85 41.68
CA LYS B 285 -4.76 -37.17 42.37
C LYS B 285 -4.32 -35.78 42.84
N ALA B 286 -5.29 -34.93 43.15
CA ALA B 286 -4.97 -33.64 43.76
C ALA B 286 -4.46 -33.88 45.18
N GLY B 287 -3.39 -33.16 45.54
CA GLY B 287 -2.67 -33.42 46.77
C GLY B 287 -1.49 -34.37 46.64
N ASP B 288 -1.44 -35.16 45.57
CA ASP B 288 -0.27 -35.98 45.30
C ASP B 288 0.96 -35.09 45.01
N THR B 289 2.12 -35.72 44.92
CA THR B 289 3.34 -35.04 44.55
C THR B 289 3.93 -35.72 43.32
N LEU B 290 4.31 -34.90 42.34
CA LEU B 290 5.01 -35.36 41.14
C LEU B 290 6.40 -34.77 41.17
N SER B 291 7.41 -35.60 41.33
CA SER B 291 8.78 -35.15 41.54
C SER B 291 9.70 -35.70 40.46
N GLY B 292 10.77 -34.97 40.21
CA GLY B 292 11.72 -35.39 39.21
C GLY B 292 12.71 -34.28 38.89
N THR B 293 13.41 -34.51 37.80
CA THR B 293 14.41 -33.58 37.31
C THR B 293 14.17 -33.30 35.85
N CYS B 294 14.30 -32.04 35.48
CA CYS B 294 14.51 -31.65 34.10
C CYS B 294 15.98 -31.26 33.98
N LEU B 295 16.72 -31.95 33.12
CA LEU B 295 18.15 -31.70 32.99
C LEU B 295 18.43 -31.17 31.60
N LEU B 296 18.91 -29.94 31.51
CA LEU B 296 19.26 -29.34 30.23
C LEU B 296 20.76 -29.44 30.03
N ILE B 297 21.18 -30.04 28.92
CA ILE B 297 22.58 -30.22 28.60
C ILE B 297 22.84 -29.48 27.29
N ALA B 298 23.70 -28.46 27.34
CA ALA B 298 24.02 -27.70 26.14
C ALA B 298 24.65 -28.62 25.10
N ASN B 299 24.26 -28.45 23.84
CA ASN B 299 24.73 -29.27 22.74
C ASN B 299 25.47 -28.42 21.71
N LYS B 300 25.98 -29.11 20.68
CA LYS B 300 26.81 -28.51 19.64
C LYS B 300 26.02 -27.65 18.66
N ARG B 301 24.69 -27.65 18.73
CA ARG B 301 23.87 -26.96 17.74
C ARG B 301 23.20 -25.71 18.30
N GLN B 302 23.92 -24.97 19.14
CA GLN B 302 23.39 -23.75 19.78
C GLN B 302 22.13 -24.04 20.58
N SER B 303 21.94 -25.27 21.03
CA SER B 303 20.73 -25.56 21.78
C SER B 303 20.97 -26.52 22.94
N TYR B 304 19.92 -27.26 23.32
CA TYR B 304 19.99 -28.15 24.46
C TYR B 304 19.31 -29.48 24.15
N ASP B 305 19.85 -30.53 24.73
CA ASP B 305 19.11 -31.76 24.94
C ASP B 305 18.37 -31.66 26.27
N ILE B 306 17.12 -32.10 26.27
CA ILE B 306 16.23 -31.98 27.42
C ILE B 306 15.94 -33.39 27.91
N SER B 307 16.38 -33.68 29.13
CA SER B 307 16.06 -34.94 29.77
C SER B 307 15.07 -34.67 30.88
N ILE B 308 13.97 -35.41 30.87
CA ILE B 308 12.90 -35.24 31.85
C ILE B 308 12.59 -36.60 32.45
N VAL B 309 12.55 -36.65 33.78
CA VAL B 309 12.17 -37.83 34.53
C VAL B 309 11.15 -37.39 35.56
N ALA B 310 10.06 -38.16 35.69
CA ALA B 310 9.00 -37.77 36.61
C ALA B 310 8.40 -39.00 37.24
N GLN B 311 7.92 -38.82 38.46
CA GLN B 311 7.24 -39.92 39.14
C GLN B 311 6.16 -39.36 40.06
N VAL B 312 5.05 -40.09 40.14
CA VAL B 312 4.05 -39.81 41.15
C VAL B 312 4.50 -40.51 42.43
N ASP B 313 4.81 -39.71 43.46
CA ASP B 313 5.42 -40.29 44.66
C ASP B 313 4.46 -41.25 45.35
N GLN B 314 3.17 -40.88 45.43
CA GLN B 314 2.19 -41.64 46.17
C GLN B 314 1.94 -43.03 45.56
N THR B 315 2.23 -43.23 44.28
CA THR B 315 1.91 -44.47 43.60
C THR B 315 3.13 -45.15 43.01
N GLY B 316 4.20 -44.42 42.74
CA GLY B 316 5.37 -44.97 42.11
C GLY B 316 5.35 -44.98 40.60
N SER B 317 4.26 -44.53 39.97
CA SER B 317 4.22 -44.32 38.52
C SER B 317 5.35 -43.40 38.06
N LYS B 318 6.09 -43.84 37.06
CA LYS B 318 7.23 -43.11 36.54
C LYS B 318 7.17 -43.00 35.02
N SER B 319 7.61 -41.86 34.48
CA SER B 319 7.84 -41.72 33.05
C SER B 319 8.99 -40.75 32.81
N SER B 320 9.43 -40.68 31.56
CA SER B 320 10.58 -39.89 31.18
C SER B 320 10.44 -39.47 29.72
N ASN B 321 11.36 -38.62 29.26
CA ASN B 321 11.51 -38.37 27.83
C ASN B 321 12.83 -37.64 27.63
N LEU B 322 13.30 -37.67 26.40
CA LEU B 322 14.56 -37.02 26.03
C LEU B 322 14.32 -36.29 24.71
N LEU B 323 14.33 -34.96 24.75
CA LEU B 323 13.93 -34.16 23.60
C LEU B 323 15.09 -33.31 23.09
N ASP B 324 14.98 -32.89 21.84
CA ASP B 324 15.96 -31.99 21.23
C ASP B 324 15.25 -30.68 20.90
N LEU B 325 15.60 -29.62 21.63
CA LEU B 325 15.02 -28.29 21.49
C LEU B 325 15.52 -27.55 20.25
N LYS B 326 16.44 -28.13 19.48
CA LYS B 326 16.86 -27.51 18.22
C LYS B 326 15.83 -27.72 17.11
N ASN B 327 15.05 -28.79 17.18
CA ASN B 327 14.04 -29.12 16.17
C ASN B 327 12.64 -29.10 16.76
N PRO B 328 12.17 -27.95 17.23
CA PRO B 328 10.84 -27.91 17.86
C PRO B 328 9.74 -28.01 16.82
N PHE B 329 8.59 -28.49 17.27
CA PHE B 329 7.39 -28.54 16.46
C PHE B 329 6.55 -27.30 16.78
N PHE B 330 6.40 -26.41 15.78
CA PHE B 330 5.62 -25.18 15.94
C PHE B 330 4.17 -25.50 15.60
N ARG B 331 3.31 -25.50 16.62
CA ARG B 331 1.96 -26.02 16.51
C ARG B 331 0.90 -24.91 16.43
N TYR B 332 1.26 -23.68 16.75
CA TYR B 332 0.34 -22.54 16.62
C TYR B 332 -0.13 -22.34 15.17
N SER C 1 -7.18 35.99 -5.20
CA SER C 1 -7.78 34.82 -4.55
C SER C 1 -9.16 35.16 -3.97
N ALA C 2 -9.33 36.39 -3.48
CA ALA C 2 -10.60 36.76 -2.88
C ALA C 2 -11.71 36.81 -3.92
N VAL C 3 -11.42 37.32 -5.12
CA VAL C 3 -12.47 37.47 -6.10
C VAL C 3 -12.85 36.11 -6.71
N GLN C 4 -11.91 35.17 -6.77
CA GLN C 4 -12.29 33.79 -7.09
C GLN C 4 -13.18 33.20 -6.02
N TYR C 5 -12.97 33.60 -4.76
CA TYR C 5 -13.78 33.08 -3.68
C TYR C 5 -15.21 33.60 -3.76
N PHE C 6 -15.38 34.90 -4.00
CA PHE C 6 -16.73 35.45 -4.00
C PHE C 6 -17.48 35.07 -5.27
N GLN C 7 -16.77 34.85 -6.38
CA GLN C 7 -17.44 34.44 -7.60
C GLN C 7 -18.08 33.06 -7.46
N PHE C 8 -17.48 32.18 -6.65
CA PHE C 8 -18.04 30.85 -6.43
C PHE C 8 -19.43 30.95 -5.80
N TYR C 9 -19.62 31.90 -4.88
CA TYR C 9 -20.91 32.08 -4.24
C TYR C 9 -21.91 32.85 -5.09
N GLY C 10 -21.46 33.42 -6.22
CA GLY C 10 -22.37 34.03 -7.18
C GLY C 10 -23.17 33.04 -8.03
N TYR C 11 -22.91 31.74 -7.93
CA TYR C 11 -23.64 30.77 -8.74
C TYR C 11 -24.88 30.30 -8.00
N LEU C 12 -26.03 30.43 -8.65
CA LEU C 12 -27.27 29.92 -8.10
C LEU C 12 -27.20 28.43 -7.82
N SER C 13 -26.44 27.68 -8.62
CA SER C 13 -26.32 26.25 -8.37
C SER C 13 -25.65 25.98 -7.03
N GLN C 14 -24.72 26.85 -6.62
CA GLN C 14 -24.14 26.69 -5.30
C GLN C 14 -25.11 27.08 -4.19
N GLN C 15 -25.92 28.12 -4.40
CA GLN C 15 -27.01 28.39 -3.45
C GLN C 15 -27.93 27.17 -3.33
N GLN C 16 -28.23 26.51 -4.45
CA GLN C 16 -29.15 25.38 -4.41
C GLN C 16 -28.56 24.23 -3.60
N ASN C 17 -27.28 23.91 -3.83
CA ASN C 17 -26.63 22.88 -3.03
C ASN C 17 -26.74 23.17 -1.54
N MET C 18 -26.57 24.44 -1.15
CA MET C 18 -26.66 24.77 0.27
C MET C 18 -28.09 24.68 0.78
N MET C 19 -29.05 25.20 0.03
CA MET C 19 -30.42 25.21 0.50
C MET C 19 -31.00 23.80 0.56
N GLN C 20 -30.59 22.92 -0.34
CA GLN C 20 -31.15 21.58 -0.37
C GLN C 20 -30.57 20.69 0.72
N ASP C 21 -29.55 21.14 1.45
CA ASP C 21 -29.17 20.45 2.69
C ASP C 21 -30.26 20.77 3.70
N TYR C 22 -31.19 19.82 3.90
CA TYR C 22 -32.31 20.14 4.76
C TYR C 22 -31.92 20.20 6.23
N VAL C 23 -30.94 19.40 6.67
CA VAL C 23 -30.48 19.52 8.05
C VAL C 23 -29.97 20.93 8.31
N ARG C 24 -29.14 21.44 7.40
CA ARG C 24 -28.63 22.80 7.54
C ARG C 24 -29.77 23.82 7.52
N THR C 25 -30.60 23.80 6.47
CA THR C 25 -31.58 24.87 6.29
C THR C 25 -32.69 24.79 7.33
N GLY C 26 -33.10 23.58 7.70
CA GLY C 26 -34.18 23.43 8.66
C GLY C 26 -33.74 23.69 10.10
N THR C 27 -32.49 23.36 10.43
CA THR C 27 -31.95 23.70 11.76
C THR C 27 -31.81 25.21 11.93
N TYR C 28 -31.32 25.92 10.90
CA TYR C 28 -31.28 27.38 10.96
C TYR C 28 -32.68 27.95 11.18
N GLN C 29 -33.68 27.47 10.43
CA GLN C 29 -35.02 28.04 10.60
C GLN C 29 -35.58 27.73 12.00
N ARG C 30 -35.34 26.52 12.51
CA ARG C 30 -35.79 26.20 13.86
C ARG C 30 -35.09 27.07 14.91
N ALA C 31 -33.77 27.24 14.81
CA ALA C 31 -33.06 28.14 15.73
C ALA C 31 -33.67 29.55 15.73
N ILE C 32 -33.99 30.07 14.56
CA ILE C 32 -34.53 31.42 14.46
C ILE C 32 -35.99 31.48 14.89
N LEU C 33 -36.84 30.56 14.37
CA LEU C 33 -38.27 30.63 14.67
C LEU C 33 -38.58 30.26 16.13
N GLN C 34 -37.88 29.27 16.68
CA GLN C 34 -38.15 28.92 18.06
C GLN C 34 -37.59 29.93 19.05
N ASN C 35 -36.73 30.84 18.61
CA ASN C 35 -36.27 31.96 19.40
C ASN C 35 -36.85 33.27 18.88
N HIS C 36 -38.14 33.24 18.54
CA HIS C 36 -38.73 34.36 17.81
C HIS C 36 -38.63 35.66 18.58
N THR C 37 -38.63 35.62 19.92
CA THR C 37 -38.52 36.87 20.69
C THR C 37 -37.15 37.51 20.54
N ASP C 38 -36.15 36.75 20.14
CA ASP C 38 -34.88 37.37 19.78
C ASP C 38 -34.91 38.07 18.44
N PHE C 39 -36.03 38.05 17.72
CA PHE C 39 -36.05 38.70 16.43
C PHE C 39 -37.22 39.67 16.33
N LYS C 40 -38.31 39.36 17.03
CA LYS C 40 -39.53 40.16 16.95
C LYS C 40 -39.23 41.63 17.23
N ASP C 41 -39.48 42.47 16.23
CA ASP C 41 -39.34 43.92 16.32
C ASP C 41 -37.91 44.35 16.59
N LYS C 42 -36.93 43.53 16.24
CA LYS C 42 -35.54 43.86 16.45
C LYS C 42 -34.87 44.20 15.13
N ILE C 43 -33.64 44.71 15.23
CA ILE C 43 -32.80 45.05 14.09
C ILE C 43 -31.80 43.91 13.90
N VAL C 44 -31.67 43.41 12.68
CA VAL C 44 -30.89 42.22 12.38
C VAL C 44 -29.85 42.54 11.32
N LEU C 45 -28.68 41.96 11.47
CA LEU C 45 -27.63 41.99 10.45
C LEU C 45 -27.36 40.56 10.00
N ASP C 46 -27.48 40.33 8.69
CA ASP C 46 -27.25 39.02 8.05
C ASP C 46 -25.96 39.12 7.23
N VAL C 47 -24.90 38.49 7.73
CA VAL C 47 -23.58 38.61 7.12
C VAL C 47 -23.42 37.55 6.05
N GLY C 48 -23.19 37.98 4.80
CA GLY C 48 -23.02 37.02 3.72
C GLY C 48 -24.30 36.25 3.44
N CYS C 49 -25.38 37.00 3.20
CA CYS C 49 -26.73 36.47 3.11
C CYS C 49 -26.96 35.58 1.90
N GLY C 50 -26.07 35.60 0.92
CA GLY C 50 -26.28 34.78 -0.27
C GLY C 50 -27.62 35.06 -0.91
N SER C 51 -28.39 34.01 -1.15
CA SER C 51 -29.72 34.15 -1.73
C SER C 51 -30.69 34.85 -0.80
N GLY C 52 -30.34 34.98 0.49
CA GLY C 52 -31.15 35.66 1.46
C GLY C 52 -32.00 34.80 2.36
N ILE C 53 -31.80 33.48 2.37
CA ILE C 53 -32.75 32.61 3.07
C ILE C 53 -32.82 32.95 4.56
N LEU C 54 -31.67 33.22 5.20
CA LEU C 54 -31.67 33.53 6.64
C LEU C 54 -32.41 34.83 6.94
N SER C 55 -32.30 35.83 6.08
CA SER C 55 -33.04 37.06 6.29
C SER C 55 -34.55 36.84 6.21
N PHE C 56 -35.00 35.97 5.29
CA PHE C 56 -36.41 35.62 5.28
C PHE C 56 -36.84 34.95 6.59
N PHE C 57 -36.01 34.07 7.15
CA PHE C 57 -36.37 33.48 8.44
C PHE C 57 -36.47 34.55 9.53
N ALA C 58 -35.52 35.49 9.55
CA ALA C 58 -35.57 36.61 10.48
C ALA C 58 -36.86 37.42 10.27
N ALA C 59 -37.29 37.58 9.00
CA ALA C 59 -38.54 38.30 8.75
C ALA C 59 -39.75 37.49 9.20
N GLN C 60 -39.70 36.16 9.03
CA GLN C 60 -40.80 35.31 9.49
C GLN C 60 -40.95 35.38 11.00
N ALA C 61 -39.83 35.46 11.73
CA ALA C 61 -39.83 35.63 13.18
C ALA C 61 -40.20 37.07 13.62
N GLY C 62 -40.44 37.98 12.70
CA GLY C 62 -40.94 39.29 13.04
C GLY C 62 -39.91 40.40 13.17
N ALA C 63 -38.70 40.23 12.59
CA ALA C 63 -37.71 41.29 12.67
C ALA C 63 -38.24 42.59 12.07
N ARG C 64 -37.98 43.71 12.76
CA ARG C 64 -38.44 45.00 12.25
C ARG C 64 -37.60 45.43 11.04
N LYS C 65 -36.31 45.12 11.03
CA LYS C 65 -35.43 45.53 9.95
C LYS C 65 -34.24 44.57 9.89
N ILE C 66 -33.95 44.09 8.68
CA ILE C 66 -32.82 43.19 8.42
C ILE C 66 -31.95 43.80 7.33
N TYR C 67 -30.70 44.10 7.67
CA TYR C 67 -29.70 44.47 6.67
C TYR C 67 -28.99 43.21 6.22
N ALA C 68 -29.09 42.90 4.94
CA ALA C 68 -28.51 41.68 4.39
C ALA C 68 -27.30 42.07 3.56
N VAL C 69 -26.14 41.70 4.03
CA VAL C 69 -24.89 42.13 3.42
C VAL C 69 -24.32 40.96 2.64
N GLU C 70 -24.00 41.20 1.38
CA GLU C 70 -23.55 40.16 0.47
C GLU C 70 -22.60 40.77 -0.55
N ALA C 71 -21.43 40.16 -0.69
CA ALA C 71 -20.36 40.70 -1.51
C ALA C 71 -20.38 40.15 -2.93
N SER C 72 -20.96 38.97 -3.14
CA SER C 72 -20.98 38.40 -4.49
C SER C 72 -22.11 39.01 -5.31
N THR C 73 -22.17 38.65 -6.61
CA THR C 73 -23.27 39.11 -7.45
C THR C 73 -24.60 38.52 -7.03
N MET C 74 -24.58 37.54 -6.12
CA MET C 74 -25.81 36.98 -5.57
C MET C 74 -26.67 38.03 -4.89
N ALA C 75 -26.07 39.15 -4.47
CA ALA C 75 -26.86 40.22 -3.86
C ALA C 75 -28.02 40.66 -4.75
N GLN C 76 -27.82 40.65 -6.07
CA GLN C 76 -28.89 41.05 -6.98
C GLN C 76 -30.00 40.01 -7.00
N HIS C 77 -29.66 38.72 -6.98
CA HIS C 77 -30.71 37.70 -6.89
C HIS C 77 -31.49 37.82 -5.57
N ALA C 78 -30.81 38.13 -4.47
CA ALA C 78 -31.52 38.31 -3.21
C ALA C 78 -32.52 39.44 -3.31
N GLU C 79 -32.14 40.54 -3.96
CA GLU C 79 -33.05 41.68 -4.02
C GLU C 79 -34.30 41.33 -4.82
N VAL C 80 -34.14 40.57 -5.91
CA VAL C 80 -35.31 40.07 -6.63
C VAL C 80 -36.22 39.26 -5.71
N LEU C 81 -35.65 38.39 -4.88
CA LEU C 81 -36.50 37.59 -4.00
C LEU C 81 -37.17 38.44 -2.92
N VAL C 82 -36.50 39.51 -2.46
CA VAL C 82 -37.13 40.38 -1.48
C VAL C 82 -38.34 41.11 -2.08
N LYS C 83 -38.21 41.59 -3.31
CA LYS C 83 -39.36 42.23 -3.97
C LYS C 83 -40.48 41.23 -4.22
N SER C 84 -40.16 40.06 -4.79
CA SER C 84 -41.23 39.13 -5.15
C SER C 84 -41.89 38.48 -3.93
N ASN C 85 -41.24 38.52 -2.77
CA ASN C 85 -41.86 38.11 -1.52
C ASN C 85 -42.42 39.30 -0.75
N ASN C 86 -42.42 40.50 -1.33
CA ASN C 86 -43.06 41.70 -0.77
C ASN C 86 -42.54 42.03 0.63
N LEU C 87 -41.22 42.00 0.76
CA LEU C 87 -40.56 42.29 2.03
C LEU C 87 -39.61 43.48 1.88
N THR C 88 -39.89 44.37 0.92
CA THR C 88 -39.03 45.52 0.70
C THR C 88 -39.09 46.50 1.88
N ASP C 89 -40.16 46.48 2.65
CA ASP C 89 -40.22 47.33 3.83
C ASP C 89 -39.42 46.77 5.00
N ARG C 90 -38.87 45.55 4.89
CA ARG C 90 -38.25 44.95 6.06
C ARG C 90 -36.82 44.48 5.81
N ILE C 91 -36.48 44.06 4.60
CA ILE C 91 -35.17 43.49 4.31
C ILE C 91 -34.46 44.43 3.36
N VAL C 92 -33.28 44.89 3.75
CA VAL C 92 -32.48 45.82 2.96
C VAL C 92 -31.22 45.09 2.55
N VAL C 93 -31.13 44.74 1.28
CA VAL C 93 -29.94 44.10 0.75
C VAL C 93 -28.90 45.19 0.53
N ILE C 94 -27.76 45.04 1.20
CA ILE C 94 -26.67 46.01 1.10
C ILE C 94 -25.49 45.33 0.42
N PRO C 95 -25.22 45.63 -0.86
CA PRO C 95 -24.15 44.94 -1.58
C PRO C 95 -22.79 45.42 -1.11
N GLY C 96 -21.87 44.47 -0.91
CA GLY C 96 -20.52 44.80 -0.48
C GLY C 96 -20.03 43.93 0.65
N LYS C 97 -18.80 44.17 1.08
CA LYS C 97 -18.23 43.44 2.21
C LYS C 97 -18.60 44.14 3.50
N VAL C 98 -18.76 43.35 4.57
CA VAL C 98 -19.16 43.92 5.85
C VAL C 98 -18.08 44.84 6.40
N GLU C 99 -16.80 44.56 6.10
CA GLU C 99 -15.69 45.44 6.46
C GLU C 99 -15.74 46.79 5.76
N GLU C 100 -16.51 46.92 4.68
CA GLU C 100 -16.45 48.08 3.82
C GLU C 100 -17.72 48.93 3.81
N VAL C 101 -18.79 48.47 4.42
CA VAL C 101 -20.07 49.12 4.22
C VAL C 101 -20.46 49.88 5.48
N SER C 102 -21.42 50.79 5.32
CA SER C 102 -21.97 51.55 6.43
C SER C 102 -23.44 51.24 6.60
N LEU C 103 -23.82 50.84 7.75
CA LEU C 103 -25.21 50.61 8.09
C LEU C 103 -25.76 51.82 8.83
N PRO C 104 -27.06 52.08 8.71
CA PRO C 104 -27.62 53.28 9.35
C PRO C 104 -27.84 53.19 10.86
N GLU C 105 -27.80 52.00 11.47
CA GLU C 105 -27.98 51.91 12.91
C GLU C 105 -27.24 50.68 13.44
N GLN C 106 -27.22 50.55 14.75
CA GLN C 106 -26.72 49.36 15.42
C GLN C 106 -27.80 48.28 15.41
N VAL C 107 -27.38 47.02 15.42
CA VAL C 107 -28.34 45.92 15.36
C VAL C 107 -28.33 45.14 16.67
N ASP C 108 -29.46 44.48 16.91
CA ASP C 108 -29.66 43.64 18.09
C ASP C 108 -29.12 42.23 17.94
N ILE C 109 -28.93 41.73 16.73
CA ILE C 109 -28.45 40.36 16.58
C ILE C 109 -27.85 40.21 15.18
N ILE C 110 -26.77 39.43 15.11
CA ILE C 110 -26.11 39.09 13.86
C ILE C 110 -26.36 37.62 13.56
N ILE C 111 -26.77 37.34 12.33
CA ILE C 111 -26.93 35.97 11.87
C ILE C 111 -26.02 35.73 10.67
N SER C 112 -25.45 34.53 10.59
CA SER C 112 -24.55 34.21 9.49
C SER C 112 -24.38 32.70 9.44
N GLU C 113 -23.78 32.23 8.36
CA GLU C 113 -23.32 30.85 8.24
C GLU C 113 -21.83 30.91 7.88
N PRO C 114 -20.98 31.15 8.87
CA PRO C 114 -19.52 31.23 8.63
C PRO C 114 -18.79 29.90 8.60
N MET C 115 -19.48 28.77 8.52
CA MET C 115 -18.84 27.47 8.69
C MET C 115 -18.43 26.89 7.34
N GLY C 116 -17.13 26.71 7.14
CA GLY C 116 -16.62 25.86 6.09
C GLY C 116 -16.23 24.51 6.64
N TYR C 117 -15.65 23.68 5.76
CA TYR C 117 -15.05 22.43 6.20
C TYR C 117 -14.19 22.67 7.44
N MET C 118 -14.31 21.78 8.42
CA MET C 118 -13.57 21.87 9.67
C MET C 118 -13.88 23.17 10.41
N LEU C 119 -15.03 23.77 10.11
CA LEU C 119 -15.50 25.05 10.62
C LEU C 119 -14.65 26.23 10.11
N PHE C 120 -13.32 26.15 10.21
CA PHE C 120 -12.52 27.34 9.98
C PHE C 120 -12.20 27.63 8.51
N ASN C 121 -12.36 26.66 7.61
CA ASN C 121 -12.05 26.88 6.19
C ASN C 121 -12.87 28.03 5.63
N GLU C 122 -12.21 28.81 4.76
CA GLU C 122 -12.69 30.02 4.06
C GLU C 122 -12.61 31.26 4.94
N ARG C 123 -12.20 31.12 6.21
CA ARG C 123 -11.93 32.25 7.09
C ARG C 123 -13.11 33.19 7.21
N MET C 124 -14.33 32.64 7.05
CA MET C 124 -15.53 33.46 7.10
C MET C 124 -15.85 33.91 8.52
N LEU C 125 -15.23 33.28 9.52
CA LEU C 125 -15.45 33.69 10.91
C LEU C 125 -14.93 35.10 11.13
N GLU C 126 -13.92 35.52 10.37
CA GLU C 126 -13.35 36.84 10.57
C GLU C 126 -14.34 37.94 10.21
N SER C 127 -14.96 37.85 9.03
CA SER C 127 -15.98 38.84 8.68
C SER C 127 -17.10 38.85 9.70
N TYR C 128 -17.46 37.67 10.19
CA TYR C 128 -18.54 37.53 11.16
C TYR C 128 -18.20 38.21 12.48
N LEU C 129 -16.97 38.01 12.96
CA LEU C 129 -16.53 38.70 14.17
C LEU C 129 -16.39 40.19 13.93
N HIS C 130 -15.85 40.57 12.77
CA HIS C 130 -15.74 41.97 12.39
C HIS C 130 -17.10 42.69 12.40
N ALA C 131 -18.19 41.99 12.05
CA ALA C 131 -19.50 42.63 12.07
C ALA C 131 -19.95 43.04 13.47
N LYS C 132 -19.30 42.52 14.53
CA LYS C 132 -19.69 42.93 15.89
C LYS C 132 -19.50 44.42 16.15
N LYS C 133 -18.74 45.14 15.31
CA LYS C 133 -18.71 46.58 15.42
C LYS C 133 -20.08 47.23 15.23
N TYR C 134 -21.06 46.51 14.68
CA TYR C 134 -22.42 47.01 14.55
C TYR C 134 -23.36 46.47 15.62
N LEU C 135 -22.86 45.60 16.49
CA LEU C 135 -23.69 44.92 17.46
C LEU C 135 -23.91 45.80 18.70
N LYS C 136 -25.15 45.97 19.11
CA LYS C 136 -25.42 46.66 20.36
C LYS C 136 -24.75 45.90 21.51
N PRO C 137 -24.37 46.59 22.58
CA PRO C 137 -23.97 45.87 23.81
C PRO C 137 -25.18 45.14 24.35
N SER C 138 -25.00 43.87 24.69
CA SER C 138 -26.06 42.91 25.01
C SER C 138 -26.74 42.39 23.74
N GLY C 139 -26.19 42.62 22.55
CA GLY C 139 -26.67 41.93 21.37
C GLY C 139 -26.21 40.48 21.32
N ASN C 140 -26.82 39.74 20.41
CA ASN C 140 -26.53 38.32 20.31
C ASN C 140 -25.97 38.01 18.93
N MET C 141 -25.41 36.81 18.83
CA MET C 141 -24.89 36.23 17.60
C MET C 141 -25.55 34.86 17.37
N PHE C 142 -26.02 34.62 16.14
CA PHE C 142 -26.55 33.31 15.74
C PHE C 142 -25.79 32.79 14.53
N PRO C 143 -24.92 31.78 14.64
CA PRO C 143 -24.55 30.95 15.80
C PRO C 143 -23.78 31.71 16.86
N THR C 144 -23.90 31.27 18.11
CA THR C 144 -23.24 31.91 19.24
C THR C 144 -21.89 31.31 19.56
N ILE C 145 -21.74 29.98 19.44
CA ILE C 145 -20.48 29.31 19.71
C ILE C 145 -20.28 28.23 18.67
N GLY C 146 -19.04 27.78 18.56
CA GLY C 146 -18.70 26.65 17.71
C GLY C 146 -17.83 25.69 18.49
N ASP C 147 -18.04 24.39 18.26
CA ASP C 147 -17.27 23.31 18.89
C ASP C 147 -16.59 22.55 17.77
N VAL C 148 -15.26 22.66 17.69
CA VAL C 148 -14.49 21.74 16.87
C VAL C 148 -14.26 20.47 17.68
N HIS C 149 -14.45 19.32 17.04
CA HIS C 149 -14.21 18.02 17.64
C HIS C 149 -13.15 17.31 16.82
N LEU C 150 -12.24 16.64 17.50
CA LEU C 150 -11.29 15.78 16.81
C LEU C 150 -11.14 14.47 17.60
N ALA C 151 -11.01 13.36 16.86
CA ALA C 151 -10.85 12.02 17.39
C ALA C 151 -9.87 11.23 16.54
N PRO C 152 -9.04 10.38 17.14
CA PRO C 152 -8.20 9.48 16.35
C PRO C 152 -9.03 8.35 15.76
N PHE C 153 -8.66 7.92 14.57
CA PHE C 153 -9.41 6.91 13.83
C PHE C 153 -8.46 5.87 13.25
N THR C 154 -9.02 4.69 12.97
CA THR C 154 -8.28 3.68 12.23
C THR C 154 -9.05 3.37 10.95
N ASP C 155 -8.34 3.32 9.82
CA ASP C 155 -8.94 3.06 8.52
C ASP C 155 -7.87 2.72 7.49
N GLU C 156 -7.47 1.44 7.42
CA GLU C 156 -6.37 1.05 6.54
C GLU C 156 -6.76 1.13 5.07
N GLN C 157 -8.04 0.92 4.75
CA GLN C 157 -8.49 1.05 3.37
C GLN C 157 -8.28 2.47 2.85
N LEU C 158 -8.55 3.49 3.68
CA LEU C 158 -8.28 4.86 3.27
C LEU C 158 -6.78 5.10 3.14
N TYR C 159 -6.02 4.61 4.10
CA TYR C 159 -4.58 4.79 4.04
C TYR C 159 -3.99 4.18 2.78
N MET C 160 -4.44 2.98 2.44
CA MET C 160 -3.96 2.29 1.24
C MET C 160 -4.51 2.90 -0.05
N GLU C 161 -5.64 3.59 -0.02
CA GLU C 161 -6.07 4.35 -1.19
C GLU C 161 -5.05 5.43 -1.53
N GLN C 162 -4.70 6.27 -0.55
CA GLN C 162 -3.76 7.35 -0.81
C GLN C 162 -2.36 6.81 -1.08
N PHE C 163 -1.97 5.76 -0.40
CA PHE C 163 -0.63 5.23 -0.61
C PHE C 163 -0.49 4.64 -2.01
N THR C 164 -1.56 4.00 -2.51
CA THR C 164 -1.51 3.42 -3.84
C THR C 164 -1.35 4.51 -4.90
N LYS C 165 -2.08 5.62 -4.75
CA LYS C 165 -1.94 6.74 -5.67
C LYS C 165 -0.52 7.26 -5.68
N ALA C 166 0.06 7.48 -4.50
CA ALA C 166 1.41 8.04 -4.45
C ALA C 166 2.47 7.06 -4.95
N ASN C 167 2.21 5.75 -4.83
CA ASN C 167 3.13 4.72 -5.32
C ASN C 167 3.30 4.78 -6.83
N PHE C 168 2.48 5.56 -7.55
CA PHE C 168 2.71 5.80 -8.96
C PHE C 168 4.10 6.39 -9.19
N TRP C 169 4.55 7.26 -8.29
CA TRP C 169 5.82 7.95 -8.45
C TRP C 169 7.01 7.17 -7.88
N TYR C 170 6.82 5.93 -7.44
CA TYR C 170 7.94 5.04 -7.14
C TYR C 170 8.38 4.24 -8.36
N GLN C 171 7.69 4.41 -9.48
CA GLN C 171 7.97 3.65 -10.69
C GLN C 171 9.37 3.97 -11.21
N PRO C 172 10.21 2.97 -11.47
CA PRO C 172 11.55 3.26 -11.99
C PRO C 172 11.62 3.41 -13.50
N SER C 173 10.60 2.98 -14.26
CA SER C 173 10.65 3.10 -15.72
C SER C 173 9.24 3.29 -16.28
N PHE C 174 8.64 4.44 -16.00
CA PHE C 174 7.38 4.81 -16.64
C PHE C 174 7.68 5.29 -18.05
N HIS C 175 7.33 4.48 -19.05
CA HIS C 175 7.70 4.76 -20.44
C HIS C 175 9.20 5.02 -20.58
N GLY C 176 10.00 4.28 -19.81
CA GLY C 176 11.43 4.45 -19.87
C GLY C 176 11.98 5.57 -19.01
N VAL C 177 11.15 6.21 -18.19
CA VAL C 177 11.57 7.34 -17.38
C VAL C 177 11.52 6.96 -15.91
N ASP C 178 12.56 7.32 -15.17
CA ASP C 178 12.64 7.03 -13.75
C ASP C 178 11.96 8.15 -12.98
N LEU C 179 10.85 7.84 -12.30
CA LEU C 179 10.12 8.82 -11.52
C LEU C 179 10.46 8.80 -10.03
N SER C 180 11.16 7.77 -9.56
CA SER C 180 11.19 7.49 -8.12
C SER C 180 11.87 8.57 -7.30
N ALA C 181 12.70 9.42 -7.90
CA ALA C 181 13.24 10.55 -7.14
C ALA C 181 12.14 11.48 -6.63
N LEU C 182 10.95 11.43 -7.21
CA LEU C 182 9.82 12.23 -6.74
C LEU C 182 8.90 11.49 -5.80
N ARG C 183 9.17 10.21 -5.48
CA ARG C 183 8.22 9.44 -4.68
C ARG C 183 7.93 10.10 -3.33
N GLY C 184 8.96 10.66 -2.70
CA GLY C 184 8.73 11.34 -1.43
C GLY C 184 7.93 12.61 -1.57
N ALA C 185 8.18 13.39 -2.63
CA ALA C 185 7.36 14.57 -2.89
C ALA C 185 5.91 14.20 -3.13
N ALA C 186 5.67 13.06 -3.77
CA ALA C 186 4.30 12.66 -4.06
C ALA C 186 3.56 12.21 -2.79
N VAL C 187 4.22 11.42 -1.94
CA VAL C 187 3.57 10.98 -0.71
C VAL C 187 3.26 12.19 0.16
N ASP C 188 4.19 13.15 0.23
CA ASP C 188 3.92 14.36 0.99
C ASP C 188 2.71 15.10 0.45
N GLU C 189 2.54 15.14 -0.88
CA GLU C 189 1.43 15.90 -1.46
C GLU C 189 0.09 15.19 -1.26
N TYR C 190 0.05 13.87 -1.48
CA TYR C 190 -1.21 13.16 -1.28
C TYR C 190 -1.63 13.20 0.17
N PHE C 191 -0.69 13.03 1.10
CA PHE C 191 -1.03 12.97 2.51
C PHE C 191 -1.19 14.34 3.14
N ARG C 192 -1.04 15.42 2.37
CA ARG C 192 -1.49 16.73 2.80
C ARG C 192 -2.98 16.94 2.53
N GLN C 193 -3.60 16.02 1.80
CA GLN C 193 -4.99 16.20 1.38
C GLN C 193 -5.93 15.90 2.53
N PRO C 194 -6.73 16.86 2.99
CA PRO C 194 -7.85 16.53 3.87
C PRO C 194 -8.83 15.64 3.11
N VAL C 195 -9.31 14.60 3.79
CA VAL C 195 -10.25 13.65 3.20
C VAL C 195 -11.64 14.02 3.68
N VAL C 196 -12.51 14.39 2.74
CA VAL C 196 -13.86 14.84 3.04
C VAL C 196 -14.81 13.74 2.59
N ASP C 197 -15.47 13.12 3.54
CA ASP C 197 -16.48 12.08 3.32
C ASP C 197 -17.05 11.74 4.69
N THR C 198 -17.89 10.72 4.75
CA THR C 198 -18.39 10.24 6.02
C THR C 198 -17.79 8.87 6.32
N PHE C 199 -17.99 8.41 7.54
CA PHE C 199 -17.41 7.15 7.96
C PHE C 199 -18.28 6.55 9.06
N ASP C 200 -18.14 5.24 9.23
CA ASP C 200 -18.76 4.55 10.35
C ASP C 200 -18.07 4.97 11.64
N ILE C 201 -18.86 5.22 12.69
CA ILE C 201 -18.29 5.67 13.95
C ILE C 201 -17.43 4.60 14.63
N ARG C 202 -17.57 3.33 14.24
CA ARG C 202 -16.79 2.29 14.87
C ARG C 202 -15.30 2.43 14.59
N ILE C 203 -14.91 3.29 13.64
CA ILE C 203 -13.49 3.52 13.35
C ILE C 203 -12.83 4.49 14.33
N LEU C 204 -13.61 5.19 15.16
CA LEU C 204 -13.06 6.08 16.18
C LEU C 204 -12.54 5.26 17.36
N MET C 205 -11.38 5.66 17.88
CA MET C 205 -10.65 4.85 18.83
C MET C 205 -10.43 5.54 20.18
N ALA C 206 -10.94 6.76 20.35
CA ALA C 206 -11.00 7.43 21.64
C ALA C 206 -12.17 8.38 21.59
N LYS C 207 -12.67 8.77 22.76
CA LYS C 207 -13.69 9.81 22.80
C LYS C 207 -13.10 11.11 22.25
N SER C 208 -13.92 11.88 21.53
CA SER C 208 -13.36 13.05 20.86
C SER C 208 -13.05 14.15 21.87
N VAL C 209 -12.08 15.00 21.50
CA VAL C 209 -11.68 16.18 22.26
C VAL C 209 -12.39 17.41 21.67
N LYS C 210 -12.77 18.35 22.54
CA LYS C 210 -13.61 19.49 22.20
C LYS C 210 -12.84 20.80 22.32
N TYR C 211 -12.91 21.63 21.29
CA TYR C 211 -12.34 22.98 21.32
C TYR C 211 -13.43 23.95 20.90
N THR C 212 -13.79 24.87 21.79
CA THR C 212 -14.95 25.70 21.55
C THR C 212 -14.52 27.15 21.36
N VAL C 213 -15.06 27.79 20.33
CA VAL C 213 -14.85 29.19 20.05
C VAL C 213 -16.15 29.92 20.34
N ASN C 214 -16.08 30.90 21.20
CA ASN C 214 -17.25 31.69 21.58
C ASN C 214 -17.30 32.93 20.70
N PHE C 215 -18.25 32.97 19.75
CA PHE C 215 -18.30 34.06 18.78
C PHE C 215 -18.70 35.39 19.43
N LEU C 216 -19.44 35.36 20.53
CA LEU C 216 -19.78 36.58 21.23
C LEU C 216 -18.54 37.24 21.82
N GLU C 217 -17.54 36.45 22.19
CA GLU C 217 -16.41 36.98 22.95
C GLU C 217 -15.14 37.10 22.13
N ALA C 218 -14.95 36.25 21.13
CA ALA C 218 -13.72 36.28 20.38
C ALA C 218 -13.64 37.55 19.53
N LYS C 219 -12.41 37.95 19.24
CA LYS C 219 -12.10 39.09 18.39
C LYS C 219 -11.46 38.61 17.10
N GLU C 220 -11.61 39.41 16.04
CA GLU C 220 -11.19 38.98 14.71
C GLU C 220 -9.77 38.42 14.70
N GLY C 221 -8.87 39.05 15.46
CA GLY C 221 -7.47 38.65 15.49
C GLY C 221 -7.20 37.32 16.17
N ASP C 222 -8.13 36.83 17.00
CA ASP C 222 -7.97 35.52 17.65
C ASP C 222 -7.89 34.37 16.66
N LEU C 223 -8.45 34.54 15.47
CA LEU C 223 -8.51 33.47 14.50
C LEU C 223 -7.34 33.50 13.53
N HIS C 224 -6.37 34.38 13.74
CA HIS C 224 -5.17 34.34 12.90
C HIS C 224 -4.33 33.13 13.24
N ARG C 225 -4.28 32.78 14.53
CA ARG C 225 -3.54 31.63 15.03
C ARG C 225 -4.43 30.88 16.00
N ILE C 226 -4.62 29.59 15.74
CA ILE C 226 -5.53 28.75 16.51
C ILE C 226 -4.77 27.49 16.90
N GLU C 227 -4.57 27.31 18.20
CA GLU C 227 -3.79 26.21 18.74
C GLU C 227 -4.73 25.33 19.53
N ILE C 228 -4.95 24.11 19.05
CA ILE C 228 -5.83 23.14 19.67
C ILE C 228 -5.01 21.96 20.20
N PRO C 229 -4.64 21.96 21.48
CA PRO C 229 -3.95 20.80 22.05
C PRO C 229 -4.93 19.68 22.31
N PHE C 230 -4.40 18.46 22.39
CA PHE C 230 -5.30 17.35 22.66
C PHE C 230 -4.55 16.26 23.40
N LYS C 231 -5.31 15.49 24.18
CA LYS C 231 -4.82 14.30 24.86
C LYS C 231 -5.95 13.28 24.82
N PHE C 232 -5.73 12.19 24.09
CA PHE C 232 -6.73 11.15 23.93
C PHE C 232 -6.40 9.97 24.83
N HIS C 233 -7.44 9.42 25.46
CA HIS C 233 -7.33 8.17 26.22
C HIS C 233 -7.82 7.07 25.28
N MET C 234 -6.88 6.26 24.79
CA MET C 234 -7.20 5.26 23.79
C MET C 234 -8.08 4.16 24.38
N LEU C 235 -9.25 3.96 23.77
CA LEU C 235 -10.20 2.94 24.18
C LEU C 235 -9.97 1.60 23.50
N HIS C 236 -9.23 1.58 22.40
CA HIS C 236 -8.98 0.35 21.67
C HIS C 236 -7.52 0.33 21.24
N SER C 237 -7.04 -0.85 20.88
CA SER C 237 -5.68 -1.01 20.40
C SER C 237 -5.68 -1.09 18.89
N GLY C 238 -4.61 -0.63 18.29
CA GLY C 238 -4.51 -0.71 16.85
C GLY C 238 -3.76 0.46 16.28
N LEU C 239 -3.83 0.57 14.97
CA LEU C 239 -3.07 1.57 14.23
C LEU C 239 -3.91 2.83 14.11
N VAL C 240 -3.38 3.95 14.61
CA VAL C 240 -4.01 5.25 14.45
C VAL C 240 -3.60 5.82 13.08
N HIS C 241 -4.54 5.90 12.15
CA HIS C 241 -4.22 6.44 10.84
C HIS C 241 -4.40 7.94 10.74
N GLY C 242 -5.00 8.57 11.75
CA GLY C 242 -5.01 10.03 11.75
C GLY C 242 -6.08 10.57 12.68
N LEU C 243 -6.48 11.81 12.40
CA LEU C 243 -7.47 12.49 13.21
C LEU C 243 -8.67 12.86 12.35
N ALA C 244 -9.86 12.51 12.83
CA ALA C 244 -11.12 12.94 12.25
C ALA C 244 -11.52 14.28 12.89
N PHE C 245 -12.21 15.10 12.11
CA PHE C 245 -12.67 16.41 12.56
C PHE C 245 -14.12 16.62 12.16
N TRP C 246 -14.90 17.19 13.08
CA TRP C 246 -16.21 17.75 12.76
C TRP C 246 -16.48 18.88 13.73
N PHE C 247 -17.59 19.59 13.50
CA PHE C 247 -17.94 20.72 14.34
C PHE C 247 -19.43 20.74 14.61
N ASP C 248 -19.79 21.34 15.77
CA ASP C 248 -21.15 21.72 16.12
C ASP C 248 -21.21 23.23 16.31
N VAL C 249 -22.34 23.84 15.98
CA VAL C 249 -22.56 25.22 16.40
C VAL C 249 -23.85 25.25 17.20
N ALA C 250 -23.89 26.11 18.20
CA ALA C 250 -25.08 26.31 19.01
C ALA C 250 -25.61 27.71 18.79
N PHE C 251 -26.93 27.81 18.65
CA PHE C 251 -27.61 29.09 18.61
C PHE C 251 -28.23 29.24 20.00
N ILE C 252 -27.66 30.12 20.81
CA ILE C 252 -28.04 30.24 22.22
C ILE C 252 -29.06 31.36 22.28
N GLY C 253 -30.33 31.00 22.14
CA GLY C 253 -31.39 31.98 22.15
C GLY C 253 -31.93 32.22 23.55
N SER C 254 -32.81 33.22 23.64
CA SER C 254 -33.51 33.50 24.88
C SER C 254 -34.46 32.38 25.27
N ILE C 255 -35.06 31.71 24.30
CA ILE C 255 -36.03 30.69 24.63
C ILE C 255 -35.37 29.33 24.74
N MET C 256 -34.44 29.00 23.84
CA MET C 256 -33.81 27.69 23.85
C MET C 256 -32.54 27.70 23.00
N THR C 257 -31.69 26.73 23.27
CA THR C 257 -30.45 26.54 22.55
C THR C 257 -30.66 25.47 21.48
N VAL C 258 -30.37 25.81 20.23
CA VAL C 258 -30.54 24.87 19.13
C VAL C 258 -29.17 24.58 18.56
N TRP C 259 -28.89 23.29 18.36
CA TRP C 259 -27.61 22.80 17.89
C TRP C 259 -27.69 22.39 16.43
N LEU C 260 -26.68 22.77 15.67
CA LEU C 260 -26.46 22.23 14.34
C LEU C 260 -25.17 21.45 14.43
N SER C 261 -25.24 20.14 14.18
CA SER C 261 -24.11 19.24 14.36
C SER C 261 -23.71 18.60 13.02
N THR C 262 -22.39 18.47 12.79
CA THR C 262 -21.88 17.69 11.67
C THR C 262 -21.19 16.39 12.14
N ALA C 263 -21.51 15.91 13.34
CA ALA C 263 -20.87 14.72 13.89
C ALA C 263 -21.27 13.47 13.10
N PRO C 264 -20.35 12.50 12.96
CA PRO C 264 -20.69 11.25 12.28
C PRO C 264 -21.81 10.47 12.96
N THR C 265 -22.14 10.78 14.20
CA THR C 265 -23.29 10.18 14.88
C THR C 265 -24.61 10.84 14.49
N GLU C 266 -24.57 11.88 13.66
CA GLU C 266 -25.70 12.72 13.32
C GLU C 266 -26.02 12.57 11.84
N PRO C 267 -27.20 13.00 11.38
CA PRO C 267 -27.50 12.90 9.95
C PRO C 267 -26.54 13.73 9.10
N LEU C 268 -26.20 13.20 7.93
CA LEU C 268 -25.21 13.80 7.05
C LEU C 268 -25.62 15.22 6.63
N THR C 269 -24.65 16.14 6.66
CA THR C 269 -24.80 17.46 6.07
C THR C 269 -23.83 17.57 4.89
N HIS C 270 -23.96 18.65 4.13
CA HIS C 270 -23.04 18.87 3.03
C HIS C 270 -21.62 19.18 3.50
N TRP C 271 -21.42 19.38 4.81
CA TRP C 271 -20.06 19.46 5.33
C TRP C 271 -19.42 18.09 5.54
N TYR C 272 -20.22 17.01 5.59
CA TYR C 272 -19.71 15.68 5.88
C TYR C 272 -18.81 15.70 7.12
N GLN C 273 -17.68 15.01 7.08
CA GLN C 273 -16.62 15.17 8.07
C GLN C 273 -15.29 15.28 7.33
N VAL C 274 -14.23 15.57 8.07
CA VAL C 274 -12.91 15.79 7.50
C VAL C 274 -11.89 14.95 8.26
N ARG C 275 -11.05 14.22 7.54
CA ARG C 275 -10.01 13.43 8.16
C ARG C 275 -8.63 13.81 7.63
N CYS C 276 -7.63 13.70 8.49
CA CYS C 276 -6.24 13.82 8.04
C CYS C 276 -5.54 12.48 8.26
N LEU C 277 -4.80 12.06 7.26
CA LEU C 277 -4.03 10.82 7.30
C LEU C 277 -2.63 11.11 7.79
N PHE C 278 -2.15 10.28 8.72
CA PHE C 278 -0.75 10.26 9.08
C PHE C 278 0.03 9.52 8.00
N GLN C 279 1.19 10.07 7.65
CA GLN C 279 2.07 9.39 6.70
C GLN C 279 2.44 8.00 7.22
N SER C 280 2.80 7.90 8.49
CA SER C 280 3.04 6.61 9.12
C SER C 280 2.05 6.49 10.27
N PRO C 281 1.17 5.49 10.24
CA PRO C 281 0.22 5.33 11.35
C PRO C 281 0.95 5.06 12.65
N LEU C 282 0.36 5.53 13.73
CA LEU C 282 0.88 5.28 15.06
C LEU C 282 0.17 4.09 15.66
N PHE C 283 0.93 3.18 16.26
CA PHE C 283 0.35 2.10 17.04
C PHE C 283 0.21 2.49 18.50
N ALA C 284 -0.92 2.12 19.09
CA ALA C 284 -1.19 2.38 20.49
C ALA C 284 -2.08 1.28 21.05
N LYS C 285 -1.75 0.83 22.25
CA LYS C 285 -2.61 -0.12 22.95
C LYS C 285 -3.71 0.63 23.69
N ALA C 286 -4.85 -0.03 23.87
CA ALA C 286 -5.94 0.57 24.63
C ALA C 286 -5.44 1.00 26.00
N GLY C 287 -5.86 2.19 26.45
CA GLY C 287 -5.38 2.76 27.68
C GLY C 287 -4.15 3.63 27.56
N ASP C 288 -3.46 3.63 26.42
CA ASP C 288 -2.41 4.60 26.15
C ASP C 288 -2.99 6.01 26.03
N THR C 289 -2.10 7.00 26.01
CA THR C 289 -2.51 8.37 25.71
C THR C 289 -1.85 8.83 24.42
N LEU C 290 -2.66 9.45 23.55
CA LEU C 290 -2.20 10.11 22.34
C LEU C 290 -2.42 11.60 22.51
N SER C 291 -1.33 12.36 22.57
CA SER C 291 -1.40 13.78 22.84
C SER C 291 -0.67 14.56 21.76
N GLY C 292 -0.94 15.85 21.71
CA GLY C 292 -0.28 16.71 20.74
C GLY C 292 -1.10 17.96 20.50
N THR C 293 -0.81 18.59 19.36
CA THR C 293 -1.37 19.88 19.00
C THR C 293 -1.85 19.86 17.55
N CYS C 294 -2.99 20.51 17.32
CA CYS C 294 -3.39 20.95 15.98
C CYS C 294 -3.22 22.47 15.91
N LEU C 295 -2.47 22.96 14.93
CA LEU C 295 -2.13 24.40 14.88
C LEU C 295 -2.62 25.01 13.57
N LEU C 296 -3.40 26.09 13.68
CA LEU C 296 -4.02 26.78 12.54
C LEU C 296 -3.41 28.16 12.38
N ILE C 297 -2.81 28.42 11.22
CA ILE C 297 -2.29 29.75 10.91
C ILE C 297 -2.91 30.24 9.61
N ALA C 298 -3.65 31.35 9.71
CA ALA C 298 -4.34 31.92 8.57
C ALA C 298 -3.34 32.38 7.50
N ASN C 299 -3.60 32.00 6.27
CA ASN C 299 -2.79 32.40 5.12
C ASN C 299 -3.59 33.35 4.24
N LYS C 300 -2.94 33.83 3.17
CA LYS C 300 -3.51 34.86 2.30
C LYS C 300 -4.37 34.29 1.18
N ARG C 301 -4.76 33.02 1.27
CA ARG C 301 -5.66 32.39 0.32
C ARG C 301 -7.01 32.07 0.97
N GLN C 302 -7.44 32.94 1.89
CA GLN C 302 -8.67 32.74 2.67
C GLN C 302 -8.75 31.34 3.24
N SER C 303 -7.62 30.83 3.72
CA SER C 303 -7.65 29.50 4.33
C SER C 303 -6.62 29.46 5.44
N TYR C 304 -6.16 28.25 5.78
CA TYR C 304 -5.31 28.02 6.93
C TYR C 304 -4.18 27.08 6.57
N ASP C 305 -2.97 27.45 6.95
CA ASP C 305 -1.91 26.46 7.11
C ASP C 305 -2.18 25.64 8.37
N ILE C 306 -2.23 24.33 8.21
CA ILE C 306 -2.62 23.42 9.29
C ILE C 306 -1.46 22.49 9.59
N SER C 307 -1.14 22.36 10.87
CA SER C 307 -0.07 21.50 11.34
C SER C 307 -0.64 20.58 12.42
N ILE C 308 -0.35 19.28 12.32
CA ILE C 308 -0.82 18.31 13.29
C ILE C 308 0.36 17.45 13.74
N VAL C 309 0.64 17.47 15.04
CA VAL C 309 1.63 16.60 15.66
C VAL C 309 0.92 15.73 16.68
N ALA C 310 1.11 14.40 16.58
CA ALA C 310 0.51 13.45 17.51
C ALA C 310 1.56 12.49 18.05
N GLN C 311 1.43 12.14 19.33
CA GLN C 311 2.41 11.33 20.04
C GLN C 311 1.71 10.31 20.92
N VAL C 312 2.03 9.04 20.71
CA VAL C 312 1.75 8.01 21.72
C VAL C 312 2.69 8.27 22.87
N ASP C 313 2.15 8.74 23.99
CA ASP C 313 3.02 9.19 25.09
C ASP C 313 3.79 8.02 25.70
N GLN C 314 3.25 6.81 25.66
CA GLN C 314 3.92 5.69 26.32
C GLN C 314 5.19 5.26 25.56
N THR C 315 5.23 5.43 24.24
CA THR C 315 6.39 5.01 23.46
C THR C 315 7.14 6.16 22.81
N GLY C 316 6.66 7.41 22.92
CA GLY C 316 7.30 8.50 22.22
C GLY C 316 7.24 8.40 20.70
N SER C 317 6.39 7.53 20.17
CA SER C 317 6.22 7.39 18.74
C SER C 317 5.39 8.56 18.19
N LYS C 318 5.90 9.20 17.14
CA LYS C 318 5.47 10.55 16.76
C LYS C 318 5.11 10.63 15.29
N SER C 319 4.01 11.33 14.99
CA SER C 319 3.58 11.62 13.64
C SER C 319 3.39 13.12 13.45
N SER C 320 4.01 13.65 12.40
CA SER C 320 4.07 15.08 12.11
C SER C 320 3.57 15.30 10.68
N ASN C 321 2.61 16.19 10.49
CA ASN C 321 2.04 16.34 9.16
C ASN C 321 1.46 17.73 8.93
N LEU C 322 1.18 18.02 7.66
CA LEU C 322 0.61 19.28 7.22
C LEU C 322 -0.68 19.02 6.46
N LEU C 323 -1.56 20.01 6.48
CA LEU C 323 -2.86 19.89 5.82
C LEU C 323 -3.03 21.06 4.88
N ASP C 324 -3.24 20.75 3.60
CA ASP C 324 -3.46 21.75 2.57
C ASP C 324 -4.96 21.78 2.30
N LEU C 325 -5.64 22.70 3.01
CA LEU C 325 -7.07 22.94 2.86
C LEU C 325 -7.45 23.36 1.44
N LYS C 326 -6.46 23.60 0.58
CA LYS C 326 -6.67 24.00 -0.79
C LYS C 326 -6.76 22.83 -1.75
N ASN C 327 -6.43 21.60 -1.31
CA ASN C 327 -6.40 20.44 -2.20
C ASN C 327 -7.14 19.25 -1.57
N PRO C 328 -8.40 19.45 -1.19
CA PRO C 328 -9.12 18.38 -0.49
C PRO C 328 -9.44 17.21 -1.41
N PHE C 329 -9.34 16.00 -0.85
CA PHE C 329 -9.78 14.80 -1.53
C PHE C 329 -11.24 14.54 -1.14
N PHE C 330 -12.16 14.77 -2.09
CA PHE C 330 -13.57 14.44 -1.90
C PHE C 330 -13.76 12.96 -2.23
N ARG C 331 -13.96 12.14 -1.20
CA ARG C 331 -14.07 10.70 -1.37
C ARG C 331 -15.52 10.23 -1.52
N TYR C 332 -16.48 11.02 -1.07
CA TYR C 332 -17.91 10.70 -1.15
C TYR C 332 -18.53 10.73 -2.57
N THR C 333 -17.96 11.58 -3.44
N ALA D 2 24.37 -27.59 3.28
CA ALA D 2 24.47 -28.93 2.71
C ALA D 2 24.26 -30.00 3.78
N VAL D 3 24.72 -29.71 4.99
CA VAL D 3 24.49 -30.66 6.08
C VAL D 3 23.05 -30.59 6.56
N GLN D 4 22.52 -29.37 6.78
CA GLN D 4 21.11 -29.22 7.10
C GLN D 4 20.22 -29.79 6.01
N TYR D 5 20.65 -29.67 4.76
CA TYR D 5 19.84 -30.16 3.65
C TYR D 5 19.61 -31.67 3.76
N PHE D 6 20.69 -32.43 3.90
CA PHE D 6 20.54 -33.88 4.03
C PHE D 6 19.94 -34.28 5.37
N GLN D 7 20.14 -33.47 6.41
CA GLN D 7 19.46 -33.72 7.69
C GLN D 7 17.95 -33.56 7.57
N PHE D 8 17.51 -32.62 6.75
CA PHE D 8 16.08 -32.41 6.56
C PHE D 8 15.41 -33.67 6.05
N TYR D 9 16.01 -34.32 5.07
CA TYR D 9 15.44 -35.52 4.49
C TYR D 9 15.57 -36.75 5.40
N GLY D 10 16.31 -36.66 6.51
CA GLY D 10 16.39 -37.75 7.46
C GLY D 10 15.22 -37.88 8.42
N TYR D 11 14.26 -36.95 8.39
CA TYR D 11 13.08 -37.04 9.24
C TYR D 11 12.00 -37.83 8.54
N LEU D 12 11.51 -38.87 9.22
CA LEU D 12 10.34 -39.60 8.74
C LEU D 12 9.14 -38.68 8.50
N SER D 13 8.94 -37.69 9.36
CA SER D 13 7.84 -36.73 9.17
C SER D 13 7.93 -36.06 7.81
N GLN D 14 9.14 -35.77 7.33
CA GLN D 14 9.28 -35.15 6.02
C GLN D 14 9.04 -36.15 4.90
N GLN D 15 9.48 -37.40 5.10
CA GLN D 15 9.11 -38.46 4.17
C GLN D 15 7.60 -38.64 4.11
N GLN D 16 6.94 -38.65 5.27
CA GLN D 16 5.49 -38.83 5.29
C GLN D 16 4.80 -37.71 4.51
N ASN D 17 5.35 -36.49 4.61
CA ASN D 17 4.82 -35.35 3.89
C ASN D 17 4.83 -35.56 2.39
N MET D 18 5.97 -36.01 1.86
CA MET D 18 6.05 -36.20 0.42
C MET D 18 5.21 -37.38 -0.04
N MET D 19 5.17 -38.44 0.77
CA MET D 19 4.41 -39.62 0.37
C MET D 19 2.91 -39.33 0.35
N GLN D 20 2.44 -38.46 1.23
CA GLN D 20 1.02 -38.16 1.29
C GLN D 20 0.56 -37.15 0.23
N ASP D 21 1.47 -36.60 -0.57
CA ASP D 21 1.05 -35.94 -1.80
C ASP D 21 0.58 -37.04 -2.75
N TYR D 22 -0.73 -37.27 -2.80
CA TYR D 22 -1.20 -38.40 -3.60
C TYR D 22 -1.00 -38.14 -5.09
N VAL D 23 -1.06 -36.88 -5.52
CA VAL D 23 -0.81 -36.55 -6.92
C VAL D 23 0.62 -36.92 -7.30
N ARG D 24 1.59 -36.53 -6.47
CA ARG D 24 2.98 -36.93 -6.70
C ARG D 24 3.15 -38.45 -6.63
N THR D 25 2.77 -39.06 -5.51
CA THR D 25 3.04 -40.48 -5.32
C THR D 25 2.29 -41.34 -6.33
N GLY D 26 1.02 -41.01 -6.56
CA GLY D 26 0.21 -41.79 -7.49
C GLY D 26 0.68 -41.68 -8.93
N THR D 27 1.21 -40.51 -9.32
CA THR D 27 1.64 -40.29 -10.68
C THR D 27 2.92 -41.04 -10.96
N TYR D 28 3.83 -41.06 -9.98
CA TYR D 28 5.03 -41.87 -10.11
C TYR D 28 4.69 -43.35 -10.27
N GLN D 29 3.75 -43.85 -9.46
CA GLN D 29 3.39 -45.25 -9.59
C GLN D 29 2.74 -45.54 -10.94
N ARG D 30 1.88 -44.63 -11.42
CA ARG D 30 1.31 -44.81 -12.75
C ARG D 30 2.40 -44.82 -13.82
N ALA D 31 3.38 -43.92 -13.72
CA ALA D 31 4.45 -43.85 -14.72
C ALA D 31 5.27 -45.14 -14.76
N ILE D 32 5.62 -45.67 -13.59
CA ILE D 32 6.45 -46.87 -13.57
C ILE D 32 5.63 -48.10 -13.94
N LEU D 33 4.46 -48.27 -13.32
CA LEU D 33 3.70 -49.50 -13.51
C LEU D 33 3.12 -49.59 -14.92
N GLN D 34 2.60 -48.47 -15.44
CA GLN D 34 2.05 -48.58 -16.77
C GLN D 34 3.15 -48.63 -17.83
N ASN D 35 4.40 -48.33 -17.45
CA ASN D 35 5.58 -48.59 -18.27
C ASN D 35 6.41 -49.75 -17.70
N HIS D 36 5.73 -50.83 -17.32
CA HIS D 36 6.38 -51.96 -16.65
C HIS D 36 7.43 -52.60 -17.56
N THR D 37 7.25 -52.52 -18.88
CA THR D 37 8.23 -53.10 -19.79
C THR D 37 9.59 -52.42 -19.69
N ASP D 38 9.61 -51.11 -19.36
CA ASP D 38 10.90 -50.44 -19.22
C ASP D 38 11.64 -50.88 -17.96
N PHE D 39 11.03 -51.71 -17.11
CA PHE D 39 11.67 -52.18 -15.89
C PHE D 39 11.81 -53.68 -15.82
N LYS D 40 10.99 -54.44 -16.55
CA LYS D 40 10.95 -55.89 -16.43
C LYS D 40 12.34 -56.47 -16.69
N ASP D 41 12.96 -57.01 -15.64
CA ASP D 41 14.28 -57.64 -15.68
C ASP D 41 15.37 -56.68 -16.12
N LYS D 42 15.18 -55.40 -15.86
CA LYS D 42 16.21 -54.40 -16.07
C LYS D 42 16.89 -54.08 -14.73
N ILE D 43 18.06 -53.48 -14.83
CA ILE D 43 18.77 -52.92 -13.67
C ILE D 43 18.35 -51.46 -13.57
N VAL D 44 18.02 -50.99 -12.36
CA VAL D 44 17.60 -49.60 -12.19
C VAL D 44 18.41 -48.95 -11.07
N LEU D 45 18.72 -47.66 -11.26
CA LEU D 45 19.34 -46.83 -10.24
C LEU D 45 18.32 -45.79 -9.78
N ASP D 46 18.20 -45.63 -8.46
CA ASP D 46 17.26 -44.71 -7.82
C ASP D 46 18.06 -43.70 -7.01
N VAL D 47 18.14 -42.47 -7.52
CA VAL D 47 18.95 -41.44 -6.90
C VAL D 47 18.13 -40.71 -5.84
N GLY D 48 18.63 -40.67 -4.61
CA GLY D 48 17.95 -40.00 -3.52
C GLY D 48 16.62 -40.65 -3.21
N CYS D 49 16.65 -41.92 -2.82
CA CYS D 49 15.43 -42.70 -2.74
C CYS D 49 14.67 -42.50 -1.43
N GLY D 50 15.26 -41.81 -0.45
CA GLY D 50 14.63 -41.63 0.84
C GLY D 50 14.10 -42.93 1.43
N SER D 51 12.80 -42.95 1.74
CA SER D 51 12.14 -44.14 2.26
C SER D 51 12.24 -45.33 1.31
N GLY D 52 12.53 -45.10 0.02
CA GLY D 52 12.65 -46.18 -0.93
C GLY D 52 11.43 -46.41 -1.79
N ILE D 53 10.45 -45.50 -1.73
CA ILE D 53 9.13 -45.76 -2.30
C ILE D 53 9.22 -46.08 -3.79
N LEU D 54 10.05 -45.36 -4.53
CA LEU D 54 10.11 -45.56 -5.97
C LEU D 54 10.77 -46.89 -6.32
N SER D 55 11.79 -47.27 -5.54
CA SER D 55 12.43 -48.58 -5.73
C SER D 55 11.42 -49.71 -5.59
N PHE D 56 10.49 -49.60 -4.63
CA PHE D 56 9.41 -50.56 -4.52
C PHE D 56 8.51 -50.53 -5.76
N PHE D 57 8.28 -49.34 -6.33
CA PHE D 57 7.51 -49.29 -7.57
C PHE D 57 8.25 -49.99 -8.70
N ALA D 58 9.55 -49.75 -8.82
CA ALA D 58 10.36 -50.48 -9.81
C ALA D 58 10.33 -51.98 -9.55
N ALA D 59 10.29 -52.38 -8.26
CA ALA D 59 10.19 -53.79 -7.93
C ALA D 59 8.83 -54.37 -8.34
N GLN D 60 7.74 -53.65 -8.03
CA GLN D 60 6.41 -54.08 -8.48
C GLN D 60 6.36 -54.25 -9.99
N ALA D 61 7.07 -53.40 -10.73
CA ALA D 61 7.09 -53.46 -12.19
C ALA D 61 8.01 -54.55 -12.74
N GLY D 62 8.76 -55.24 -11.90
CA GLY D 62 9.53 -56.39 -12.33
C GLY D 62 11.03 -56.21 -12.54
N ALA D 63 11.65 -55.19 -11.97
CA ALA D 63 13.09 -55.01 -12.15
C ALA D 63 13.88 -56.17 -11.56
N ARG D 64 14.99 -56.53 -12.21
CA ARG D 64 15.86 -57.57 -11.65
C ARG D 64 16.60 -57.03 -10.42
N LYS D 65 17.18 -55.85 -10.53
CA LYS D 65 17.95 -55.27 -9.43
C LYS D 65 17.77 -53.76 -9.40
N ILE D 66 17.75 -53.19 -8.21
CA ILE D 66 17.56 -51.76 -7.99
C ILE D 66 18.61 -51.31 -6.99
N TYR D 67 19.51 -50.40 -7.41
CA TYR D 67 20.41 -49.72 -6.50
C TYR D 67 19.74 -48.42 -6.06
N ALA D 68 19.52 -48.30 -4.76
CA ALA D 68 18.83 -47.15 -4.18
C ALA D 68 19.86 -46.35 -3.38
N VAL D 69 20.36 -45.28 -3.96
CA VAL D 69 21.34 -44.43 -3.33
C VAL D 69 20.62 -43.36 -2.54
N GLU D 70 21.00 -43.21 -1.27
CA GLU D 70 20.44 -42.19 -0.38
C GLU D 70 21.52 -41.73 0.59
N ALA D 71 21.78 -40.42 0.63
CA ALA D 71 22.85 -39.87 1.46
C ALA D 71 22.43 -39.56 2.89
N SER D 72 21.15 -39.42 3.18
CA SER D 72 20.73 -39.10 4.54
C SER D 72 20.56 -40.39 5.35
N THR D 73 20.35 -40.22 6.65
CA THR D 73 20.16 -41.36 7.54
C THR D 73 18.87 -42.13 7.23
N MET D 74 17.96 -41.53 6.45
CA MET D 74 16.80 -42.25 5.94
C MET D 74 17.18 -43.57 5.29
N ALA D 75 18.42 -43.71 4.83
CA ALA D 75 18.84 -44.92 4.14
C ALA D 75 18.67 -46.15 5.01
N GLN D 76 18.88 -46.01 6.32
CA GLN D 76 18.73 -47.15 7.22
C GLN D 76 17.27 -47.55 7.37
N HIS D 77 16.37 -46.57 7.39
CA HIS D 77 14.94 -46.88 7.38
C HIS D 77 14.55 -47.58 6.09
N ALA D 78 15.12 -47.16 4.97
CA ALA D 78 14.79 -47.81 3.71
C ALA D 78 15.19 -49.29 3.73
N GLU D 79 16.35 -49.62 4.32
CA GLU D 79 16.72 -51.03 4.41
C GLU D 79 15.78 -51.82 5.33
N VAL D 80 15.32 -51.21 6.43
CA VAL D 80 14.28 -51.84 7.24
C VAL D 80 13.08 -52.21 6.37
N LEU D 81 12.66 -51.30 5.48
CA LEU D 81 11.48 -51.57 4.65
C LEU D 81 11.74 -52.64 3.60
N VAL D 82 12.94 -52.64 3.00
CA VAL D 82 13.29 -53.68 2.04
C VAL D 82 13.21 -55.07 2.68
N LYS D 83 13.75 -55.20 3.89
CA LYS D 83 13.70 -56.49 4.61
C LYS D 83 12.28 -56.85 5.00
N SER D 84 11.54 -55.90 5.58
CA SER D 84 10.18 -56.23 6.01
C SER D 84 9.25 -56.51 4.84
N ASN D 85 9.58 -56.07 3.63
CA ASN D 85 8.82 -56.42 2.44
C ASN D 85 9.44 -57.56 1.63
N ASN D 86 10.44 -58.27 2.17
CA ASN D 86 11.06 -59.43 1.50
C ASN D 86 11.52 -59.11 0.07
N LEU D 87 12.31 -58.05 -0.08
CA LEU D 87 12.79 -57.66 -1.40
C LEU D 87 14.31 -57.47 -1.41
N THR D 88 15.00 -58.12 -0.46
CA THR D 88 16.46 -58.05 -0.36
C THR D 88 17.16 -58.63 -1.59
N ASP D 89 16.52 -59.56 -2.29
CA ASP D 89 17.06 -60.09 -3.54
C ASP D 89 16.97 -59.10 -4.71
N ARG D 90 16.25 -57.99 -4.56
CA ARG D 90 16.04 -57.11 -5.72
C ARG D 90 16.38 -55.65 -5.45
N ILE D 91 16.32 -55.21 -4.20
CA ILE D 91 16.60 -53.83 -3.85
C ILE D 91 17.81 -53.77 -2.95
N VAL D 92 18.85 -53.08 -3.41
CA VAL D 92 20.11 -52.91 -2.67
C VAL D 92 20.24 -51.43 -2.32
N VAL D 93 20.22 -51.13 -1.04
CA VAL D 93 20.40 -49.76 -0.56
C VAL D 93 21.90 -49.45 -0.49
N ILE D 94 22.33 -48.45 -1.24
CA ILE D 94 23.73 -48.01 -1.19
C ILE D 94 23.78 -46.67 -0.47
N PRO D 95 24.24 -46.62 0.78
CA PRO D 95 24.30 -45.33 1.49
C PRO D 95 25.43 -44.46 0.97
N GLY D 96 25.12 -43.18 0.71
CA GLY D 96 26.09 -42.19 0.32
C GLY D 96 25.52 -41.23 -0.72
N LYS D 97 26.41 -40.38 -1.26
CA LYS D 97 26.07 -39.50 -2.38
C LYS D 97 26.32 -40.20 -3.71
N VAL D 98 25.46 -39.91 -4.70
CA VAL D 98 25.57 -40.57 -6.00
C VAL D 98 26.91 -40.26 -6.66
N GLU D 99 27.50 -39.12 -6.31
CA GLU D 99 28.78 -38.72 -6.89
C GLU D 99 29.95 -39.39 -6.20
N GLU D 100 29.75 -40.03 -5.05
CA GLU D 100 30.83 -40.65 -4.30
C GLU D 100 30.75 -42.18 -4.26
N VAL D 101 29.57 -42.77 -4.33
CA VAL D 101 29.47 -44.22 -4.19
C VAL D 101 29.97 -44.92 -5.45
N SER D 102 30.32 -46.19 -5.31
CA SER D 102 30.65 -47.06 -6.43
C SER D 102 29.50 -48.03 -6.67
N LEU D 103 29.05 -48.14 -7.93
CA LEU D 103 28.08 -49.18 -8.24
C LEU D 103 28.75 -50.31 -9.01
N PRO D 104 28.32 -51.57 -8.78
CA PRO D 104 28.97 -52.69 -9.45
C PRO D 104 28.72 -52.79 -10.96
N GLU D 105 27.74 -52.09 -11.52
CA GLU D 105 27.42 -52.26 -12.94
C GLU D 105 26.68 -51.03 -13.44
N GLN D 106 26.53 -50.95 -14.76
CA GLN D 106 25.69 -49.93 -15.37
C GLN D 106 24.21 -50.30 -15.26
N VAL D 107 23.35 -49.29 -15.31
CA VAL D 107 21.92 -49.51 -15.17
C VAL D 107 21.22 -49.19 -16.49
N ASP D 108 20.03 -49.75 -16.64
CA ASP D 108 19.18 -49.54 -17.80
C ASP D 108 18.32 -48.28 -17.70
N ILE D 109 18.11 -47.76 -16.50
CA ILE D 109 17.17 -46.65 -16.30
C ILE D 109 17.46 -46.02 -14.95
N ILE D 110 17.36 -44.71 -14.89
CA ILE D 110 17.47 -43.99 -13.64
C ILE D 110 16.11 -43.42 -13.27
N ILE D 111 15.75 -43.58 -12.00
CA ILE D 111 14.55 -42.95 -11.48
C ILE D 111 14.99 -42.04 -10.34
N SER D 112 14.27 -40.92 -10.20
CA SER D 112 14.55 -39.97 -9.15
C SER D 112 13.34 -39.06 -9.00
N GLU D 113 13.38 -38.25 -7.96
CA GLU D 113 12.45 -37.13 -7.80
C GLU D 113 13.27 -35.88 -7.51
N PRO D 114 13.90 -35.31 -8.53
CA PRO D 114 14.82 -34.18 -8.33
C PRO D 114 14.18 -32.79 -8.37
N MET D 115 12.85 -32.69 -8.31
CA MET D 115 12.17 -31.42 -8.48
C MET D 115 11.98 -30.77 -7.11
N GLY D 116 12.56 -29.57 -6.94
CA GLY D 116 12.18 -28.66 -5.89
C GLY D 116 11.22 -27.60 -6.41
N TYR D 117 10.97 -26.60 -5.55
CA TYR D 117 10.23 -25.42 -5.98
C TYR D 117 10.82 -24.86 -7.27
N MET D 118 9.94 -24.42 -8.17
CA MET D 118 10.33 -23.93 -9.48
C MET D 118 11.13 -24.96 -10.28
N LEU D 119 10.96 -26.25 -9.96
CA LEU D 119 11.70 -27.36 -10.56
C LEU D 119 13.16 -27.40 -10.09
N PHE D 120 13.87 -26.27 -10.15
CA PHE D 120 15.32 -26.25 -10.04
C PHE D 120 15.84 -26.11 -8.60
N ASN D 121 15.04 -25.59 -7.68
CA ASN D 121 15.49 -25.45 -6.30
C ASN D 121 15.95 -26.79 -5.74
N GLU D 122 16.90 -26.72 -4.79
CA GLU D 122 17.55 -27.84 -4.11
C GLU D 122 18.69 -28.41 -4.93
N ARG D 123 18.67 -28.19 -6.25
CA ARG D 123 19.76 -28.54 -7.16
C ARG D 123 20.04 -30.03 -7.22
N MET D 124 19.04 -30.85 -6.86
CA MET D 124 19.14 -32.30 -7.05
C MET D 124 19.21 -32.69 -8.51
N LEU D 125 18.84 -31.79 -9.40
CA LEU D 125 18.91 -32.07 -10.83
C LEU D 125 20.35 -32.32 -11.26
N GLU D 126 21.32 -31.71 -10.57
CA GLU D 126 22.72 -31.94 -10.91
C GLU D 126 23.17 -33.33 -10.49
N SER D 127 22.75 -33.77 -9.30
CA SER D 127 23.01 -35.16 -8.90
C SER D 127 22.31 -36.14 -9.82
N TYR D 128 21.06 -35.82 -10.22
CA TYR D 128 20.32 -36.70 -11.13
C TYR D 128 21.10 -36.91 -12.43
N LEU D 129 21.69 -35.84 -12.97
CA LEU D 129 22.40 -35.92 -14.23
C LEU D 129 23.78 -36.54 -14.05
N HIS D 130 24.45 -36.23 -12.94
CA HIS D 130 25.71 -36.89 -12.62
C HIS D 130 25.60 -38.41 -12.66
N ALA D 131 24.51 -38.96 -12.11
CA ALA D 131 24.31 -40.41 -12.12
C ALA D 131 24.30 -41.00 -13.52
N LYS D 132 24.17 -40.16 -14.56
CA LYS D 132 24.17 -40.67 -15.92
C LYS D 132 25.50 -41.32 -16.31
N LYS D 133 26.55 -41.09 -15.51
CA LYS D 133 27.79 -41.84 -15.66
C LYS D 133 27.58 -43.35 -15.48
N TYR D 134 26.51 -43.76 -14.79
CA TYR D 134 26.17 -45.17 -14.66
C TYR D 134 25.14 -45.64 -15.68
N LEU D 135 24.69 -44.76 -16.56
CA LEU D 135 23.61 -45.09 -17.48
C LEU D 135 24.19 -45.77 -18.71
N LYS D 136 23.68 -46.96 -19.02
CA LYS D 136 24.03 -47.59 -20.28
C LYS D 136 23.61 -46.69 -21.45
N PRO D 137 24.30 -46.80 -22.58
CA PRO D 137 23.82 -46.15 -23.79
C PRO D 137 22.38 -46.56 -24.06
N SER D 138 21.60 -45.65 -24.62
CA SER D 138 20.18 -45.89 -24.89
C SER D 138 19.37 -46.21 -23.63
N GLY D 139 19.93 -45.94 -22.43
CA GLY D 139 19.15 -46.04 -21.22
C GLY D 139 18.22 -44.84 -21.03
N ASN D 140 17.22 -45.02 -20.17
CA ASN D 140 16.16 -44.03 -19.99
C ASN D 140 16.28 -43.33 -18.64
N MET D 141 15.59 -42.20 -18.55
CA MET D 141 15.48 -41.37 -17.35
C MET D 141 14.01 -41.18 -17.02
N PHE D 142 13.66 -41.35 -15.74
CA PHE D 142 12.30 -41.13 -15.24
C PHE D 142 12.39 -40.16 -14.07
N PRO D 143 12.00 -38.89 -14.25
CA PRO D 143 11.46 -38.20 -15.43
C PRO D 143 12.47 -38.00 -16.56
N THR D 144 11.96 -37.97 -17.79
CA THR D 144 12.76 -37.75 -18.98
C THR D 144 12.99 -36.27 -19.30
N ILE D 145 11.96 -35.44 -19.14
CA ILE D 145 12.05 -34.02 -19.45
C ILE D 145 11.29 -33.23 -18.40
N GLY D 146 11.73 -32.01 -18.18
CA GLY D 146 11.00 -31.06 -17.36
C GLY D 146 10.68 -29.82 -18.18
N ASP D 147 9.44 -29.32 -18.04
CA ASP D 147 8.99 -28.09 -18.68
C ASP D 147 8.77 -27.04 -17.60
N VAL D 148 9.57 -25.98 -17.62
CA VAL D 148 9.29 -24.79 -16.81
C VAL D 148 8.33 -23.90 -17.59
N HIS D 149 7.27 -23.45 -16.92
CA HIS D 149 6.29 -22.55 -17.50
C HIS D 149 6.34 -21.21 -16.78
N LEU D 150 6.41 -20.13 -17.56
CA LEU D 150 6.35 -18.74 -17.10
C LEU D 150 5.15 -18.02 -17.69
N ALA D 151 4.44 -17.26 -16.84
CA ALA D 151 3.34 -16.42 -17.31
C ALA D 151 3.20 -15.18 -16.46
N PRO D 152 2.98 -14.00 -17.06
CA PRO D 152 2.76 -12.78 -16.27
C PRO D 152 1.37 -12.79 -15.63
N PHE D 153 1.27 -12.13 -14.48
CA PHE D 153 0.03 -12.15 -13.70
C PHE D 153 -0.24 -10.80 -13.07
N THR D 154 -1.51 -10.60 -12.69
CA THR D 154 -1.94 -9.41 -11.97
C THR D 154 -2.53 -9.83 -10.63
N ASP D 155 -2.05 -9.20 -9.55
CA ASP D 155 -2.54 -9.48 -8.20
C ASP D 155 -2.22 -8.29 -7.30
N GLU D 156 -3.08 -7.27 -7.34
CA GLU D 156 -2.86 -6.07 -6.54
C GLU D 156 -2.77 -6.41 -5.06
N GLN D 157 -3.61 -7.34 -4.60
CA GLN D 157 -3.64 -7.67 -3.19
C GLN D 157 -2.30 -8.23 -2.71
N LEU D 158 -1.71 -9.17 -3.47
CA LEU D 158 -0.42 -9.71 -3.08
C LEU D 158 0.66 -8.63 -3.11
N TYR D 159 0.61 -7.76 -4.11
CA TYR D 159 1.64 -6.73 -4.25
C TYR D 159 1.66 -5.80 -3.05
N MET D 160 0.51 -5.25 -2.70
CA MET D 160 0.47 -4.33 -1.57
C MET D 160 0.65 -5.06 -0.25
N GLU D 161 0.33 -6.35 -0.19
CA GLU D 161 0.54 -7.13 1.03
C GLU D 161 2.02 -7.22 1.38
N GLN D 162 2.89 -7.37 0.38
CA GLN D 162 4.32 -7.32 0.64
C GLN D 162 4.81 -5.90 0.87
N PHE D 163 4.01 -4.89 0.48
CA PHE D 163 4.36 -3.51 0.76
C PHE D 163 4.04 -3.12 2.20
N THR D 164 2.83 -3.40 2.66
CA THR D 164 2.51 -3.08 4.04
C THR D 164 3.49 -3.74 5.00
N LYS D 165 3.99 -4.93 4.67
CA LYS D 165 5.09 -5.52 5.44
C LYS D 165 6.35 -4.68 5.30
N ALA D 166 6.73 -4.35 4.05
CA ALA D 166 8.00 -3.67 3.83
C ALA D 166 7.96 -2.24 4.37
N ASN D 167 6.77 -1.66 4.45
CA ASN D 167 6.61 -0.27 4.86
C ASN D 167 6.80 -0.05 6.35
N PHE D 168 6.93 -1.14 7.12
CA PHE D 168 7.35 -1.04 8.51
C PHE D 168 8.62 -0.20 8.64
N TRP D 169 9.57 -0.40 7.72
CA TRP D 169 10.82 0.33 7.71
C TRP D 169 10.73 1.70 7.03
N TYR D 170 9.52 2.17 6.70
CA TYR D 170 9.34 3.58 6.33
C TYR D 170 8.95 4.44 7.54
N GLN D 171 8.72 3.83 8.68
CA GLN D 171 8.35 4.57 9.89
C GLN D 171 9.43 5.57 10.28
N PRO D 172 9.07 6.84 10.48
CA PRO D 172 10.03 7.81 10.99
C PRO D 172 10.12 7.90 12.50
N SER D 173 9.22 7.25 13.25
CA SER D 173 9.29 7.33 14.70
C SER D 173 8.70 6.07 15.32
N PHE D 174 9.38 4.94 15.12
CA PHE D 174 9.01 3.69 15.78
C PHE D 174 9.56 3.73 17.21
N HIS D 175 8.67 3.76 18.19
CA HIS D 175 9.02 3.78 19.62
C HIS D 175 9.98 4.92 19.94
N GLY D 176 9.47 6.13 19.77
CA GLY D 176 10.33 7.29 19.95
C GLY D 176 11.35 7.28 18.85
N VAL D 177 12.27 8.26 18.85
CA VAL D 177 13.36 8.43 17.88
C VAL D 177 13.16 7.45 16.71
N ASP D 178 14.16 6.61 16.48
CA ASP D 178 14.10 5.51 15.53
C ASP D 178 13.31 5.90 14.30
N LEU D 179 13.86 6.88 13.61
CA LEU D 179 13.71 6.97 12.18
C LEU D 179 14.28 5.67 11.63
N SER D 180 13.42 4.76 11.20
CA SER D 180 13.89 3.58 10.49
C SER D 180 14.03 3.84 8.99
N ALA D 181 13.62 5.02 8.52
CA ALA D 181 13.27 5.24 7.12
C ALA D 181 14.38 4.86 6.13
N LEU D 182 15.66 4.90 6.52
CA LEU D 182 16.68 4.57 5.52
C LEU D 182 16.67 3.09 5.14
N ARG D 183 15.48 2.44 4.99
CA ARG D 183 15.35 1.11 4.38
C ARG D 183 14.35 1.12 3.22
N GLY D 184 14.88 1.14 2.00
CA GLY D 184 14.41 0.35 0.90
C GLY D 184 15.25 -0.91 0.76
N ALA D 185 16.23 -1.08 1.65
CA ALA D 185 16.83 -2.40 1.81
C ALA D 185 15.78 -3.39 2.32
N ALA D 186 14.81 -2.91 3.10
CA ALA D 186 13.67 -3.73 3.47
C ALA D 186 12.88 -4.17 2.24
N VAL D 187 12.58 -3.22 1.35
CA VAL D 187 11.84 -3.55 0.13
C VAL D 187 12.68 -4.48 -0.76
N ASP D 188 13.99 -4.24 -0.81
CA ASP D 188 14.87 -5.18 -1.51
C ASP D 188 14.79 -6.58 -0.92
N GLU D 189 14.83 -6.69 0.41
CA GLU D 189 14.80 -8.02 1.02
C GLU D 189 13.44 -8.68 0.84
N TYR D 190 12.36 -7.90 1.04
CA TYR D 190 11.03 -8.49 0.96
C TYR D 190 10.74 -9.01 -0.45
N PHE D 191 11.05 -8.21 -1.46
CA PHE D 191 10.70 -8.59 -2.82
C PHE D 191 11.69 -9.57 -3.43
N ARG D 192 12.69 -10.02 -2.69
CA ARG D 192 13.56 -11.08 -3.13
C ARG D 192 13.02 -12.46 -2.81
N GLN D 193 11.94 -12.56 -2.03
CA GLN D 193 11.48 -13.89 -1.65
C GLN D 193 10.33 -14.32 -2.55
N PRO D 194 10.47 -15.43 -3.25
CA PRO D 194 9.35 -15.95 -4.04
C PRO D 194 8.18 -16.31 -3.15
N VAL D 195 6.98 -16.15 -3.71
CA VAL D 195 5.73 -16.45 -3.01
C VAL D 195 5.26 -17.82 -3.48
N VAL D 196 5.25 -18.79 -2.56
CA VAL D 196 4.76 -20.13 -2.85
C VAL D 196 3.35 -20.23 -2.29
N ASP D 197 2.38 -20.43 -3.18
CA ASP D 197 0.97 -20.67 -2.85
C ASP D 197 0.27 -20.93 -4.16
N THR D 198 -0.99 -21.31 -4.10
CA THR D 198 -1.72 -21.49 -5.34
C THR D 198 -2.46 -20.20 -5.68
N PHE D 199 -3.09 -20.18 -6.85
CA PHE D 199 -3.81 -18.99 -7.26
C PHE D 199 -4.85 -19.36 -8.31
N ASP D 200 -5.83 -18.48 -8.48
CA ASP D 200 -6.84 -18.61 -9.51
C ASP D 200 -6.21 -18.29 -10.86
N ILE D 201 -6.50 -19.12 -11.86
CA ILE D 201 -5.92 -19.00 -13.19
C ILE D 201 -6.27 -17.68 -13.87
N ARG D 202 -7.34 -17.02 -13.46
CA ARG D 202 -7.75 -15.79 -14.13
C ARG D 202 -6.80 -14.62 -13.90
N ILE D 203 -5.80 -14.77 -13.03
CA ILE D 203 -4.86 -13.67 -12.84
C ILE D 203 -3.79 -13.66 -13.91
N LEU D 204 -3.71 -14.69 -14.74
CA LEU D 204 -2.73 -14.72 -15.82
C LEU D 204 -3.11 -13.76 -16.93
N MET D 205 -2.11 -13.07 -17.48
CA MET D 205 -2.32 -12.04 -18.49
C MET D 205 -1.85 -12.44 -19.89
N ALA D 206 -1.22 -13.59 -20.04
CA ALA D 206 -0.84 -14.09 -21.36
C ALA D 206 -0.77 -15.62 -21.29
N LYS D 207 -0.61 -16.23 -22.46
CA LYS D 207 -0.28 -17.65 -22.49
C LYS D 207 1.11 -17.86 -21.89
N SER D 208 1.30 -18.98 -21.21
CA SER D 208 2.60 -19.21 -20.60
C SER D 208 3.66 -19.51 -21.67
N VAL D 209 4.91 -19.19 -21.34
CA VAL D 209 6.07 -19.56 -22.14
C VAL D 209 6.67 -20.82 -21.53
N LYS D 210 7.01 -21.79 -22.37
CA LYS D 210 7.56 -23.08 -21.93
C LYS D 210 9.06 -23.13 -22.17
N TYR D 211 9.83 -23.56 -21.16
CA TYR D 211 11.26 -23.81 -21.30
C TYR D 211 11.54 -25.25 -20.88
N THR D 212 12.22 -26.00 -21.74
CA THR D 212 12.32 -27.45 -21.64
C THR D 212 13.76 -27.85 -21.39
N VAL D 213 14.00 -28.57 -20.29
CA VAL D 213 15.27 -29.27 -20.09
C VAL D 213 15.07 -30.76 -20.37
N ASN D 214 15.88 -31.29 -21.27
CA ASN D 214 15.86 -32.71 -21.61
C ASN D 214 16.94 -33.41 -20.76
N PHE D 215 16.49 -34.22 -19.79
CA PHE D 215 17.45 -34.85 -18.89
C PHE D 215 18.30 -35.90 -19.59
N LEU D 216 17.75 -36.58 -20.59
CA LEU D 216 18.55 -37.46 -21.44
C LEU D 216 19.76 -36.74 -22.03
N GLU D 217 19.69 -35.42 -22.21
CA GLU D 217 20.72 -34.69 -22.93
C GLU D 217 21.45 -33.65 -22.09
N ALA D 218 20.86 -33.12 -21.03
CA ALA D 218 21.54 -32.14 -20.22
C ALA D 218 22.81 -32.73 -19.57
N LYS D 219 23.84 -31.90 -19.46
CA LYS D 219 25.02 -32.19 -18.67
C LYS D 219 24.88 -31.46 -17.34
N GLU D 220 25.55 -31.95 -16.30
CA GLU D 220 25.34 -31.36 -14.98
C GLU D 220 25.72 -29.89 -14.96
N GLY D 221 26.81 -29.53 -15.66
CA GLY D 221 27.18 -28.13 -15.71
C GLY D 221 26.15 -27.21 -16.35
N ASP D 222 25.28 -27.76 -17.20
CA ASP D 222 24.23 -26.97 -17.85
C ASP D 222 23.30 -26.27 -16.85
N LEU D 223 23.20 -26.78 -15.63
CA LEU D 223 22.33 -26.22 -14.62
C LEU D 223 23.04 -25.25 -13.69
N HIS D 224 24.29 -24.89 -14.01
CA HIS D 224 24.95 -23.80 -13.30
C HIS D 224 24.30 -22.47 -13.62
N ARG D 225 23.96 -22.25 -14.89
CA ARG D 225 23.40 -20.99 -15.38
C ARG D 225 22.26 -21.31 -16.32
N ILE D 226 21.07 -20.78 -16.04
CA ILE D 226 19.88 -21.09 -16.85
C ILE D 226 19.26 -19.79 -17.34
N GLU D 227 19.40 -19.50 -18.63
CA GLU D 227 18.82 -18.32 -19.25
C GLU D 227 17.47 -18.66 -19.88
N ILE D 228 16.42 -17.98 -19.45
CA ILE D 228 15.08 -18.17 -20.00
C ILE D 228 14.62 -16.85 -20.61
N PRO D 229 14.82 -16.63 -21.91
CA PRO D 229 14.16 -15.51 -22.57
C PRO D 229 12.67 -15.79 -22.69
N PHE D 230 11.88 -14.73 -22.58
CA PHE D 230 10.44 -14.85 -22.74
C PHE D 230 9.92 -13.69 -23.59
N LYS D 231 8.82 -13.95 -24.26
CA LYS D 231 8.14 -12.91 -25.04
C LYS D 231 6.66 -13.24 -24.92
N PHE D 232 5.92 -12.41 -24.20
CA PHE D 232 4.50 -12.63 -23.98
C PHE D 232 3.71 -11.73 -24.91
N HIS D 233 2.66 -12.30 -25.49
CA HIS D 233 1.64 -11.55 -26.20
C HIS D 233 0.49 -11.33 -25.22
N MET D 234 0.38 -10.10 -24.72
CA MET D 234 -0.59 -9.80 -23.67
C MET D 234 -2.01 -9.98 -24.17
N LEU D 235 -2.85 -10.60 -23.34
CA LEU D 235 -4.23 -10.89 -23.68
C LEU D 235 -5.24 -9.96 -23.01
N HIS D 236 -4.90 -9.41 -21.85
CA HIS D 236 -5.74 -8.44 -21.19
C HIS D 236 -4.89 -7.25 -20.78
N SER D 237 -5.51 -6.07 -20.73
CA SER D 237 -4.79 -4.88 -20.28
C SER D 237 -4.79 -4.82 -18.76
N GLY D 238 -3.81 -4.11 -18.22
CA GLY D 238 -3.74 -3.87 -16.80
C GLY D 238 -2.32 -3.90 -16.29
N LEU D 239 -2.18 -4.04 -14.97
CA LEU D 239 -0.88 -4.00 -14.30
C LEU D 239 -0.30 -5.39 -14.15
N VAL D 240 0.94 -5.55 -14.57
CA VAL D 240 1.69 -6.78 -14.35
C VAL D 240 2.51 -6.64 -13.07
N HIS D 241 2.19 -7.45 -12.07
CA HIS D 241 2.92 -7.42 -10.80
C HIS D 241 4.04 -8.46 -10.71
N GLY D 242 4.18 -9.34 -11.71
CA GLY D 242 5.33 -10.23 -11.75
C GLY D 242 5.09 -11.41 -12.68
N LEU D 243 5.90 -12.46 -12.49
CA LEU D 243 5.83 -13.69 -13.27
C LEU D 243 5.45 -14.86 -12.38
N ALA D 244 4.49 -15.66 -12.82
CA ALA D 244 4.16 -16.92 -12.17
C ALA D 244 4.91 -18.07 -12.84
N PHE D 245 5.36 -19.04 -12.03
CA PHE D 245 6.18 -20.16 -12.46
C PHE D 245 5.55 -21.48 -12.01
N TRP D 246 5.63 -22.49 -12.89
CA TRP D 246 5.28 -23.86 -12.53
C TRP D 246 5.94 -24.80 -13.54
N PHE D 247 5.92 -26.09 -13.22
CA PHE D 247 6.64 -27.06 -14.03
C PHE D 247 5.81 -28.32 -14.25
N ASP D 248 6.03 -28.93 -15.42
CA ASP D 248 5.56 -30.28 -15.71
C ASP D 248 6.78 -31.15 -16.01
N VAL D 249 6.77 -32.38 -15.49
CA VAL D 249 7.76 -33.37 -15.91
C VAL D 249 7.04 -34.51 -16.62
N ALA D 250 7.74 -35.11 -17.58
CA ALA D 250 7.20 -36.21 -18.36
C ALA D 250 8.07 -37.44 -18.19
N PHE D 251 7.41 -38.58 -17.94
CA PHE D 251 8.05 -39.90 -17.96
C PHE D 251 7.71 -40.54 -19.30
N ILE D 252 8.68 -40.54 -20.21
CA ILE D 252 8.45 -41.03 -21.57
C ILE D 252 8.93 -42.48 -21.60
N GLY D 253 7.98 -43.40 -21.37
CA GLY D 253 8.26 -44.83 -21.43
C GLY D 253 7.81 -45.44 -22.75
N SER D 254 8.21 -46.70 -22.96
CA SER D 254 7.93 -47.37 -24.23
C SER D 254 6.44 -47.61 -24.46
N ILE D 255 5.61 -47.53 -23.41
CA ILE D 255 4.21 -47.87 -23.52
C ILE D 255 3.39 -46.60 -23.50
N MET D 256 3.91 -45.57 -22.83
CA MET D 256 3.11 -44.41 -22.55
C MET D 256 3.97 -43.27 -22.00
N THR D 257 3.59 -42.05 -22.35
CA THR D 257 4.07 -40.85 -21.66
C THR D 257 3.11 -40.51 -20.53
N VAL D 258 3.64 -40.27 -19.35
CA VAL D 258 2.84 -39.90 -18.19
C VAL D 258 3.37 -38.58 -17.68
N TRP D 259 2.45 -37.65 -17.41
CA TRP D 259 2.79 -36.27 -17.08
C TRP D 259 2.50 -36.01 -15.61
N LEU D 260 3.43 -35.35 -14.94
CA LEU D 260 3.21 -34.83 -13.58
C LEU D 260 3.24 -33.32 -13.67
N SER D 261 2.09 -32.69 -13.41
CA SER D 261 1.92 -31.26 -13.62
C SER D 261 1.67 -30.56 -12.28
N THR D 262 2.37 -29.45 -12.07
CA THR D 262 2.08 -28.52 -10.99
C THR D 262 1.38 -27.24 -11.50
N ALA D 263 0.79 -27.29 -12.70
CA ALA D 263 0.07 -26.14 -13.23
C ALA D 263 -1.13 -25.78 -12.35
N PRO D 264 -1.46 -24.48 -12.24
CA PRO D 264 -2.65 -24.09 -11.47
C PRO D 264 -3.97 -24.59 -12.06
N THR D 265 -3.99 -25.00 -13.33
CA THR D 265 -5.16 -25.67 -13.86
C THR D 265 -5.28 -27.12 -13.40
N GLU D 266 -4.25 -27.66 -12.81
CA GLU D 266 -4.20 -29.06 -12.42
C GLU D 266 -4.40 -29.20 -10.93
N PRO D 267 -4.69 -30.41 -10.44
CA PRO D 267 -4.84 -30.58 -8.98
C PRO D 267 -3.55 -30.23 -8.25
N LEU D 268 -3.72 -29.68 -7.07
CA LEU D 268 -2.63 -29.09 -6.30
C LEU D 268 -1.69 -30.16 -5.73
N THR D 269 -0.39 -29.84 -5.72
CA THR D 269 0.65 -30.67 -5.17
C THR D 269 1.38 -29.86 -4.09
N HIS D 270 2.25 -30.53 -3.33
CA HIS D 270 3.07 -29.83 -2.33
C HIS D 270 4.03 -28.82 -2.96
N TRP D 271 4.20 -28.84 -4.28
CA TRP D 271 5.00 -27.82 -4.93
C TRP D 271 4.24 -26.50 -5.13
N TYR D 272 2.90 -26.55 -5.07
CA TYR D 272 2.05 -25.39 -5.38
C TYR D 272 2.48 -24.70 -6.67
N GLN D 273 2.56 -23.38 -6.64
CA GLN D 273 3.13 -22.59 -7.72
C GLN D 273 3.99 -21.51 -7.09
N VAL D 274 4.80 -20.85 -7.91
CA VAL D 274 5.73 -19.84 -7.43
C VAL D 274 5.51 -18.54 -8.21
N ARG D 275 5.36 -17.44 -7.50
CA ARG D 275 5.27 -16.13 -8.12
C ARG D 275 6.43 -15.26 -7.65
N CYS D 276 7.00 -14.51 -8.60
CA CYS D 276 7.99 -13.49 -8.31
C CYS D 276 7.36 -12.13 -8.54
N LEU D 277 7.38 -11.28 -7.51
CA LEU D 277 6.84 -9.94 -7.60
C LEU D 277 7.86 -8.99 -8.21
N PHE D 278 7.38 -8.13 -9.10
CA PHE D 278 8.12 -6.92 -9.46
C PHE D 278 8.03 -5.91 -8.32
N GLN D 279 9.10 -5.14 -8.16
CA GLN D 279 9.13 -4.09 -7.14
C GLN D 279 8.09 -3.01 -7.45
N SER D 280 7.98 -2.61 -8.72
CA SER D 280 6.94 -1.73 -9.23
C SER D 280 6.25 -2.42 -10.40
N PRO D 281 4.94 -2.35 -10.46
CA PRO D 281 4.22 -2.99 -11.57
C PRO D 281 4.47 -2.27 -12.90
N LEU D 282 4.27 -3.02 -13.97
CA LEU D 282 4.31 -2.51 -15.33
C LEU D 282 2.91 -2.58 -15.93
N PHE D 283 2.52 -1.54 -16.63
CA PHE D 283 1.23 -1.54 -17.30
C PHE D 283 1.41 -1.98 -18.74
N ALA D 284 0.38 -2.62 -19.30
CA ALA D 284 0.41 -2.92 -20.72
C ALA D 284 -1.01 -3.10 -21.25
N LYS D 285 -1.19 -2.79 -22.52
CA LYS D 285 -2.44 -3.02 -23.22
C LYS D 285 -2.42 -4.40 -23.86
N ALA D 286 -3.58 -5.05 -23.88
CA ALA D 286 -3.76 -6.26 -24.67
C ALA D 286 -3.24 -6.04 -26.08
N GLY D 287 -2.38 -6.94 -26.55
CA GLY D 287 -1.71 -6.77 -27.82
C GLY D 287 -0.30 -6.22 -27.71
N ASP D 288 0.08 -5.71 -26.55
CA ASP D 288 1.48 -5.36 -26.35
C ASP D 288 2.28 -6.64 -26.12
N THR D 289 3.59 -6.53 -26.30
CA THR D 289 4.50 -7.63 -26.03
C THR D 289 5.35 -7.28 -24.83
N LEU D 290 5.45 -8.23 -23.89
CA LEU D 290 6.27 -8.12 -22.70
C LEU D 290 7.39 -9.14 -22.83
N SER D 291 8.59 -8.63 -23.02
CA SER D 291 9.73 -9.46 -23.33
C SER D 291 10.82 -9.25 -22.30
N GLY D 292 11.69 -10.24 -22.16
CA GLY D 292 12.79 -10.14 -21.22
C GLY D 292 13.43 -11.49 -20.99
N THR D 293 14.14 -11.57 -19.88
CA THR D 293 14.91 -12.77 -19.56
C THR D 293 14.76 -13.09 -18.08
N CYS D 294 14.63 -14.38 -17.79
CA CYS D 294 14.72 -14.88 -16.42
C CYS D 294 16.00 -15.70 -16.31
N LEU D 295 16.94 -15.22 -15.49
CA LEU D 295 18.28 -15.78 -15.41
C LEU D 295 18.49 -16.48 -14.06
N LEU D 296 18.96 -17.73 -14.10
CA LEU D 296 19.15 -18.56 -12.92
C LEU D 296 20.63 -18.89 -12.74
N ILE D 297 21.17 -18.48 -11.59
CA ILE D 297 22.55 -18.78 -11.21
C ILE D 297 22.50 -19.64 -9.96
N ALA D 298 23.15 -20.80 -10.01
CA ALA D 298 23.18 -21.69 -8.86
C ALA D 298 24.08 -21.12 -7.76
N ASN D 299 23.57 -21.08 -6.53
CA ASN D 299 24.30 -20.59 -5.38
C ASN D 299 24.81 -21.75 -4.51
N LYS D 300 25.55 -21.40 -3.47
CA LYS D 300 26.16 -22.40 -2.61
C LYS D 300 25.24 -22.86 -1.49
N ARG D 301 24.05 -22.27 -1.37
CA ARG D 301 23.02 -22.71 -0.44
C ARG D 301 22.08 -23.76 -1.06
N GLN D 302 22.57 -24.59 -1.98
CA GLN D 302 21.77 -25.62 -2.66
C GLN D 302 20.59 -25.02 -3.41
N SER D 303 20.72 -23.78 -3.88
CA SER D 303 19.61 -23.13 -4.56
C SER D 303 20.07 -22.27 -5.74
N TYR D 304 19.31 -21.23 -6.04
CA TYR D 304 19.57 -20.39 -7.21
C TYR D 304 19.33 -18.93 -6.86
N ASP D 305 20.22 -18.07 -7.33
CA ASP D 305 19.90 -16.66 -7.43
C ASP D 305 19.10 -16.46 -8.72
N ILE D 306 17.92 -15.84 -8.59
CA ILE D 306 16.99 -15.63 -9.69
C ILE D 306 17.13 -14.18 -10.16
N SER D 307 17.07 -13.98 -11.47
CA SER D 307 17.20 -12.67 -12.07
C SER D 307 16.09 -12.51 -13.09
N ILE D 308 15.25 -11.48 -12.93
CA ILE D 308 14.13 -11.27 -13.85
C ILE D 308 14.16 -9.83 -14.34
N VAL D 309 14.27 -9.65 -15.65
CA VAL D 309 14.11 -8.36 -16.30
C VAL D 309 12.99 -8.49 -17.31
N ALA D 310 11.99 -7.62 -17.19
CA ALA D 310 10.89 -7.55 -18.15
C ALA D 310 10.73 -6.11 -18.64
N GLN D 311 10.14 -5.97 -19.82
CA GLN D 311 9.86 -4.65 -20.37
C GLN D 311 8.72 -4.74 -21.37
N VAL D 312 7.83 -3.77 -21.34
CA VAL D 312 6.83 -3.61 -22.40
C VAL D 312 7.53 -3.01 -23.62
N ASP D 313 7.48 -3.72 -24.73
CA ASP D 313 8.27 -3.29 -25.90
C ASP D 313 7.69 -2.01 -26.51
N GLN D 314 6.36 -1.90 -26.53
CA GLN D 314 5.72 -0.76 -27.17
C GLN D 314 6.07 0.55 -26.46
N THR D 315 6.44 0.46 -25.18
CA THR D 315 6.51 1.63 -24.36
C THR D 315 7.86 1.81 -23.66
N GLY D 316 8.70 0.77 -23.63
CA GLY D 316 9.97 0.87 -22.92
C GLY D 316 9.88 0.86 -21.40
N SER D 317 8.75 0.45 -20.84
CA SER D 317 8.61 0.35 -19.38
C SER D 317 9.30 -0.91 -18.89
N LYS D 318 10.37 -0.73 -18.11
CA LYS D 318 11.22 -1.82 -17.63
C LYS D 318 11.04 -2.02 -16.12
N SER D 319 10.95 -3.27 -15.70
CA SER D 319 10.99 -3.60 -14.29
C SER D 319 11.84 -4.84 -14.09
N SER D 320 12.57 -4.86 -12.99
CA SER D 320 13.58 -5.88 -12.71
C SER D 320 13.21 -6.65 -11.44
N ASN D 321 14.17 -7.46 -10.99
CA ASN D 321 14.14 -8.16 -9.71
C ASN D 321 15.28 -9.16 -9.57
N LEU D 322 15.80 -9.31 -8.36
CA LEU D 322 16.60 -10.46 -7.97
C LEU D 322 15.84 -11.24 -6.90
N LEU D 323 15.79 -12.56 -7.04
CA LEU D 323 15.04 -13.41 -6.13
C LEU D 323 16.00 -14.35 -5.40
N ASP D 324 15.70 -14.60 -4.13
CA ASP D 324 16.41 -15.59 -3.31
C ASP D 324 15.54 -16.83 -3.27
N LEU D 325 15.71 -17.70 -4.28
CA LEU D 325 14.99 -18.97 -4.29
C LEU D 325 15.26 -19.77 -3.03
N LYS D 326 16.40 -19.52 -2.36
CA LYS D 326 16.71 -20.23 -1.13
C LYS D 326 15.61 -20.05 -0.08
N ASN D 327 15.23 -18.80 0.21
CA ASN D 327 14.36 -18.50 1.35
C ASN D 327 13.02 -17.89 0.91
N PRO D 328 12.02 -18.72 0.63
CA PRO D 328 10.77 -18.22 0.05
C PRO D 328 9.70 -17.89 1.08
N PHE D 329 8.67 -17.19 0.61
CA PHE D 329 7.51 -16.81 1.41
C PHE D 329 6.39 -17.81 1.14
N PHE D 330 5.99 -18.55 2.18
CA PHE D 330 4.99 -19.62 2.06
C PHE D 330 3.63 -19.04 2.47
N ARG D 331 2.91 -18.51 1.48
CA ARG D 331 1.64 -17.84 1.71
C ARG D 331 0.48 -18.82 1.56
C2 XJ2 E . -3.61 19.98 -20.52
C3 XJ2 E . -2.21 19.38 -20.61
C5 XJ2 E . 0.06 19.80 -20.22
C6 XJ2 E . -4.68 18.90 -20.15
C8 XJ2 E . -6.01 19.89 -18.63
C9 XJ2 E . -6.18 18.83 -17.49
C10 XJ2 E . -5.10 18.61 -16.57
C11 XJ2 E . -5.22 17.66 -15.49
C12 XJ2 E . -6.41 16.91 -15.36
C13 XJ2 E . -7.48 17.13 -16.26
C14 XJ2 E . -7.37 18.09 -17.36
C15 XJ2 E . -8.60 18.27 -18.32
C16 XJ2 E . -8.29 18.94 -19.67
C17 XJ2 E . -6.92 18.55 -20.26
N4 XJ2 E . -1.14 20.38 -20.67
N7 XJ2 E . -5.90 19.41 -19.92
O01 XJ2 E . -3.88 20.52 -21.76
#